data_3C97
# 
_entry.id   3C97 
# 
_audit_conform.dict_name       mmcif_pdbx.dic 
_audit_conform.dict_version    5.387 
_audit_conform.dict_location   http://mmcif.pdb.org/dictionaries/ascii/mmcif_pdbx.dic 
# 
loop_
_database_2.database_id 
_database_2.database_code 
_database_2.pdbx_database_accession 
_database_2.pdbx_DOI 
PDB   3C97         pdb_00003c97 10.2210/pdb3c97/pdb 
RCSB  RCSB046499   ?            ?                   
WWPDB D_1000046499 ?            ?                   
# 
loop_
_pdbx_audit_revision_history.ordinal 
_pdbx_audit_revision_history.data_content_type 
_pdbx_audit_revision_history.major_revision 
_pdbx_audit_revision_history.minor_revision 
_pdbx_audit_revision_history.revision_date 
1 'Structure model' 1 0 2008-03-11 
2 'Structure model' 1 1 2011-07-13 
3 'Structure model' 1 2 2017-10-25 
4 'Structure model' 1 3 2018-11-14 
5 'Structure model' 1 4 2021-02-03 
6 'Structure model' 1 5 2024-02-21 
# 
_pdbx_audit_revision_details.ordinal             1 
_pdbx_audit_revision_details.revision_ordinal    1 
_pdbx_audit_revision_details.data_content_type   'Structure model' 
_pdbx_audit_revision_details.provider            repository 
_pdbx_audit_revision_details.type                'Initial release' 
_pdbx_audit_revision_details.description         ? 
_pdbx_audit_revision_details.details             ? 
# 
loop_
_pdbx_audit_revision_group.ordinal 
_pdbx_audit_revision_group.revision_ordinal 
_pdbx_audit_revision_group.data_content_type 
_pdbx_audit_revision_group.group 
1 2 'Structure model' 'Version format compliance' 
2 3 'Structure model' 'Refinement description'    
3 4 'Structure model' 'Data collection'           
4 4 'Structure model' 'Structure summary'         
5 5 'Structure model' 'Database references'       
6 5 'Structure model' 'Structure summary'         
7 6 'Structure model' 'Data collection'           
8 6 'Structure model' 'Database references'       
# 
loop_
_pdbx_audit_revision_category.ordinal 
_pdbx_audit_revision_category.revision_ordinal 
_pdbx_audit_revision_category.data_content_type 
_pdbx_audit_revision_category.category 
1 3 'Structure model' software           
2 4 'Structure model' audit_author       
3 5 'Structure model' audit_author       
4 5 'Structure model' citation_author    
5 5 'Structure model' struct_ref_seq_dif 
6 6 'Structure model' chem_comp_atom     
7 6 'Structure model' chem_comp_bond     
8 6 'Structure model' database_2         
# 
loop_
_pdbx_audit_revision_item.ordinal 
_pdbx_audit_revision_item.revision_ordinal 
_pdbx_audit_revision_item.data_content_type 
_pdbx_audit_revision_item.item 
1 4 'Structure model' '_audit_author.identifier_ORCID'      
2 5 'Structure model' '_audit_author.identifier_ORCID'      
3 5 'Structure model' '_citation_author.identifier_ORCID'   
4 5 'Structure model' '_struct_ref_seq_dif.details'         
5 6 'Structure model' '_database_2.pdbx_DOI'                
6 6 'Structure model' '_database_2.pdbx_database_accession' 
# 
_pdbx_database_status.entry_id                        3C97 
_pdbx_database_status.deposit_site                    RCSB 
_pdbx_database_status.process_site                    RCSB 
_pdbx_database_status.recvd_initial_deposition_date   2008-02-15 
_pdbx_database_status.status_code                     REL 
_pdbx_database_status.status_code_sf                  REL 
_pdbx_database_status.status_code_mr                  ? 
_pdbx_database_status.SG_entry                        Y 
_pdbx_database_status.pdb_format_compatible           Y 
_pdbx_database_status.status_code_cs                  ? 
_pdbx_database_status.methods_development_category    ? 
_pdbx_database_status.status_code_nmr_data            ? 
# 
_pdbx_database_related.db_name        TargetDB 
_pdbx_database_related.db_id          NYSGXRC-11018t 
_pdbx_database_related.details        . 
_pdbx_database_related.content_type   unspecified 
# 
loop_
_audit_author.name 
_audit_author.pdbx_ordinal 
_audit_author.identifier_ORCID 
'Bonanno, J.B.'                                                  1  ?                   
'Freeman, J.'                                                    2  ?                   
'Bain, K.T.'                                                     3  ?                   
'Chang, S.'                                                      4  ?                   
'Romero, R.'                                                     5  ?                   
'Smith, D.'                                                      6  ?                   
'Wasserman, S.'                                                  7  ?                   
'Sauder, J.M.'                                                   8  0000-0002-0254-4955 
'Burley, S.K.'                                                   9  0000-0002-2487-9713 
'Almo, S.C.'                                                     10 ?                   
'New York SGX Research Center for Structural Genomics (NYSGXRC)' 11 ?                   
# 
_citation.id                        primary 
_citation.title                     
'Crystal structure of the response regulator receiver domain of a signal transduction histidine kinase from Aspergillus oryzae.' 
_citation.journal_abbrev            'To be Published' 
_citation.journal_volume            ? 
_citation.page_first                ? 
_citation.page_last                 ? 
_citation.year                      ? 
_citation.journal_id_ASTM           ? 
_citation.country                   ? 
_citation.journal_id_ISSN           ? 
_citation.journal_id_CSD            0353 
_citation.book_publisher            ? 
_citation.pdbx_database_id_PubMed   ? 
_citation.pdbx_database_id_DOI      ? 
# 
loop_
_citation_author.citation_id 
_citation_author.name 
_citation_author.ordinal 
_citation_author.identifier_ORCID 
primary 'Bonanno, J.B.' 1  ?                   
primary 'Freeman, J.'   2  ?                   
primary 'Bain, K.T.'    3  ?                   
primary 'Chang, S.'     4  ?                   
primary 'Romero, R.'    5  ?                   
primary 'Smith, D.'     6  ?                   
primary 'Wasserman, S.' 7  ?                   
primary 'Sauder, J.M.'  8  ?                   
primary 'Burley, S.K.'  9  0000-0002-2487-9713 
primary 'Almo, S.C.'    10 ?                   
# 
loop_
_entity.id 
_entity.type 
_entity.src_method 
_entity.pdbx_description 
_entity.formula_weight 
_entity.pdbx_number_of_molecules 
_entity.pdbx_ec 
_entity.pdbx_mutation 
_entity.pdbx_fragment 
_entity.details 
1 polymer man 'Signal transduction histidine kinase' 15670.634 1  ? ? 'Response regulator receiver domain: Residues 546-674' ? 
2 water   nat water                                  18.015    20 ? ? ?                                                      ? 
# 
_entity_poly.entity_id                      1 
_entity_poly.type                           'polypeptide(L)' 
_entity_poly.nstd_linkage                   no 
_entity_poly.nstd_monomer                   no 
_entity_poly.pdbx_seq_one_letter_code       
;MSLEPSQIMPLSVLIAEDNDICRLVAAKALEKCTNDITVVTNGLQALQAYQNRQFDVIIMDIQMPVMDGLEAVSEIRNYE
RTHNTKRASIIAITADTIDDDRPGAELDEYVSKPLNPNQLRDVVLTCHSEGAEGHHHHHH
;
_entity_poly.pdbx_seq_one_letter_code_can   
;MSLEPSQIMPLSVLIAEDNDICRLVAAKALEKCTNDITVVTNGLQALQAYQNRQFDVIIMDIQMPVMDGLEAVSEIRNYE
RTHNTKRASIIAITADTIDDDRPGAELDEYVSKPLNPNQLRDVVLTCHSEGAEGHHHHHH
;
_entity_poly.pdbx_strand_id                 A 
_entity_poly.pdbx_target_identifier         NYSGXRC-11018t 
# 
_pdbx_entity_nonpoly.entity_id   2 
_pdbx_entity_nonpoly.name        water 
_pdbx_entity_nonpoly.comp_id     HOH 
# 
loop_
_entity_poly_seq.entity_id 
_entity_poly_seq.num 
_entity_poly_seq.mon_id 
_entity_poly_seq.hetero 
1 1   MET n 
1 2   SER n 
1 3   LEU n 
1 4   GLU n 
1 5   PRO n 
1 6   SER n 
1 7   GLN n 
1 8   ILE n 
1 9   MET n 
1 10  PRO n 
1 11  LEU n 
1 12  SER n 
1 13  VAL n 
1 14  LEU n 
1 15  ILE n 
1 16  ALA n 
1 17  GLU n 
1 18  ASP n 
1 19  ASN n 
1 20  ASP n 
1 21  ILE n 
1 22  CYS n 
1 23  ARG n 
1 24  LEU n 
1 25  VAL n 
1 26  ALA n 
1 27  ALA n 
1 28  LYS n 
1 29  ALA n 
1 30  LEU n 
1 31  GLU n 
1 32  LYS n 
1 33  CYS n 
1 34  THR n 
1 35  ASN n 
1 36  ASP n 
1 37  ILE n 
1 38  THR n 
1 39  VAL n 
1 40  VAL n 
1 41  THR n 
1 42  ASN n 
1 43  GLY n 
1 44  LEU n 
1 45  GLN n 
1 46  ALA n 
1 47  LEU n 
1 48  GLN n 
1 49  ALA n 
1 50  TYR n 
1 51  GLN n 
1 52  ASN n 
1 53  ARG n 
1 54  GLN n 
1 55  PHE n 
1 56  ASP n 
1 57  VAL n 
1 58  ILE n 
1 59  ILE n 
1 60  MET n 
1 61  ASP n 
1 62  ILE n 
1 63  GLN n 
1 64  MET n 
1 65  PRO n 
1 66  VAL n 
1 67  MET n 
1 68  ASP n 
1 69  GLY n 
1 70  LEU n 
1 71  GLU n 
1 72  ALA n 
1 73  VAL n 
1 74  SER n 
1 75  GLU n 
1 76  ILE n 
1 77  ARG n 
1 78  ASN n 
1 79  TYR n 
1 80  GLU n 
1 81  ARG n 
1 82  THR n 
1 83  HIS n 
1 84  ASN n 
1 85  THR n 
1 86  LYS n 
1 87  ARG n 
1 88  ALA n 
1 89  SER n 
1 90  ILE n 
1 91  ILE n 
1 92  ALA n 
1 93  ILE n 
1 94  THR n 
1 95  ALA n 
1 96  ASP n 
1 97  THR n 
1 98  ILE n 
1 99  ASP n 
1 100 ASP n 
1 101 ASP n 
1 102 ARG n 
1 103 PRO n 
1 104 GLY n 
1 105 ALA n 
1 106 GLU n 
1 107 LEU n 
1 108 ASP n 
1 109 GLU n 
1 110 TYR n 
1 111 VAL n 
1 112 SER n 
1 113 LYS n 
1 114 PRO n 
1 115 LEU n 
1 116 ASN n 
1 117 PRO n 
1 118 ASN n 
1 119 GLN n 
1 120 LEU n 
1 121 ARG n 
1 122 ASP n 
1 123 VAL n 
1 124 VAL n 
1 125 LEU n 
1 126 THR n 
1 127 CYS n 
1 128 HIS n 
1 129 SER n 
1 130 GLU n 
1 131 GLY n 
1 132 ALA n 
1 133 GLU n 
1 134 GLY n 
1 135 HIS n 
1 136 HIS n 
1 137 HIS n 
1 138 HIS n 
1 139 HIS n 
1 140 HIS n 
# 
_entity_src_gen.entity_id                          1 
_entity_src_gen.pdbx_src_id                        1 
_entity_src_gen.pdbx_alt_source_flag               sample 
_entity_src_gen.pdbx_seq_type                      ? 
_entity_src_gen.pdbx_beg_seq_num                   ? 
_entity_src_gen.pdbx_end_seq_num                   ? 
_entity_src_gen.gene_src_common_name               ? 
_entity_src_gen.gene_src_genus                     Aspergillus 
_entity_src_gen.pdbx_gene_src_gene                 AO090701000184 
_entity_src_gen.gene_src_species                   'Aspergillus oryzae' 
_entity_src_gen.gene_src_strain                    'RIB 40' 
_entity_src_gen.gene_src_tissue                    ? 
_entity_src_gen.gene_src_tissue_fraction           ? 
_entity_src_gen.gene_src_details                   ? 
_entity_src_gen.pdbx_gene_src_fragment             ? 
_entity_src_gen.pdbx_gene_src_scientific_name      'Aspergillus oryzae RIB40' 
_entity_src_gen.pdbx_gene_src_ncbi_taxonomy_id     510516 
_entity_src_gen.pdbx_gene_src_variant              ? 
_entity_src_gen.pdbx_gene_src_cell_line            ? 
_entity_src_gen.pdbx_gene_src_atcc                 42149 
_entity_src_gen.pdbx_gene_src_organ                ? 
_entity_src_gen.pdbx_gene_src_organelle            ? 
_entity_src_gen.pdbx_gene_src_cell                 ? 
_entity_src_gen.pdbx_gene_src_cellular_location    ? 
_entity_src_gen.host_org_common_name               ? 
_entity_src_gen.pdbx_host_org_scientific_name      'Escherichia coli BL21(DE3)' 
_entity_src_gen.pdbx_host_org_ncbi_taxonomy_id     469008 
_entity_src_gen.host_org_genus                     Escherichia 
_entity_src_gen.pdbx_host_org_gene                 ? 
_entity_src_gen.pdbx_host_org_organ                ? 
_entity_src_gen.host_org_species                   'Escherichia coli' 
_entity_src_gen.pdbx_host_org_tissue               ? 
_entity_src_gen.pdbx_host_org_tissue_fraction      ? 
_entity_src_gen.pdbx_host_org_strain               'BL21(DE3)' 
_entity_src_gen.pdbx_host_org_variant              ? 
_entity_src_gen.pdbx_host_org_cell_line            ? 
_entity_src_gen.pdbx_host_org_atcc                 ? 
_entity_src_gen.pdbx_host_org_culture_collection   ? 
_entity_src_gen.pdbx_host_org_cell                 ? 
_entity_src_gen.pdbx_host_org_organelle            ? 
_entity_src_gen.pdbx_host_org_cellular_location    ? 
_entity_src_gen.pdbx_host_org_vector_type          Plasmid 
_entity_src_gen.pdbx_host_org_vector               pET 
_entity_src_gen.host_org_details                   ? 
_entity_src_gen.expression_system_id               ? 
_entity_src_gen.plasmid_name                       'modified pET26' 
_entity_src_gen.plasmid_details                    ? 
_entity_src_gen.pdbx_description                   ? 
# 
loop_
_chem_comp.id 
_chem_comp.type 
_chem_comp.mon_nstd_flag 
_chem_comp.name 
_chem_comp.pdbx_synonyms 
_chem_comp.formula 
_chem_comp.formula_weight 
ALA 'L-peptide linking' y ALANINE         ? 'C3 H7 N O2'     89.093  
ARG 'L-peptide linking' y ARGININE        ? 'C6 H15 N4 O2 1' 175.209 
ASN 'L-peptide linking' y ASPARAGINE      ? 'C4 H8 N2 O3'    132.118 
ASP 'L-peptide linking' y 'ASPARTIC ACID' ? 'C4 H7 N O4'     133.103 
CYS 'L-peptide linking' y CYSTEINE        ? 'C3 H7 N O2 S'   121.158 
GLN 'L-peptide linking' y GLUTAMINE       ? 'C5 H10 N2 O3'   146.144 
GLU 'L-peptide linking' y 'GLUTAMIC ACID' ? 'C5 H9 N O4'     147.129 
GLY 'peptide linking'   y GLYCINE         ? 'C2 H5 N O2'     75.067  
HIS 'L-peptide linking' y HISTIDINE       ? 'C6 H10 N3 O2 1' 156.162 
HOH non-polymer         . WATER           ? 'H2 O'           18.015  
ILE 'L-peptide linking' y ISOLEUCINE      ? 'C6 H13 N O2'    131.173 
LEU 'L-peptide linking' y LEUCINE         ? 'C6 H13 N O2'    131.173 
LYS 'L-peptide linking' y LYSINE          ? 'C6 H15 N2 O2 1' 147.195 
MET 'L-peptide linking' y METHIONINE      ? 'C5 H11 N O2 S'  149.211 
PHE 'L-peptide linking' y PHENYLALANINE   ? 'C9 H11 N O2'    165.189 
PRO 'L-peptide linking' y PROLINE         ? 'C5 H9 N O2'     115.130 
SER 'L-peptide linking' y SERINE          ? 'C3 H7 N O3'     105.093 
THR 'L-peptide linking' y THREONINE       ? 'C4 H9 N O3'     119.119 
TYR 'L-peptide linking' y TYROSINE        ? 'C9 H11 N O3'    181.189 
VAL 'L-peptide linking' y VALINE          ? 'C5 H11 N O2'    117.146 
# 
loop_
_pdbx_poly_seq_scheme.asym_id 
_pdbx_poly_seq_scheme.entity_id 
_pdbx_poly_seq_scheme.seq_id 
_pdbx_poly_seq_scheme.mon_id 
_pdbx_poly_seq_scheme.ndb_seq_num 
_pdbx_poly_seq_scheme.pdb_seq_num 
_pdbx_poly_seq_scheme.auth_seq_num 
_pdbx_poly_seq_scheme.pdb_mon_id 
_pdbx_poly_seq_scheme.auth_mon_id 
_pdbx_poly_seq_scheme.pdb_strand_id 
_pdbx_poly_seq_scheme.pdb_ins_code 
_pdbx_poly_seq_scheme.hetero 
A 1 1   MET 1   543 ?   ?   ?   A . n 
A 1 2   SER 2   544 ?   ?   ?   A . n 
A 1 3   LEU 3   545 ?   ?   ?   A . n 
A 1 4   GLU 4   546 ?   ?   ?   A . n 
A 1 5   PRO 5   547 ?   ?   ?   A . n 
A 1 6   SER 6   548 ?   ?   ?   A . n 
A 1 7   GLN 7   549 ?   ?   ?   A . n 
A 1 8   ILE 8   550 ?   ?   ?   A . n 
A 1 9   MET 9   551 ?   ?   ?   A . n 
A 1 10  PRO 10  552 552 PRO PRO A . n 
A 1 11  LEU 11  553 553 LEU LEU A . n 
A 1 12  SER 12  554 554 SER SER A . n 
A 1 13  VAL 13  555 555 VAL VAL A . n 
A 1 14  LEU 14  556 556 LEU LEU A . n 
A 1 15  ILE 15  557 557 ILE ILE A . n 
A 1 16  ALA 16  558 558 ALA ALA A . n 
A 1 17  GLU 17  559 559 GLU GLU A . n 
A 1 18  ASP 18  560 560 ASP ASP A . n 
A 1 19  ASN 19  561 561 ASN ASN A . n 
A 1 20  ASP 20  562 562 ASP ASP A . n 
A 1 21  ILE 21  563 563 ILE ILE A . n 
A 1 22  CYS 22  564 564 CYS CYS A . n 
A 1 23  ARG 23  565 565 ARG ARG A . n 
A 1 24  LEU 24  566 566 LEU LEU A . n 
A 1 25  VAL 25  567 567 VAL VAL A . n 
A 1 26  ALA 26  568 568 ALA ALA A . n 
A 1 27  ALA 27  569 569 ALA ALA A . n 
A 1 28  LYS 28  570 570 LYS LYS A . n 
A 1 29  ALA 29  571 571 ALA ALA A . n 
A 1 30  LEU 30  572 572 LEU LEU A . n 
A 1 31  GLU 31  573 573 GLU GLU A . n 
A 1 32  LYS 32  574 574 LYS LYS A . n 
A 1 33  CYS 33  575 575 CYS CYS A . n 
A 1 34  THR 34  576 576 THR THR A . n 
A 1 35  ASN 35  577 577 ASN ASN A . n 
A 1 36  ASP 36  578 578 ASP ASP A . n 
A 1 37  ILE 37  579 579 ILE ILE A . n 
A 1 38  THR 38  580 580 THR THR A . n 
A 1 39  VAL 39  581 581 VAL VAL A . n 
A 1 40  VAL 40  582 582 VAL VAL A . n 
A 1 41  THR 41  583 583 THR THR A . n 
A 1 42  ASN 42  584 584 ASN ASN A . n 
A 1 43  GLY 43  585 585 GLY GLY A . n 
A 1 44  LEU 44  586 586 LEU LEU A . n 
A 1 45  GLN 45  587 587 GLN GLN A . n 
A 1 46  ALA 46  588 588 ALA ALA A . n 
A 1 47  LEU 47  589 589 LEU LEU A . n 
A 1 48  GLN 48  590 590 GLN GLN A . n 
A 1 49  ALA 49  591 591 ALA ALA A . n 
A 1 50  TYR 50  592 592 TYR TYR A . n 
A 1 51  GLN 51  593 593 GLN GLN A . n 
A 1 52  ASN 52  594 594 ASN ASN A . n 
A 1 53  ARG 53  595 595 ARG ARG A . n 
A 1 54  GLN 54  596 596 GLN GLN A . n 
A 1 55  PHE 55  597 597 PHE PHE A . n 
A 1 56  ASP 56  598 598 ASP ASP A . n 
A 1 57  VAL 57  599 599 VAL VAL A . n 
A 1 58  ILE 58  600 600 ILE ILE A . n 
A 1 59  ILE 59  601 601 ILE ILE A . n 
A 1 60  MET 60  602 602 MET MET A . n 
A 1 61  ASP 61  603 603 ASP ASP A . n 
A 1 62  ILE 62  604 604 ILE ILE A . n 
A 1 63  GLN 63  605 605 GLN GLN A . n 
A 1 64  MET 64  606 606 MET MET A . n 
A 1 65  PRO 65  607 607 PRO PRO A . n 
A 1 66  VAL 66  608 608 VAL VAL A . n 
A 1 67  MET 67  609 609 MET MET A . n 
A 1 68  ASP 68  610 610 ASP ASP A . n 
A 1 69  GLY 69  611 611 GLY GLY A . n 
A 1 70  LEU 70  612 612 LEU LEU A . n 
A 1 71  GLU 71  613 613 GLU GLU A . n 
A 1 72  ALA 72  614 614 ALA ALA A . n 
A 1 73  VAL 73  615 615 VAL VAL A . n 
A 1 74  SER 74  616 616 SER SER A . n 
A 1 75  GLU 75  617 617 GLU GLU A . n 
A 1 76  ILE 76  618 618 ILE ILE A . n 
A 1 77  ARG 77  619 619 ARG ARG A . n 
A 1 78  ASN 78  620 620 ASN ASN A . n 
A 1 79  TYR 79  621 621 TYR TYR A . n 
A 1 80  GLU 80  622 622 GLU GLU A . n 
A 1 81  ARG 81  623 623 ARG ARG A . n 
A 1 82  THR 82  624 624 THR THR A . n 
A 1 83  HIS 83  625 625 HIS HIS A . n 
A 1 84  ASN 84  626 626 ASN ASN A . n 
A 1 85  THR 85  627 627 THR THR A . n 
A 1 86  LYS 86  628 628 LYS LYS A . n 
A 1 87  ARG 87  629 629 ARG ARG A . n 
A 1 88  ALA 88  630 630 ALA ALA A . n 
A 1 89  SER 89  631 631 SER SER A . n 
A 1 90  ILE 90  632 632 ILE ILE A . n 
A 1 91  ILE 91  633 633 ILE ILE A . n 
A 1 92  ALA 92  634 634 ALA ALA A . n 
A 1 93  ILE 93  635 635 ILE ILE A . n 
A 1 94  THR 94  636 636 THR THR A . n 
A 1 95  ALA 95  637 637 ALA ALA A . n 
A 1 96  ASP 96  638 638 ASP ASP A . n 
A 1 97  THR 97  639 639 THR THR A . n 
A 1 98  ILE 98  640 640 ILE ILE A . n 
A 1 99  ASP 99  641 641 ASP ASP A . n 
A 1 100 ASP 100 642 642 ASP ASP A . n 
A 1 101 ASP 101 643 643 ASP ASP A . n 
A 1 102 ARG 102 644 644 ARG ARG A . n 
A 1 103 PRO 103 645 645 PRO PRO A . n 
A 1 104 GLY 104 646 646 GLY GLY A . n 
A 1 105 ALA 105 647 647 ALA ALA A . n 
A 1 106 GLU 106 648 648 GLU GLU A . n 
A 1 107 LEU 107 649 649 LEU LEU A . n 
A 1 108 ASP 108 650 650 ASP ASP A . n 
A 1 109 GLU 109 651 651 GLU GLU A . n 
A 1 110 TYR 110 652 652 TYR TYR A . n 
A 1 111 VAL 111 653 653 VAL VAL A . n 
A 1 112 SER 112 654 654 SER SER A . n 
A 1 113 LYS 113 655 655 LYS LYS A . n 
A 1 114 PRO 114 656 656 PRO PRO A . n 
A 1 115 LEU 115 657 657 LEU LEU A . n 
A 1 116 ASN 116 658 658 ASN ASN A . n 
A 1 117 PRO 117 659 659 PRO PRO A . n 
A 1 118 ASN 118 660 660 ASN ASN A . n 
A 1 119 GLN 119 661 661 GLN GLN A . n 
A 1 120 LEU 120 662 662 LEU LEU A . n 
A 1 121 ARG 121 663 663 ARG ARG A . n 
A 1 122 ASP 122 664 664 ASP ASP A . n 
A 1 123 VAL 123 665 665 VAL VAL A . n 
A 1 124 VAL 124 666 666 VAL VAL A . n 
A 1 125 LEU 125 667 667 LEU LEU A . n 
A 1 126 THR 126 668 668 THR THR A . n 
A 1 127 CYS 127 669 669 CYS CYS A . n 
A 1 128 HIS 128 670 670 HIS HIS A . n 
A 1 129 SER 129 671 671 SER SER A . n 
A 1 130 GLU 130 672 ?   ?   ?   A . n 
A 1 131 GLY 131 673 ?   ?   ?   A . n 
A 1 132 ALA 132 674 ?   ?   ?   A . n 
A 1 133 GLU 133 675 ?   ?   ?   A . n 
A 1 134 GLY 134 676 ?   ?   ?   A . n 
A 1 135 HIS 135 677 ?   ?   ?   A . n 
A 1 136 HIS 136 678 ?   ?   ?   A . n 
A 1 137 HIS 137 679 ?   ?   ?   A . n 
A 1 138 HIS 138 680 ?   ?   ?   A . n 
A 1 139 HIS 139 681 ?   ?   ?   A . n 
A 1 140 HIS 140 682 ?   ?   ?   A . n 
# 
loop_
_pdbx_nonpoly_scheme.asym_id 
_pdbx_nonpoly_scheme.entity_id 
_pdbx_nonpoly_scheme.mon_id 
_pdbx_nonpoly_scheme.ndb_seq_num 
_pdbx_nonpoly_scheme.pdb_seq_num 
_pdbx_nonpoly_scheme.auth_seq_num 
_pdbx_nonpoly_scheme.pdb_mon_id 
_pdbx_nonpoly_scheme.auth_mon_id 
_pdbx_nonpoly_scheme.pdb_strand_id 
_pdbx_nonpoly_scheme.pdb_ins_code 
B 2 HOH 1  1  1  HOH HOH A . 
B 2 HOH 2  2  2  HOH HOH A . 
B 2 HOH 3  3  3  HOH HOH A . 
B 2 HOH 4  4  4  HOH HOH A . 
B 2 HOH 5  5  5  HOH HOH A . 
B 2 HOH 6  6  6  HOH HOH A . 
B 2 HOH 7  7  7  HOH HOH A . 
B 2 HOH 8  8  8  HOH HOH A . 
B 2 HOH 9  9  9  HOH HOH A . 
B 2 HOH 10 10 10 HOH HOH A . 
B 2 HOH 11 11 11 HOH HOH A . 
B 2 HOH 12 12 12 HOH HOH A . 
B 2 HOH 13 13 13 HOH HOH A . 
B 2 HOH 14 14 14 HOH HOH A . 
B 2 HOH 15 15 15 HOH HOH A . 
B 2 HOH 16 16 16 HOH HOH A . 
B 2 HOH 17 17 17 HOH HOH A . 
B 2 HOH 18 18 18 HOH HOH A . 
B 2 HOH 19 19 19 HOH HOH A . 
B 2 HOH 20 20 20 HOH HOH A . 
# 
loop_
_software.name 
_software.version 
_software.date 
_software.type 
_software.contact_author 
_software.contact_author_email 
_software.classification 
_software.location 
_software.language 
_software.citation_id 
_software.pdbx_ordinal 
SCALA       .     ?                    other   'Phil Evans'      pre@mrc-lmb.cam.ac.uk    'data scaling'    
http://www.ccp4.ac.uk/dist/html/INDEX.html Fortran_77 ? 1 
REFMAC      .     ?                    program 'Murshudov, G.N.' ccp4@dl.ac.uk            refinement        
http://www.ccp4.ac.uk/main.html            Fortran_77 ? 2 
PDB_EXTRACT 3.004 'September 10, 2007' package PDB               sw-help@rcsb.rutgers.edu 'data extraction' 
http://pdb.rutgers.edu/software/           C++        ? 3 
MAR345      CCD   ?                    ?       ?                 ?                        'data collection' ? ?          ? 4 
MOSFLM      .     ?                    ?       ?                 ?                        'data reduction'  ? ?          ? 5 
SHELXCD     .     ?                    ?       ?                 ?                        phasing           ? ?          ? 6 
SHELXE      .     ?                    ?       ?                 ?                        'model building'  ? ?          ? 7 
# 
_cell.length_a           48.501 
_cell.length_b           48.501 
_cell.length_c           91.669 
_cell.angle_alpha        90.000 
_cell.angle_beta         90.000 
_cell.angle_gamma        120.000 
_cell.entry_id           3C97 
_cell.pdbx_unique_axis   ? 
_cell.Z_PDB              6 
_cell.length_a_esd       ? 
_cell.length_b_esd       ? 
_cell.length_c_esd       ? 
_cell.angle_alpha_esd    ? 
_cell.angle_beta_esd     ? 
_cell.angle_gamma_esd    ? 
# 
_symmetry.space_group_name_H-M             'P 31 2 1' 
_symmetry.entry_id                         3C97 
_symmetry.Int_Tables_number                152 
_symmetry.pdbx_full_space_group_name_H-M   ? 
_symmetry.cell_setting                     ? 
_symmetry.space_group_name_Hall            ? 
# 
_exptl.crystals_number   1 
_exptl.entry_id          3C97 
_exptl.method            'X-RAY DIFFRACTION' 
# 
_exptl_crystal.id                    1 
_exptl_crystal.density_Matthews      1.99 
_exptl_crystal.density_meas          ? 
_exptl_crystal.density_percent_sol   38.07 
_exptl_crystal.description           ? 
_exptl_crystal.F_000                 ? 
_exptl_crystal.preparation           ? 
# 
_exptl_crystal_grow.crystal_id      1 
_exptl_crystal_grow.method          'VAPOR DIFFUSION' 
_exptl_crystal_grow.pH              6.5 
_exptl_crystal_grow.temp            294 
_exptl_crystal_grow.pdbx_details    '100mM MES pH 6.5, 25% PEG 1000, VAPOR DIFFUSION, temperature 294K' 
_exptl_crystal_grow.temp_details    ? 
_exptl_crystal_grow.pdbx_pH_range   . 
# 
_diffrn.id                     1 
_diffrn.ambient_temp           100 
_diffrn.ambient_temp_details   ? 
_diffrn.crystal_id             1 
# 
_diffrn_detector.diffrn_id              1 
_diffrn_detector.detector               CCD 
_diffrn_detector.type                   'MAR CCD 165 mm' 
_diffrn_detector.pdbx_collection_date   2007-02-14 
_diffrn_detector.details                ? 
# 
_diffrn_radiation.diffrn_id                        1 
_diffrn_radiation.pdbx_diffrn_protocol             'SINGLE WAVELENGTH' 
_diffrn_radiation.monochromator                    Diamond 
_diffrn_radiation.wavelength_id                    1 
_diffrn_radiation.pdbx_monochromatic_or_laue_m_l   M 
_diffrn_radiation.pdbx_scattering_type             x-ray 
# 
_diffrn_radiation_wavelength.id           1 
_diffrn_radiation_wavelength.wavelength   0.97958 
_diffrn_radiation_wavelength.wt           1.0 
# 
_diffrn_source.diffrn_id                   1 
_diffrn_source.source                      SYNCHROTRON 
_diffrn_source.type                        'APS BEAMLINE 31-ID' 
_diffrn_source.pdbx_wavelength_list        0.97958 
_diffrn_source.pdbx_wavelength             ? 
_diffrn_source.pdbx_synchrotron_site       APS 
_diffrn_source.pdbx_synchrotron_beamline   31-ID 
# 
_reflns.entry_id                     3C97 
_reflns.d_resolution_high            1.700 
_reflns.d_resolution_low             42.003 
_reflns.number_obs                   14328 
_reflns.pdbx_Rmerge_I_obs            0.106 
_reflns.pdbx_netI_over_sigmaI        10.8 
_reflns.pdbx_Rsym_value              0.106 
_reflns.pdbx_redundancy              7.200 
_reflns.percent_possible_obs         99.900 
_reflns.observed_criterion_sigma_F   0 
_reflns.observed_criterion_sigma_I   0 
_reflns.number_all                   14328 
_reflns.B_iso_Wilson_estimate        24.0 
_reflns.R_free_details               ? 
_reflns.limit_h_max                  ? 
_reflns.limit_h_min                  ? 
_reflns.limit_k_max                  ? 
_reflns.limit_k_min                  ? 
_reflns.limit_l_max                  ? 
_reflns.limit_l_min                  ? 
_reflns.observed_criterion_F_max     ? 
_reflns.observed_criterion_F_min     ? 
_reflns.pdbx_chi_squared             ? 
_reflns.pdbx_scaling_rejects         ? 
_reflns.pdbx_diffrn_id               1 
_reflns.pdbx_ordinal                 1 
# 
_reflns_shell.d_res_high             1.70 
_reflns_shell.d_res_low              1.79 
_reflns_shell.number_measured_obs    ? 
_reflns_shell.number_measured_all    ? 
_reflns_shell.number_unique_obs      ? 
_reflns_shell.Rmerge_I_obs           0.581 
_reflns_shell.meanI_over_sigI_obs    2.1 
_reflns_shell.pdbx_Rsym_value        0.581 
_reflns_shell.pdbx_chi_squared       ? 
_reflns_shell.pdbx_redundancy        7.30 
_reflns_shell.percent_possible_obs   ? 
_reflns_shell.number_unique_all      2065 
_reflns_shell.percent_possible_all   100.00 
_reflns_shell.pdbx_diffrn_id         ? 
_reflns_shell.pdbx_ordinal           1 
# 
_refine.entry_id                                 3C97 
_refine.ls_d_res_high                            1.700 
_refine.ls_d_res_low                             20.000 
_refine.pdbx_ls_sigma_F                          0.00 
_refine.ls_percent_reflns_obs                    99.870 
_refine.ls_number_reflns_obs                     14278 
_refine.pdbx_ls_cross_valid_method               THROUGHOUT 
_refine.pdbx_R_Free_selection_details            RANDOM 
_refine.details                                  'HYDROGENS HAVE BEEN ADDED IN THE RIDING POSITIONS' 
_refine.ls_R_factor_obs                          0.248 
_refine.ls_R_factor_R_work                       0.246 
_refine.ls_R_factor_R_free                       0.271 
_refine.ls_percent_reflns_R_free                 5.000 
_refine.ls_number_reflns_R_free                  718 
_refine.B_iso_mean                               29.036 
_refine.aniso_B[1][1]                            0.230 
_refine.aniso_B[2][2]                            0.230 
_refine.aniso_B[3][3]                            -0.340 
_refine.aniso_B[1][2]                            0.110 
_refine.aniso_B[1][3]                            0.000 
_refine.aniso_B[2][3]                            0.000 
_refine.correlation_coeff_Fo_to_Fc               0.939 
_refine.correlation_coeff_Fo_to_Fc_free          0.940 
_refine.pdbx_overall_ESU_R                       0.135 
_refine.pdbx_overall_ESU_R_Free                  0.126 
_refine.overall_SU_ML                            0.092 
_refine.overall_SU_B                             2.736 
_refine.solvent_model_details                    'BABINET MODEL WITH MASK' 
_refine.pdbx_solvent_vdw_probe_radii             1.200 
_refine.pdbx_solvent_ion_probe_radii             0.800 
_refine.pdbx_solvent_shrinkage_radii             0.800 
_refine.pdbx_method_to_determine_struct          SAD 
_refine.pdbx_stereochemistry_target_values       'MAXIMUM LIKELIHOOD' 
_refine.pdbx_ls_sigma_I                          0 
_refine.ls_number_reflns_all                     14278 
_refine.ls_R_factor_all                          ? 
_refine.ls_redundancy_reflns_obs                 ? 
_refine.pdbx_data_cutoff_high_absF               ? 
_refine.pdbx_data_cutoff_low_absF                ? 
_refine.ls_number_parameters                     ? 
_refine.ls_number_restraints                     ? 
_refine.ls_R_factor_R_free_error                 ? 
_refine.ls_R_factor_R_free_error_details         ? 
_refine.pdbx_starting_model                      ? 
_refine.pdbx_stereochem_target_val_spec_case     ? 
_refine.solvent_model_param_bsol                 ? 
_refine.solvent_model_param_ksol                 ? 
_refine.occupancy_max                            ? 
_refine.occupancy_min                            ? 
_refine.pdbx_isotropic_thermal_model             ? 
_refine.B_iso_min                                ? 
_refine.B_iso_max                                ? 
_refine.overall_SU_R_Cruickshank_DPI             ? 
_refine.overall_SU_R_free                        ? 
_refine.pdbx_data_cutoff_high_rms_absF           ? 
_refine.ls_wR_factor_R_free                      ? 
_refine.ls_wR_factor_R_work                      ? 
_refine.overall_FOM_free_R_set                   ? 
_refine.overall_FOM_work_R_set                   ? 
_refine.pdbx_overall_phase_error                 ? 
_refine.pdbx_refine_id                           'X-RAY DIFFRACTION' 
_refine.pdbx_diffrn_id                           1 
_refine.pdbx_TLS_residual_ADP_flag               ? 
_refine.pdbx_overall_SU_R_free_Cruickshank_DPI   ? 
_refine.pdbx_overall_SU_R_Blow_DPI               ? 
_refine.pdbx_overall_SU_R_free_Blow_DPI          ? 
# 
_refine_hist.pdbx_refine_id                   'X-RAY DIFFRACTION' 
_refine_hist.cycle_id                         LAST 
_refine_hist.pdbx_number_atoms_protein        949 
_refine_hist.pdbx_number_atoms_nucleic_acid   0 
_refine_hist.pdbx_number_atoms_ligand         0 
_refine_hist.number_atoms_solvent             20 
_refine_hist.number_atoms_total               969 
_refine_hist.d_res_high                       1.700 
_refine_hist.d_res_low                        20.000 
# 
loop_
_refine_ls_restr.type 
_refine_ls_restr.number 
_refine_ls_restr.dev_ideal 
_refine_ls_restr.dev_ideal_target 
_refine_ls_restr.weight 
_refine_ls_restr.pdbx_refine_id 
_refine_ls_restr.pdbx_restraint_function 
r_bond_refined_d         962  0.017  0.022  ? 'X-RAY DIFFRACTION' ? 
r_angle_refined_deg      1312 1.578  1.966  ? 'X-RAY DIFFRACTION' ? 
r_dihedral_angle_1_deg   125  5.335  5.000  ? 'X-RAY DIFFRACTION' ? 
r_dihedral_angle_2_deg   48   29.307 25.417 ? 'X-RAY DIFFRACTION' ? 
r_dihedral_angle_3_deg   173  13.311 15.000 ? 'X-RAY DIFFRACTION' ? 
r_dihedral_angle_4_deg   8    16.710 15.000 ? 'X-RAY DIFFRACTION' ? 
r_chiral_restr           160  0.111  0.200  ? 'X-RAY DIFFRACTION' ? 
r_gen_planes_refined     723  0.006  0.020  ? 'X-RAY DIFFRACTION' ? 
r_nbd_refined            377  0.219  0.200  ? 'X-RAY DIFFRACTION' ? 
r_nbtor_refined          688  0.306  0.200  ? 'X-RAY DIFFRACTION' ? 
r_xyhbond_nbd_refined    34   0.143  0.200  ? 'X-RAY DIFFRACTION' ? 
r_symmetry_vdw_refined   64   0.162  0.200  ? 'X-RAY DIFFRACTION' ? 
r_symmetry_hbond_refined 17   0.156  0.200  ? 'X-RAY DIFFRACTION' ? 
r_mcbond_it              632  1.190  1.500  ? 'X-RAY DIFFRACTION' ? 
r_mcangle_it             998  1.927  2.000  ? 'X-RAY DIFFRACTION' ? 
r_scbond_it              366  3.022  3.000  ? 'X-RAY DIFFRACTION' ? 
r_scangle_it             311  4.455  4.500  ? 'X-RAY DIFFRACTION' ? 
# 
_refine_ls_shell.d_res_high                       1.700 
_refine_ls_shell.d_res_low                        1.744 
_refine_ls_shell.pdbx_total_number_of_bins_used   20 
_refine_ls_shell.percent_reflns_obs               100.000 
_refine_ls_shell.number_reflns_R_work             973 
_refine_ls_shell.R_factor_all                     ? 
_refine_ls_shell.R_factor_R_work                  0.427 
_refine_ls_shell.R_factor_R_free                  0.512 
_refine_ls_shell.percent_reflns_R_free            ? 
_refine_ls_shell.number_reflns_R_free             48 
_refine_ls_shell.R_factor_R_free_error            ? 
_refine_ls_shell.number_reflns_all                1021 
_refine_ls_shell.number_reflns_obs                973 
_refine_ls_shell.redundancy_reflns_obs            ? 
_refine_ls_shell.pdbx_refine_id                   'X-RAY DIFFRACTION' 
# 
_struct.entry_id                  3C97 
_struct.title                     
'Crystal structure of the response regulator receiver domain of a signal transduction histidine kinase from Aspergillus oryzae' 
_struct.pdbx_model_details        ? 
_struct.pdbx_CASP_flag            ? 
_struct.pdbx_model_type_details   ? 
# 
_struct_keywords.entry_id        3C97 
_struct_keywords.text            
;STRUCTURAL GENOMICS, SIGNALING, PSI-2, Protein Structure Initiative, New York SGX Research Center for Structural Genomics, NYSGXRC, Kinase, SIGNALING PROTEIN, TRANSFERASE
;
_struct_keywords.pdbx_keywords   'SIGNALING PROTEIN, TRANSFERASE' 
# 
loop_
_struct_asym.id 
_struct_asym.pdbx_blank_PDB_chainid_flag 
_struct_asym.pdbx_modified 
_struct_asym.entity_id 
_struct_asym.details 
A N N 1 ? 
B N N 2 ? 
# 
_struct_ref.id                         1 
_struct_ref.db_name                    UNP 
_struct_ref.db_code                    Q2U940_ASPOR 
_struct_ref.pdbx_db_accession          Q2U940 
_struct_ref.entity_id                  1 
_struct_ref.pdbx_seq_one_letter_code   
;EPSQIMPLSVLIAEDNDICRLVAAKALEKCTNDITVVTNGLQALQAYQNRQFDVIIMDIQMPVMDGLEAVSEIRNYERTH
NTKRASIIAITADTIDDDRPGAELDEYVSKPLNPNQLRDVVLTCHSEGA
;
_struct_ref.pdbx_align_begin           546 
_struct_ref.pdbx_db_isoform            ? 
# 
_struct_ref_seq.align_id                      1 
_struct_ref_seq.ref_id                        1 
_struct_ref_seq.pdbx_PDB_id_code              3C97 
_struct_ref_seq.pdbx_strand_id                A 
_struct_ref_seq.seq_align_beg                 4 
_struct_ref_seq.pdbx_seq_align_beg_ins_code   ? 
_struct_ref_seq.seq_align_end                 132 
_struct_ref_seq.pdbx_seq_align_end_ins_code   ? 
_struct_ref_seq.pdbx_db_accession             Q2U940 
_struct_ref_seq.db_align_beg                  546 
_struct_ref_seq.pdbx_db_align_beg_ins_code    ? 
_struct_ref_seq.db_align_end                  674 
_struct_ref_seq.pdbx_db_align_end_ins_code    ? 
_struct_ref_seq.pdbx_auth_seq_align_beg       546 
_struct_ref_seq.pdbx_auth_seq_align_end       674 
# 
loop_
_struct_ref_seq_dif.align_id 
_struct_ref_seq_dif.pdbx_pdb_id_code 
_struct_ref_seq_dif.mon_id 
_struct_ref_seq_dif.pdbx_pdb_strand_id 
_struct_ref_seq_dif.seq_num 
_struct_ref_seq_dif.pdbx_pdb_ins_code 
_struct_ref_seq_dif.pdbx_seq_db_name 
_struct_ref_seq_dif.pdbx_seq_db_accession_code 
_struct_ref_seq_dif.db_mon_id 
_struct_ref_seq_dif.pdbx_seq_db_seq_num 
_struct_ref_seq_dif.details 
_struct_ref_seq_dif.pdbx_auth_seq_num 
_struct_ref_seq_dif.pdbx_ordinal 
1 3C97 MET A 1   ? UNP Q2U940 ? ? 'expression tag' 543 1  
1 3C97 SER A 2   ? UNP Q2U940 ? ? 'expression tag' 544 2  
1 3C97 LEU A 3   ? UNP Q2U940 ? ? 'expression tag' 545 3  
1 3C97 GLU A 133 ? UNP Q2U940 ? ? 'expression tag' 675 4  
1 3C97 GLY A 134 ? UNP Q2U940 ? ? 'expression tag' 676 5  
1 3C97 HIS A 135 ? UNP Q2U940 ? ? 'expression tag' 677 6  
1 3C97 HIS A 136 ? UNP Q2U940 ? ? 'expression tag' 678 7  
1 3C97 HIS A 137 ? UNP Q2U940 ? ? 'expression tag' 679 8  
1 3C97 HIS A 138 ? UNP Q2U940 ? ? 'expression tag' 680 9  
1 3C97 HIS A 139 ? UNP Q2U940 ? ? 'expression tag' 681 10 
1 3C97 HIS A 140 ? UNP Q2U940 ? ? 'expression tag' 682 11 
# 
_pdbx_struct_assembly.id                   1 
_pdbx_struct_assembly.details              author_and_software_defined_assembly 
_pdbx_struct_assembly.method_details       PISA 
_pdbx_struct_assembly.oligomeric_details   dimeric 
_pdbx_struct_assembly.oligomeric_count     2 
# 
_pdbx_struct_assembly_prop.biol_id   1 
_pdbx_struct_assembly_prop.type      'ABSA (A^2)' 
_pdbx_struct_assembly_prop.value     5800 
_pdbx_struct_assembly_prop.details   ? 
# 
_pdbx_struct_assembly_gen.assembly_id       1 
_pdbx_struct_assembly_gen.oper_expression   1,2 
_pdbx_struct_assembly_gen.asym_id_list      A,B 
# 
loop_
_pdbx_struct_oper_list.id 
_pdbx_struct_oper_list.type 
_pdbx_struct_oper_list.name 
_pdbx_struct_oper_list.symmetry_operation 
_pdbx_struct_oper_list.matrix[1][1] 
_pdbx_struct_oper_list.matrix[1][2] 
_pdbx_struct_oper_list.matrix[1][3] 
_pdbx_struct_oper_list.vector[1] 
_pdbx_struct_oper_list.matrix[2][1] 
_pdbx_struct_oper_list.matrix[2][2] 
_pdbx_struct_oper_list.matrix[2][3] 
_pdbx_struct_oper_list.vector[2] 
_pdbx_struct_oper_list.matrix[3][1] 
_pdbx_struct_oper_list.matrix[3][2] 
_pdbx_struct_oper_list.matrix[3][3] 
_pdbx_struct_oper_list.vector[3] 
1 'identity operation'         1_555 x,y,z  1.0000000000  0.0000000000  0.0000000000  0.0000000000 0.0000000000  1.0000000000  0.0000000000 0.0000000000 0.0000000000  0.0000000000 1.0000000000 0.0000000000 
2 'crystal symmetry operation' 4_555 y,x,-z -0.5280847924 -0.4100876596 -0.7436091470 6.3497710250 -0.4100876596 -0.6436396077 0.6461858609 0.9256051658 -0.7436091470 0.6461858609 0.1717244001 3.5192873381 
# 
_struct_biol.id        1 
_struct_biol.details   ? 
# 
loop_
_struct_conf.conf_type_id 
_struct_conf.id 
_struct_conf.pdbx_PDB_helix_id 
_struct_conf.beg_label_comp_id 
_struct_conf.beg_label_asym_id 
_struct_conf.beg_label_seq_id 
_struct_conf.pdbx_beg_PDB_ins_code 
_struct_conf.end_label_comp_id 
_struct_conf.end_label_asym_id 
_struct_conf.end_label_seq_id 
_struct_conf.pdbx_end_PDB_ins_code 
_struct_conf.beg_auth_comp_id 
_struct_conf.beg_auth_asym_id 
_struct_conf.beg_auth_seq_id 
_struct_conf.end_auth_comp_id 
_struct_conf.end_auth_asym_id 
_struct_conf.end_auth_seq_id 
_struct_conf.pdbx_PDB_helix_class 
_struct_conf.details 
_struct_conf.pdbx_PDB_helix_length 
HELX_P HELX_P1 1 ASN A 19  ? GLU A 31  ? ASN A 561 GLU A 573 1 ? 13 
HELX_P HELX_P2 2 ASN A 42  ? ARG A 53  ? ASN A 584 ARG A 595 1 ? 12 
HELX_P HELX_P3 3 ASP A 68  ? ASN A 84  ? ASP A 610 ASN A 626 1 ? 17 
HELX_P HELX_P4 4 ASN A 116 ? SER A 129 ? ASN A 658 SER A 671 1 ? 14 
# 
_struct_conf_type.id          HELX_P 
_struct_conf_type.criteria    ? 
_struct_conf_type.reference   ? 
# 
loop_
_struct_mon_prot_cis.pdbx_id 
_struct_mon_prot_cis.label_comp_id 
_struct_mon_prot_cis.label_seq_id 
_struct_mon_prot_cis.label_asym_id 
_struct_mon_prot_cis.label_alt_id 
_struct_mon_prot_cis.pdbx_PDB_ins_code 
_struct_mon_prot_cis.auth_comp_id 
_struct_mon_prot_cis.auth_seq_id 
_struct_mon_prot_cis.auth_asym_id 
_struct_mon_prot_cis.pdbx_label_comp_id_2 
_struct_mon_prot_cis.pdbx_label_seq_id_2 
_struct_mon_prot_cis.pdbx_label_asym_id_2 
_struct_mon_prot_cis.pdbx_PDB_ins_code_2 
_struct_mon_prot_cis.pdbx_auth_comp_id_2 
_struct_mon_prot_cis.pdbx_auth_seq_id_2 
_struct_mon_prot_cis.pdbx_auth_asym_id_2 
_struct_mon_prot_cis.pdbx_PDB_model_num 
_struct_mon_prot_cis.pdbx_omega_angle 
1 MET 64  A . ? MET 606 A PRO 65  A ? PRO 607 A 1 7.73 
2 LYS 113 A . ? LYS 655 A PRO 114 A ? PRO 656 A 1 0.42 
# 
loop_
_struct_sheet.id 
_struct_sheet.type 
_struct_sheet.number_strands 
_struct_sheet.details 
A ? 3 ? 
B ? 2 ? 
# 
loop_
_struct_sheet_order.sheet_id 
_struct_sheet_order.range_id_1 
_struct_sheet_order.range_id_2 
_struct_sheet_order.offset 
_struct_sheet_order.sense 
A 1 2 ? parallel 
A 2 3 ? parallel 
B 1 2 ? parallel 
# 
loop_
_struct_sheet_range.sheet_id 
_struct_sheet_range.id 
_struct_sheet_range.beg_label_comp_id 
_struct_sheet_range.beg_label_asym_id 
_struct_sheet_range.beg_label_seq_id 
_struct_sheet_range.pdbx_beg_PDB_ins_code 
_struct_sheet_range.end_label_comp_id 
_struct_sheet_range.end_label_asym_id 
_struct_sheet_range.end_label_seq_id 
_struct_sheet_range.pdbx_end_PDB_ins_code 
_struct_sheet_range.beg_auth_comp_id 
_struct_sheet_range.beg_auth_asym_id 
_struct_sheet_range.beg_auth_seq_id 
_struct_sheet_range.end_auth_comp_id 
_struct_sheet_range.end_auth_asym_id 
_struct_sheet_range.end_auth_seq_id 
A 1 ASP A 36  ? VAL A 40  ? ASP A 578 VAL A 582 
A 2 SER A 12  ? ALA A 16  ? SER A 554 ALA A 558 
A 3 VAL A 57  ? MET A 60  ? VAL A 599 MET A 602 
B 1 ILE A 91  ? THR A 94  ? ILE A 633 THR A 636 
B 2 GLU A 109 ? SER A 112 ? GLU A 651 SER A 654 
# 
loop_
_pdbx_struct_sheet_hbond.sheet_id 
_pdbx_struct_sheet_hbond.range_id_1 
_pdbx_struct_sheet_hbond.range_id_2 
_pdbx_struct_sheet_hbond.range_1_label_atom_id 
_pdbx_struct_sheet_hbond.range_1_label_comp_id 
_pdbx_struct_sheet_hbond.range_1_label_asym_id 
_pdbx_struct_sheet_hbond.range_1_label_seq_id 
_pdbx_struct_sheet_hbond.range_1_PDB_ins_code 
_pdbx_struct_sheet_hbond.range_1_auth_atom_id 
_pdbx_struct_sheet_hbond.range_1_auth_comp_id 
_pdbx_struct_sheet_hbond.range_1_auth_asym_id 
_pdbx_struct_sheet_hbond.range_1_auth_seq_id 
_pdbx_struct_sheet_hbond.range_2_label_atom_id 
_pdbx_struct_sheet_hbond.range_2_label_comp_id 
_pdbx_struct_sheet_hbond.range_2_label_asym_id 
_pdbx_struct_sheet_hbond.range_2_label_seq_id 
_pdbx_struct_sheet_hbond.range_2_PDB_ins_code 
_pdbx_struct_sheet_hbond.range_2_auth_atom_id 
_pdbx_struct_sheet_hbond.range_2_auth_comp_id 
_pdbx_struct_sheet_hbond.range_2_auth_asym_id 
_pdbx_struct_sheet_hbond.range_2_auth_seq_id 
A 1 2 O THR A 38 ? O THR A 580 N ILE A 15  ? N ILE A 557 
A 2 3 N LEU A 14 ? N LEU A 556 O ILE A 59  ? O ILE A 601 
B 1 2 N ALA A 92 ? N ALA A 634 O GLU A 109 ? O GLU A 651 
# 
_pdbx_SG_project.id                    1 
_pdbx_SG_project.project_name          'PSI, Protein Structure Initiative' 
_pdbx_SG_project.full_name_of_center   'New York SGX Research Center for Structural Genomics' 
_pdbx_SG_project.initial_of_center     NYSGXRC 
# 
loop_
_pdbx_struct_special_symmetry.id 
_pdbx_struct_special_symmetry.PDB_model_num 
_pdbx_struct_special_symmetry.auth_asym_id 
_pdbx_struct_special_symmetry.auth_comp_id 
_pdbx_struct_special_symmetry.auth_seq_id 
_pdbx_struct_special_symmetry.PDB_ins_code 
_pdbx_struct_special_symmetry.label_asym_id 
_pdbx_struct_special_symmetry.label_comp_id 
_pdbx_struct_special_symmetry.label_seq_id 
1 1 A HOH 1  ? B HOH . 
2 1 A HOH 14 ? B HOH . 
# 
loop_
_pdbx_unobs_or_zero_occ_residues.id 
_pdbx_unobs_or_zero_occ_residues.PDB_model_num 
_pdbx_unobs_or_zero_occ_residues.polymer_flag 
_pdbx_unobs_or_zero_occ_residues.occupancy_flag 
_pdbx_unobs_or_zero_occ_residues.auth_asym_id 
_pdbx_unobs_or_zero_occ_residues.auth_comp_id 
_pdbx_unobs_or_zero_occ_residues.auth_seq_id 
_pdbx_unobs_or_zero_occ_residues.PDB_ins_code 
_pdbx_unobs_or_zero_occ_residues.label_asym_id 
_pdbx_unobs_or_zero_occ_residues.label_comp_id 
_pdbx_unobs_or_zero_occ_residues.label_seq_id 
1  1 Y 1 A MET 543 ? A MET 1   
2  1 Y 1 A SER 544 ? A SER 2   
3  1 Y 1 A LEU 545 ? A LEU 3   
4  1 Y 1 A GLU 546 ? A GLU 4   
5  1 Y 1 A PRO 547 ? A PRO 5   
6  1 Y 1 A SER 548 ? A SER 6   
7  1 Y 1 A GLN 549 ? A GLN 7   
8  1 Y 1 A ILE 550 ? A ILE 8   
9  1 Y 1 A MET 551 ? A MET 9   
10 1 Y 1 A GLU 672 ? A GLU 130 
11 1 Y 1 A GLY 673 ? A GLY 131 
12 1 Y 1 A ALA 674 ? A ALA 132 
13 1 Y 1 A GLU 675 ? A GLU 133 
14 1 Y 1 A GLY 676 ? A GLY 134 
15 1 Y 1 A HIS 677 ? A HIS 135 
16 1 Y 1 A HIS 678 ? A HIS 136 
17 1 Y 1 A HIS 679 ? A HIS 137 
18 1 Y 1 A HIS 680 ? A HIS 138 
19 1 Y 1 A HIS 681 ? A HIS 139 
20 1 Y 1 A HIS 682 ? A HIS 140 
# 
loop_
_chem_comp_atom.comp_id 
_chem_comp_atom.atom_id 
_chem_comp_atom.type_symbol 
_chem_comp_atom.pdbx_aromatic_flag 
_chem_comp_atom.pdbx_stereo_config 
_chem_comp_atom.pdbx_ordinal 
ALA N    N N N 1   
ALA CA   C N S 2   
ALA C    C N N 3   
ALA O    O N N 4   
ALA CB   C N N 5   
ALA OXT  O N N 6   
ALA H    H N N 7   
ALA H2   H N N 8   
ALA HA   H N N 9   
ALA HB1  H N N 10  
ALA HB2  H N N 11  
ALA HB3  H N N 12  
ALA HXT  H N N 13  
ARG N    N N N 14  
ARG CA   C N S 15  
ARG C    C N N 16  
ARG O    O N N 17  
ARG CB   C N N 18  
ARG CG   C N N 19  
ARG CD   C N N 20  
ARG NE   N N N 21  
ARG CZ   C N N 22  
ARG NH1  N N N 23  
ARG NH2  N N N 24  
ARG OXT  O N N 25  
ARG H    H N N 26  
ARG H2   H N N 27  
ARG HA   H N N 28  
ARG HB2  H N N 29  
ARG HB3  H N N 30  
ARG HG2  H N N 31  
ARG HG3  H N N 32  
ARG HD2  H N N 33  
ARG HD3  H N N 34  
ARG HE   H N N 35  
ARG HH11 H N N 36  
ARG HH12 H N N 37  
ARG HH21 H N N 38  
ARG HH22 H N N 39  
ARG HXT  H N N 40  
ASN N    N N N 41  
ASN CA   C N S 42  
ASN C    C N N 43  
ASN O    O N N 44  
ASN CB   C N N 45  
ASN CG   C N N 46  
ASN OD1  O N N 47  
ASN ND2  N N N 48  
ASN OXT  O N N 49  
ASN H    H N N 50  
ASN H2   H N N 51  
ASN HA   H N N 52  
ASN HB2  H N N 53  
ASN HB3  H N N 54  
ASN HD21 H N N 55  
ASN HD22 H N N 56  
ASN HXT  H N N 57  
ASP N    N N N 58  
ASP CA   C N S 59  
ASP C    C N N 60  
ASP O    O N N 61  
ASP CB   C N N 62  
ASP CG   C N N 63  
ASP OD1  O N N 64  
ASP OD2  O N N 65  
ASP OXT  O N N 66  
ASP H    H N N 67  
ASP H2   H N N 68  
ASP HA   H N N 69  
ASP HB2  H N N 70  
ASP HB3  H N N 71  
ASP HD2  H N N 72  
ASP HXT  H N N 73  
CYS N    N N N 74  
CYS CA   C N R 75  
CYS C    C N N 76  
CYS O    O N N 77  
CYS CB   C N N 78  
CYS SG   S N N 79  
CYS OXT  O N N 80  
CYS H    H N N 81  
CYS H2   H N N 82  
CYS HA   H N N 83  
CYS HB2  H N N 84  
CYS HB3  H N N 85  
CYS HG   H N N 86  
CYS HXT  H N N 87  
GLN N    N N N 88  
GLN CA   C N S 89  
GLN C    C N N 90  
GLN O    O N N 91  
GLN CB   C N N 92  
GLN CG   C N N 93  
GLN CD   C N N 94  
GLN OE1  O N N 95  
GLN NE2  N N N 96  
GLN OXT  O N N 97  
GLN H    H N N 98  
GLN H2   H N N 99  
GLN HA   H N N 100 
GLN HB2  H N N 101 
GLN HB3  H N N 102 
GLN HG2  H N N 103 
GLN HG3  H N N 104 
GLN HE21 H N N 105 
GLN HE22 H N N 106 
GLN HXT  H N N 107 
GLU N    N N N 108 
GLU CA   C N S 109 
GLU C    C N N 110 
GLU O    O N N 111 
GLU CB   C N N 112 
GLU CG   C N N 113 
GLU CD   C N N 114 
GLU OE1  O N N 115 
GLU OE2  O N N 116 
GLU OXT  O N N 117 
GLU H    H N N 118 
GLU H2   H N N 119 
GLU HA   H N N 120 
GLU HB2  H N N 121 
GLU HB3  H N N 122 
GLU HG2  H N N 123 
GLU HG3  H N N 124 
GLU HE2  H N N 125 
GLU HXT  H N N 126 
GLY N    N N N 127 
GLY CA   C N N 128 
GLY C    C N N 129 
GLY O    O N N 130 
GLY OXT  O N N 131 
GLY H    H N N 132 
GLY H2   H N N 133 
GLY HA2  H N N 134 
GLY HA3  H N N 135 
GLY HXT  H N N 136 
HIS N    N N N 137 
HIS CA   C N S 138 
HIS C    C N N 139 
HIS O    O N N 140 
HIS CB   C N N 141 
HIS CG   C Y N 142 
HIS ND1  N Y N 143 
HIS CD2  C Y N 144 
HIS CE1  C Y N 145 
HIS NE2  N Y N 146 
HIS OXT  O N N 147 
HIS H    H N N 148 
HIS H2   H N N 149 
HIS HA   H N N 150 
HIS HB2  H N N 151 
HIS HB3  H N N 152 
HIS HD1  H N N 153 
HIS HD2  H N N 154 
HIS HE1  H N N 155 
HIS HE2  H N N 156 
HIS HXT  H N N 157 
HOH O    O N N 158 
HOH H1   H N N 159 
HOH H2   H N N 160 
ILE N    N N N 161 
ILE CA   C N S 162 
ILE C    C N N 163 
ILE O    O N N 164 
ILE CB   C N S 165 
ILE CG1  C N N 166 
ILE CG2  C N N 167 
ILE CD1  C N N 168 
ILE OXT  O N N 169 
ILE H    H N N 170 
ILE H2   H N N 171 
ILE HA   H N N 172 
ILE HB   H N N 173 
ILE HG12 H N N 174 
ILE HG13 H N N 175 
ILE HG21 H N N 176 
ILE HG22 H N N 177 
ILE HG23 H N N 178 
ILE HD11 H N N 179 
ILE HD12 H N N 180 
ILE HD13 H N N 181 
ILE HXT  H N N 182 
LEU N    N N N 183 
LEU CA   C N S 184 
LEU C    C N N 185 
LEU O    O N N 186 
LEU CB   C N N 187 
LEU CG   C N N 188 
LEU CD1  C N N 189 
LEU CD2  C N N 190 
LEU OXT  O N N 191 
LEU H    H N N 192 
LEU H2   H N N 193 
LEU HA   H N N 194 
LEU HB2  H N N 195 
LEU HB3  H N N 196 
LEU HG   H N N 197 
LEU HD11 H N N 198 
LEU HD12 H N N 199 
LEU HD13 H N N 200 
LEU HD21 H N N 201 
LEU HD22 H N N 202 
LEU HD23 H N N 203 
LEU HXT  H N N 204 
LYS N    N N N 205 
LYS CA   C N S 206 
LYS C    C N N 207 
LYS O    O N N 208 
LYS CB   C N N 209 
LYS CG   C N N 210 
LYS CD   C N N 211 
LYS CE   C N N 212 
LYS NZ   N N N 213 
LYS OXT  O N N 214 
LYS H    H N N 215 
LYS H2   H N N 216 
LYS HA   H N N 217 
LYS HB2  H N N 218 
LYS HB3  H N N 219 
LYS HG2  H N N 220 
LYS HG3  H N N 221 
LYS HD2  H N N 222 
LYS HD3  H N N 223 
LYS HE2  H N N 224 
LYS HE3  H N N 225 
LYS HZ1  H N N 226 
LYS HZ2  H N N 227 
LYS HZ3  H N N 228 
LYS HXT  H N N 229 
MET N    N N N 230 
MET CA   C N S 231 
MET C    C N N 232 
MET O    O N N 233 
MET CB   C N N 234 
MET CG   C N N 235 
MET SD   S N N 236 
MET CE   C N N 237 
MET OXT  O N N 238 
MET H    H N N 239 
MET H2   H N N 240 
MET HA   H N N 241 
MET HB2  H N N 242 
MET HB3  H N N 243 
MET HG2  H N N 244 
MET HG3  H N N 245 
MET HE1  H N N 246 
MET HE2  H N N 247 
MET HE3  H N N 248 
MET HXT  H N N 249 
PHE N    N N N 250 
PHE CA   C N S 251 
PHE C    C N N 252 
PHE O    O N N 253 
PHE CB   C N N 254 
PHE CG   C Y N 255 
PHE CD1  C Y N 256 
PHE CD2  C Y N 257 
PHE CE1  C Y N 258 
PHE CE2  C Y N 259 
PHE CZ   C Y N 260 
PHE OXT  O N N 261 
PHE H    H N N 262 
PHE H2   H N N 263 
PHE HA   H N N 264 
PHE HB2  H N N 265 
PHE HB3  H N N 266 
PHE HD1  H N N 267 
PHE HD2  H N N 268 
PHE HE1  H N N 269 
PHE HE2  H N N 270 
PHE HZ   H N N 271 
PHE HXT  H N N 272 
PRO N    N N N 273 
PRO CA   C N S 274 
PRO C    C N N 275 
PRO O    O N N 276 
PRO CB   C N N 277 
PRO CG   C N N 278 
PRO CD   C N N 279 
PRO OXT  O N N 280 
PRO H    H N N 281 
PRO HA   H N N 282 
PRO HB2  H N N 283 
PRO HB3  H N N 284 
PRO HG2  H N N 285 
PRO HG3  H N N 286 
PRO HD2  H N N 287 
PRO HD3  H N N 288 
PRO HXT  H N N 289 
SER N    N N N 290 
SER CA   C N S 291 
SER C    C N N 292 
SER O    O N N 293 
SER CB   C N N 294 
SER OG   O N N 295 
SER OXT  O N N 296 
SER H    H N N 297 
SER H2   H N N 298 
SER HA   H N N 299 
SER HB2  H N N 300 
SER HB3  H N N 301 
SER HG   H N N 302 
SER HXT  H N N 303 
THR N    N N N 304 
THR CA   C N S 305 
THR C    C N N 306 
THR O    O N N 307 
THR CB   C N R 308 
THR OG1  O N N 309 
THR CG2  C N N 310 
THR OXT  O N N 311 
THR H    H N N 312 
THR H2   H N N 313 
THR HA   H N N 314 
THR HB   H N N 315 
THR HG1  H N N 316 
THR HG21 H N N 317 
THR HG22 H N N 318 
THR HG23 H N N 319 
THR HXT  H N N 320 
TYR N    N N N 321 
TYR CA   C N S 322 
TYR C    C N N 323 
TYR O    O N N 324 
TYR CB   C N N 325 
TYR CG   C Y N 326 
TYR CD1  C Y N 327 
TYR CD2  C Y N 328 
TYR CE1  C Y N 329 
TYR CE2  C Y N 330 
TYR CZ   C Y N 331 
TYR OH   O N N 332 
TYR OXT  O N N 333 
TYR H    H N N 334 
TYR H2   H N N 335 
TYR HA   H N N 336 
TYR HB2  H N N 337 
TYR HB3  H N N 338 
TYR HD1  H N N 339 
TYR HD2  H N N 340 
TYR HE1  H N N 341 
TYR HE2  H N N 342 
TYR HH   H N N 343 
TYR HXT  H N N 344 
VAL N    N N N 345 
VAL CA   C N S 346 
VAL C    C N N 347 
VAL O    O N N 348 
VAL CB   C N N 349 
VAL CG1  C N N 350 
VAL CG2  C N N 351 
VAL OXT  O N N 352 
VAL H    H N N 353 
VAL H2   H N N 354 
VAL HA   H N N 355 
VAL HB   H N N 356 
VAL HG11 H N N 357 
VAL HG12 H N N 358 
VAL HG13 H N N 359 
VAL HG21 H N N 360 
VAL HG22 H N N 361 
VAL HG23 H N N 362 
VAL HXT  H N N 363 
# 
loop_
_chem_comp_bond.comp_id 
_chem_comp_bond.atom_id_1 
_chem_comp_bond.atom_id_2 
_chem_comp_bond.value_order 
_chem_comp_bond.pdbx_aromatic_flag 
_chem_comp_bond.pdbx_stereo_config 
_chem_comp_bond.pdbx_ordinal 
ALA N   CA   sing N N 1   
ALA N   H    sing N N 2   
ALA N   H2   sing N N 3   
ALA CA  C    sing N N 4   
ALA CA  CB   sing N N 5   
ALA CA  HA   sing N N 6   
ALA C   O    doub N N 7   
ALA C   OXT  sing N N 8   
ALA CB  HB1  sing N N 9   
ALA CB  HB2  sing N N 10  
ALA CB  HB3  sing N N 11  
ALA OXT HXT  sing N N 12  
ARG N   CA   sing N N 13  
ARG N   H    sing N N 14  
ARG N   H2   sing N N 15  
ARG CA  C    sing N N 16  
ARG CA  CB   sing N N 17  
ARG CA  HA   sing N N 18  
ARG C   O    doub N N 19  
ARG C   OXT  sing N N 20  
ARG CB  CG   sing N N 21  
ARG CB  HB2  sing N N 22  
ARG CB  HB3  sing N N 23  
ARG CG  CD   sing N N 24  
ARG CG  HG2  sing N N 25  
ARG CG  HG3  sing N N 26  
ARG CD  NE   sing N N 27  
ARG CD  HD2  sing N N 28  
ARG CD  HD3  sing N N 29  
ARG NE  CZ   sing N N 30  
ARG NE  HE   sing N N 31  
ARG CZ  NH1  sing N N 32  
ARG CZ  NH2  doub N N 33  
ARG NH1 HH11 sing N N 34  
ARG NH1 HH12 sing N N 35  
ARG NH2 HH21 sing N N 36  
ARG NH2 HH22 sing N N 37  
ARG OXT HXT  sing N N 38  
ASN N   CA   sing N N 39  
ASN N   H    sing N N 40  
ASN N   H2   sing N N 41  
ASN CA  C    sing N N 42  
ASN CA  CB   sing N N 43  
ASN CA  HA   sing N N 44  
ASN C   O    doub N N 45  
ASN C   OXT  sing N N 46  
ASN CB  CG   sing N N 47  
ASN CB  HB2  sing N N 48  
ASN CB  HB3  sing N N 49  
ASN CG  OD1  doub N N 50  
ASN CG  ND2  sing N N 51  
ASN ND2 HD21 sing N N 52  
ASN ND2 HD22 sing N N 53  
ASN OXT HXT  sing N N 54  
ASP N   CA   sing N N 55  
ASP N   H    sing N N 56  
ASP N   H2   sing N N 57  
ASP CA  C    sing N N 58  
ASP CA  CB   sing N N 59  
ASP CA  HA   sing N N 60  
ASP C   O    doub N N 61  
ASP C   OXT  sing N N 62  
ASP CB  CG   sing N N 63  
ASP CB  HB2  sing N N 64  
ASP CB  HB3  sing N N 65  
ASP CG  OD1  doub N N 66  
ASP CG  OD2  sing N N 67  
ASP OD2 HD2  sing N N 68  
ASP OXT HXT  sing N N 69  
CYS N   CA   sing N N 70  
CYS N   H    sing N N 71  
CYS N   H2   sing N N 72  
CYS CA  C    sing N N 73  
CYS CA  CB   sing N N 74  
CYS CA  HA   sing N N 75  
CYS C   O    doub N N 76  
CYS C   OXT  sing N N 77  
CYS CB  SG   sing N N 78  
CYS CB  HB2  sing N N 79  
CYS CB  HB3  sing N N 80  
CYS SG  HG   sing N N 81  
CYS OXT HXT  sing N N 82  
GLN N   CA   sing N N 83  
GLN N   H    sing N N 84  
GLN N   H2   sing N N 85  
GLN CA  C    sing N N 86  
GLN CA  CB   sing N N 87  
GLN CA  HA   sing N N 88  
GLN C   O    doub N N 89  
GLN C   OXT  sing N N 90  
GLN CB  CG   sing N N 91  
GLN CB  HB2  sing N N 92  
GLN CB  HB3  sing N N 93  
GLN CG  CD   sing N N 94  
GLN CG  HG2  sing N N 95  
GLN CG  HG3  sing N N 96  
GLN CD  OE1  doub N N 97  
GLN CD  NE2  sing N N 98  
GLN NE2 HE21 sing N N 99  
GLN NE2 HE22 sing N N 100 
GLN OXT HXT  sing N N 101 
GLU N   CA   sing N N 102 
GLU N   H    sing N N 103 
GLU N   H2   sing N N 104 
GLU CA  C    sing N N 105 
GLU CA  CB   sing N N 106 
GLU CA  HA   sing N N 107 
GLU C   O    doub N N 108 
GLU C   OXT  sing N N 109 
GLU CB  CG   sing N N 110 
GLU CB  HB2  sing N N 111 
GLU CB  HB3  sing N N 112 
GLU CG  CD   sing N N 113 
GLU CG  HG2  sing N N 114 
GLU CG  HG3  sing N N 115 
GLU CD  OE1  doub N N 116 
GLU CD  OE2  sing N N 117 
GLU OE2 HE2  sing N N 118 
GLU OXT HXT  sing N N 119 
GLY N   CA   sing N N 120 
GLY N   H    sing N N 121 
GLY N   H2   sing N N 122 
GLY CA  C    sing N N 123 
GLY CA  HA2  sing N N 124 
GLY CA  HA3  sing N N 125 
GLY C   O    doub N N 126 
GLY C   OXT  sing N N 127 
GLY OXT HXT  sing N N 128 
HIS N   CA   sing N N 129 
HIS N   H    sing N N 130 
HIS N   H2   sing N N 131 
HIS CA  C    sing N N 132 
HIS CA  CB   sing N N 133 
HIS CA  HA   sing N N 134 
HIS C   O    doub N N 135 
HIS C   OXT  sing N N 136 
HIS CB  CG   sing N N 137 
HIS CB  HB2  sing N N 138 
HIS CB  HB3  sing N N 139 
HIS CG  ND1  sing Y N 140 
HIS CG  CD2  doub Y N 141 
HIS ND1 CE1  doub Y N 142 
HIS ND1 HD1  sing N N 143 
HIS CD2 NE2  sing Y N 144 
HIS CD2 HD2  sing N N 145 
HIS CE1 NE2  sing Y N 146 
HIS CE1 HE1  sing N N 147 
HIS NE2 HE2  sing N N 148 
HIS OXT HXT  sing N N 149 
HOH O   H1   sing N N 150 
HOH O   H2   sing N N 151 
ILE N   CA   sing N N 152 
ILE N   H    sing N N 153 
ILE N   H2   sing N N 154 
ILE CA  C    sing N N 155 
ILE CA  CB   sing N N 156 
ILE CA  HA   sing N N 157 
ILE C   O    doub N N 158 
ILE C   OXT  sing N N 159 
ILE CB  CG1  sing N N 160 
ILE CB  CG2  sing N N 161 
ILE CB  HB   sing N N 162 
ILE CG1 CD1  sing N N 163 
ILE CG1 HG12 sing N N 164 
ILE CG1 HG13 sing N N 165 
ILE CG2 HG21 sing N N 166 
ILE CG2 HG22 sing N N 167 
ILE CG2 HG23 sing N N 168 
ILE CD1 HD11 sing N N 169 
ILE CD1 HD12 sing N N 170 
ILE CD1 HD13 sing N N 171 
ILE OXT HXT  sing N N 172 
LEU N   CA   sing N N 173 
LEU N   H    sing N N 174 
LEU N   H2   sing N N 175 
LEU CA  C    sing N N 176 
LEU CA  CB   sing N N 177 
LEU CA  HA   sing N N 178 
LEU C   O    doub N N 179 
LEU C   OXT  sing N N 180 
LEU CB  CG   sing N N 181 
LEU CB  HB2  sing N N 182 
LEU CB  HB3  sing N N 183 
LEU CG  CD1  sing N N 184 
LEU CG  CD2  sing N N 185 
LEU CG  HG   sing N N 186 
LEU CD1 HD11 sing N N 187 
LEU CD1 HD12 sing N N 188 
LEU CD1 HD13 sing N N 189 
LEU CD2 HD21 sing N N 190 
LEU CD2 HD22 sing N N 191 
LEU CD2 HD23 sing N N 192 
LEU OXT HXT  sing N N 193 
LYS N   CA   sing N N 194 
LYS N   H    sing N N 195 
LYS N   H2   sing N N 196 
LYS CA  C    sing N N 197 
LYS CA  CB   sing N N 198 
LYS CA  HA   sing N N 199 
LYS C   O    doub N N 200 
LYS C   OXT  sing N N 201 
LYS CB  CG   sing N N 202 
LYS CB  HB2  sing N N 203 
LYS CB  HB3  sing N N 204 
LYS CG  CD   sing N N 205 
LYS CG  HG2  sing N N 206 
LYS CG  HG3  sing N N 207 
LYS CD  CE   sing N N 208 
LYS CD  HD2  sing N N 209 
LYS CD  HD3  sing N N 210 
LYS CE  NZ   sing N N 211 
LYS CE  HE2  sing N N 212 
LYS CE  HE3  sing N N 213 
LYS NZ  HZ1  sing N N 214 
LYS NZ  HZ2  sing N N 215 
LYS NZ  HZ3  sing N N 216 
LYS OXT HXT  sing N N 217 
MET N   CA   sing N N 218 
MET N   H    sing N N 219 
MET N   H2   sing N N 220 
MET CA  C    sing N N 221 
MET CA  CB   sing N N 222 
MET CA  HA   sing N N 223 
MET C   O    doub N N 224 
MET C   OXT  sing N N 225 
MET CB  CG   sing N N 226 
MET CB  HB2  sing N N 227 
MET CB  HB3  sing N N 228 
MET CG  SD   sing N N 229 
MET CG  HG2  sing N N 230 
MET CG  HG3  sing N N 231 
MET SD  CE   sing N N 232 
MET CE  HE1  sing N N 233 
MET CE  HE2  sing N N 234 
MET CE  HE3  sing N N 235 
MET OXT HXT  sing N N 236 
PHE N   CA   sing N N 237 
PHE N   H    sing N N 238 
PHE N   H2   sing N N 239 
PHE CA  C    sing N N 240 
PHE CA  CB   sing N N 241 
PHE CA  HA   sing N N 242 
PHE C   O    doub N N 243 
PHE C   OXT  sing N N 244 
PHE CB  CG   sing N N 245 
PHE CB  HB2  sing N N 246 
PHE CB  HB3  sing N N 247 
PHE CG  CD1  doub Y N 248 
PHE CG  CD2  sing Y N 249 
PHE CD1 CE1  sing Y N 250 
PHE CD1 HD1  sing N N 251 
PHE CD2 CE2  doub Y N 252 
PHE CD2 HD2  sing N N 253 
PHE CE1 CZ   doub Y N 254 
PHE CE1 HE1  sing N N 255 
PHE CE2 CZ   sing Y N 256 
PHE CE2 HE2  sing N N 257 
PHE CZ  HZ   sing N N 258 
PHE OXT HXT  sing N N 259 
PRO N   CA   sing N N 260 
PRO N   CD   sing N N 261 
PRO N   H    sing N N 262 
PRO CA  C    sing N N 263 
PRO CA  CB   sing N N 264 
PRO CA  HA   sing N N 265 
PRO C   O    doub N N 266 
PRO C   OXT  sing N N 267 
PRO CB  CG   sing N N 268 
PRO CB  HB2  sing N N 269 
PRO CB  HB3  sing N N 270 
PRO CG  CD   sing N N 271 
PRO CG  HG2  sing N N 272 
PRO CG  HG3  sing N N 273 
PRO CD  HD2  sing N N 274 
PRO CD  HD3  sing N N 275 
PRO OXT HXT  sing N N 276 
SER N   CA   sing N N 277 
SER N   H    sing N N 278 
SER N   H2   sing N N 279 
SER CA  C    sing N N 280 
SER CA  CB   sing N N 281 
SER CA  HA   sing N N 282 
SER C   O    doub N N 283 
SER C   OXT  sing N N 284 
SER CB  OG   sing N N 285 
SER CB  HB2  sing N N 286 
SER CB  HB3  sing N N 287 
SER OG  HG   sing N N 288 
SER OXT HXT  sing N N 289 
THR N   CA   sing N N 290 
THR N   H    sing N N 291 
THR N   H2   sing N N 292 
THR CA  C    sing N N 293 
THR CA  CB   sing N N 294 
THR CA  HA   sing N N 295 
THR C   O    doub N N 296 
THR C   OXT  sing N N 297 
THR CB  OG1  sing N N 298 
THR CB  CG2  sing N N 299 
THR CB  HB   sing N N 300 
THR OG1 HG1  sing N N 301 
THR CG2 HG21 sing N N 302 
THR CG2 HG22 sing N N 303 
THR CG2 HG23 sing N N 304 
THR OXT HXT  sing N N 305 
TYR N   CA   sing N N 306 
TYR N   H    sing N N 307 
TYR N   H2   sing N N 308 
TYR CA  C    sing N N 309 
TYR CA  CB   sing N N 310 
TYR CA  HA   sing N N 311 
TYR C   O    doub N N 312 
TYR C   OXT  sing N N 313 
TYR CB  CG   sing N N 314 
TYR CB  HB2  sing N N 315 
TYR CB  HB3  sing N N 316 
TYR CG  CD1  doub Y N 317 
TYR CG  CD2  sing Y N 318 
TYR CD1 CE1  sing Y N 319 
TYR CD1 HD1  sing N N 320 
TYR CD2 CE2  doub Y N 321 
TYR CD2 HD2  sing N N 322 
TYR CE1 CZ   doub Y N 323 
TYR CE1 HE1  sing N N 324 
TYR CE2 CZ   sing Y N 325 
TYR CE2 HE2  sing N N 326 
TYR CZ  OH   sing N N 327 
TYR OH  HH   sing N N 328 
TYR OXT HXT  sing N N 329 
VAL N   CA   sing N N 330 
VAL N   H    sing N N 331 
VAL N   H2   sing N N 332 
VAL CA  C    sing N N 333 
VAL CA  CB   sing N N 334 
VAL CA  HA   sing N N 335 
VAL C   O    doub N N 336 
VAL C   OXT  sing N N 337 
VAL CB  CG1  sing N N 338 
VAL CB  CG2  sing N N 339 
VAL CB  HB   sing N N 340 
VAL CG1 HG11 sing N N 341 
VAL CG1 HG12 sing N N 342 
VAL CG1 HG13 sing N N 343 
VAL CG2 HG21 sing N N 344 
VAL CG2 HG22 sing N N 345 
VAL CG2 HG23 sing N N 346 
VAL OXT HXT  sing N N 347 
# 
_atom_sites.entry_id                    3C97 
_atom_sites.fract_transf_matrix[1][1]   -0.02042034 
_atom_sites.fract_transf_matrix[1][2]   0.00589512 
_atom_sites.fract_transf_matrix[1][3]   0.01072682 
_atom_sites.fract_transf_matrix[2][1]   0.00038977 
_atom_sites.fract_transf_matrix[2][2]   0.01151145 
_atom_sites.fract_transf_matrix[2][3]   0.02083640 
_atom_sites.fract_transf_matrix[3][1]   -0.00001440 
_atom_sites.fract_transf_matrix[3][2]   0.00954878 
_atom_sites.fract_transf_matrix[3][3]   -0.00527513 
_atom_sites.fract_transf_vector[1]      0.301087 
_atom_sites.fract_transf_vector[2]      0.214631 
_atom_sites.fract_transf_vector[3]      0.004909 
# 
loop_
_atom_type.symbol 
C 
N 
O 
S 
# 
loop_
_atom_site.group_PDB 
_atom_site.id 
_atom_site.type_symbol 
_atom_site.label_atom_id 
_atom_site.label_alt_id 
_atom_site.label_comp_id 
_atom_site.label_asym_id 
_atom_site.label_entity_id 
_atom_site.label_seq_id 
_atom_site.pdbx_PDB_ins_code 
_atom_site.Cartn_x 
_atom_site.Cartn_y 
_atom_site.Cartn_z 
_atom_site.occupancy 
_atom_site.B_iso_or_equiv 
_atom_site.pdbx_formal_charge 
_atom_site.auth_seq_id 
_atom_site.auth_comp_id 
_atom_site.auth_asym_id 
_atom_site.auth_atom_id 
_atom_site.pdbx_PDB_model_num 
ATOM   1   N N   . PRO A 1 10  ? 20.211  7.318   24.970  1.00 33.19 ? 552 PRO A N   1 
ATOM   2   C CA  . PRO A 1 10  ? 18.936  6.665   24.661  1.00 32.71 ? 552 PRO A CA  1 
ATOM   3   C C   . PRO A 1 10  ? 18.846  6.334   23.181  1.00 31.40 ? 552 PRO A C   1 
ATOM   4   O O   . PRO A 1 10  ? 19.530  6.949   22.378  1.00 30.32 ? 552 PRO A O   1 
ATOM   5   C CB  . PRO A 1 10  ? 17.893  7.702   25.042  1.00 33.65 ? 552 PRO A CB  1 
ATOM   6   C CG  . PRO A 1 10  ? 18.630  9.032   25.046  1.00 34.18 ? 552 PRO A CG  1 
ATOM   7   C CD  . PRO A 1 10  ? 20.069  8.757   25.274  1.00 33.50 ? 552 PRO A CD  1 
ATOM   8   N N   . LEU A 1 11  ? 18.010  5.355   22.865  1.00 30.58 ? 553 LEU A N   1 
ATOM   9   C CA  . LEU A 1 11  ? 17.927  4.804   21.520  1.00 29.02 ? 553 LEU A CA  1 
ATOM   10  C C   . LEU A 1 11  ? 16.604  5.206   20.887  1.00 27.33 ? 553 LEU A C   1 
ATOM   11  O O   . LEU A 1 11  ? 15.545  5.040   21.485  1.00 27.51 ? 553 LEU A O   1 
ATOM   12  C CB  . LEU A 1 11  ? 18.015  3.286   21.633  1.00 29.62 ? 553 LEU A CB  1 
ATOM   13  C CG  . LEU A 1 11  ? 17.672  2.398   20.467  1.00 30.04 ? 553 LEU A CG  1 
ATOM   14  C CD1 . LEU A 1 11  ? 18.783  2.515   19.410  1.00 35.17 ? 553 LEU A CD1 1 
ATOM   15  C CD2 . LEU A 1 11  ? 17.500  0.927   20.940  1.00 32.29 ? 553 LEU A CD2 1 
ATOM   16  N N   . SER A 1 12  ? 16.681  5.707   19.657  1.00 26.16 ? 554 SER A N   1 
ATOM   17  C CA  . SER A 1 12  ? 15.484  6.053   18.911  1.00 25.21 ? 554 SER A CA  1 
ATOM   18  C C   . SER A 1 12  ? 15.456  5.058   17.762  1.00 23.73 ? 554 SER A C   1 
ATOM   19  O O   . SER A 1 12  ? 16.430  4.961   17.023  1.00 24.40 ? 554 SER A O   1 
ATOM   20  C CB  . SER A 1 12  ? 15.633  7.459   18.374  1.00 27.58 ? 554 SER A CB  1 
ATOM   21  O OG  . SER A 1 12  ? 14.451  7.826   17.684  1.00 30.64 ? 554 SER A OG  1 
ATOM   22  N N   . VAL A 1 13  ? 14.366  4.320   17.622  1.00 23.41 ? 555 VAL A N   1 
ATOM   23  C CA  . VAL A 1 13  ? 14.331  3.252   16.618  1.00 23.47 ? 555 VAL A CA  1 
ATOM   24  C C   . VAL A 1 13  ? 13.122  3.427   15.684  1.00 22.91 ? 555 VAL A C   1 
ATOM   25  O O   . VAL A 1 13  ? 12.017  3.681   16.159  1.00 22.41 ? 555 VAL A O   1 
ATOM   26  C CB  . VAL A 1 13  ? 14.240  1.835   17.247  1.00 25.34 ? 555 VAL A CB  1 
ATOM   27  C CG1 . VAL A 1 13  ? 14.260  0.813   16.118  1.00 26.64 ? 555 VAL A CG1 1 
ATOM   28  C CG2 . VAL A 1 13  ? 15.437  1.524   18.107  1.00 28.20 ? 555 VAL A CG2 1 
ATOM   29  N N   . LEU A 1 14  ? 13.345  3.264   14.388  1.00 21.05 ? 556 LEU A N   1 
ATOM   30  C CA  . LEU A 1 14  ? 12.268  3.299   13.391  1.00 20.66 ? 556 LEU A CA  1 
ATOM   31  C C   . LEU A 1 14  ? 12.120  1.867   12.882  1.00 22.10 ? 556 LEU A C   1 
ATOM   32  O O   . LEU A 1 14  ? 13.107  1.251   12.466  1.00 22.01 ? 556 LEU A O   1 
ATOM   33  C CB  . LEU A 1 14  ? 12.710  4.130   12.188  1.00 20.81 ? 556 LEU A CB  1 
ATOM   34  C CG  . LEU A 1 14  ? 11.772  4.257   10.975  1.00 19.15 ? 556 LEU A CG  1 
ATOM   35  C CD1 . LEU A 1 14  ? 10.380  4.783   11.421  1.00 19.46 ? 556 LEU A CD1 1 
ATOM   36  C CD2 . LEU A 1 14  ? 12.412  5.230   9.903   1.00 20.38 ? 556 LEU A CD2 1 
ATOM   37  N N   . ILE A 1 15  ? 10.900  1.346   12.942  1.00 21.24 ? 557 ILE A N   1 
ATOM   38  C CA  . ILE A 1 15  ? 10.597  0.016   12.399  1.00 22.64 ? 557 ILE A CA  1 
ATOM   39  C C   . ILE A 1 15  ? 9.735   0.160   11.167  1.00 22.36 ? 557 ILE A C   1 
ATOM   40  O O   . ILE A 1 15  ? 8.612   0.646   11.270  1.00 22.60 ? 557 ILE A O   1 
ATOM   41  C CB  . ILE A 1 15  ? 9.887   -0.886  13.456  1.00 23.09 ? 557 ILE A CB  1 
ATOM   42  C CG1 . ILE A 1 15  ? 10.794  -1.042  14.702  1.00 23.55 ? 557 ILE A CG1 1 
ATOM   43  C CG2 . ILE A 1 15  ? 9.565   -2.212  12.860  1.00 23.71 ? 557 ILE A CG2 1 
ATOM   44  C CD1 . ILE A 1 15  ? 10.074  -1.690  15.906  1.00 23.59 ? 557 ILE A CD1 1 
ATOM   45  N N   . ALA A 1 16  ? 10.259  -0.249  10.013  1.00 20.07 ? 558 ALA A N   1 
ATOM   46  C CA  . ALA A 1 16  ? 9.503   -0.153  8.747   1.00 19.71 ? 558 ALA A CA  1 
ATOM   47  C C   . ALA A 1 16  ? 9.189   -1.566  8.260   1.00 19.98 ? 558 ALA A C   1 
ATOM   48  O O   . ALA A 1 16  ? 10.056  -2.287  7.795   1.00 20.74 ? 558 ALA A O   1 
ATOM   49  C CB  . ALA A 1 16  ? 10.279  0.683   7.741   1.00 19.41 ? 558 ALA A CB  1 
ATOM   50  N N   . GLU A 1 17  ? 7.923   -1.966  8.423   1.00 21.48 ? 559 GLU A N   1 
ATOM   51  C CA  . GLU A 1 17  ? 7.516   -3.349  8.194   1.00 22.31 ? 559 GLU A CA  1 
ATOM   52  C C   . GLU A 1 17  ? 6.015   -3.368  7.959   1.00 23.64 ? 559 GLU A C   1 
ATOM   53  O O   . GLU A 1 17  ? 5.225   -3.002  8.883   1.00 25.66 ? 559 GLU A O   1 
ATOM   54  C CB  . GLU A 1 17  ? 7.901   -4.148  9.438   1.00 22.07 ? 559 GLU A CB  1 
ATOM   55  C CG  . GLU A 1 17  ? 7.417   -5.555  9.499   1.00 25.71 ? 559 GLU A CG  1 
ATOM   56  C CD  . GLU A 1 17  ? 7.978   -6.349  8.340   1.00 24.89 ? 559 GLU A CD  1 
ATOM   57  O OE1 . GLU A 1 17  ? 8.898   -7.137  8.596   1.00 26.61 ? 559 GLU A OE1 1 
ATOM   58  O OE2 . GLU A 1 17  ? 7.490   -6.174  7.190   1.00 29.22 ? 559 GLU A OE2 1 
ATOM   59  N N   . ASP A 1 18  ? 5.631   -3.808  6.772   1.00 23.39 ? 560 ASP A N   1 
ATOM   60  C CA  . ASP A 1 18  ? 4.145   -3.925  6.489   1.00 23.85 ? 560 ASP A CA  1 
ATOM   61  C C   . ASP A 1 18  ? 3.582   -5.243  7.008   1.00 25.87 ? 560 ASP A C   1 
ATOM   62  O O   . ASP A 1 18  ? 2.384   -5.337  7.232   1.00 26.93 ? 560 ASP A O   1 
ATOM   63  C CB  . ASP A 1 18  ? 3.771   -3.653  5.029   1.00 24.44 ? 560 ASP A CB  1 
ATOM   64  C CG  . ASP A 1 18  ? 4.527   -4.533  4.025   1.00 25.38 ? 560 ASP A CG  1 
ATOM   65  O OD1 . ASP A 1 18  ? 5.513   -5.241  4.406   1.00 27.14 ? 560 ASP A OD1 1 
ATOM   66  O OD2 . ASP A 1 18  ? 4.157   -4.468  2.817   1.00 26.99 ? 560 ASP A OD2 1 
ATOM   67  N N   . ASN A 1 19  ? 4.435   -6.249  7.210   1.00 25.19 ? 561 ASN A N   1 
ATOM   68  C CA  . ASN A 1 19  ? 4.001   -7.534  7.779   1.00 26.71 ? 561 ASN A CA  1 
ATOM   69  C C   . ASN A 1 19  ? 3.640   -7.345  9.239   1.00 26.89 ? 561 ASN A C   1 
ATOM   70  O O   . ASN A 1 19  ? 4.504   -7.134  10.096  1.00 24.82 ? 561 ASN A O   1 
ATOM   71  C CB  . ASN A 1 19  ? 5.069   -8.611  7.558   1.00 27.65 ? 561 ASN A CB  1 
ATOM   72  C CG  . ASN A 1 19  ? 4.680   -9.965  8.128   1.00 30.51 ? 561 ASN A CG  1 
ATOM   73  O OD1 . ASN A 1 19  ? 4.315   -10.087 9.307   1.00 32.83 ? 561 ASN A OD1 1 
ATOM   74  N ND2 . ASN A 1 19  ? 4.771   -10.991 7.301   1.00 34.54 ? 561 ASN A ND2 1 
ATOM   75  N N   . ASP A 1 20  ? 2.344   -7.421  9.506   1.00 27.01 ? 562 ASP A N   1 
ATOM   76  C CA  . ASP A 1 20  ? 1.794   -7.142  10.823  1.00 27.65 ? 562 ASP A CA  1 
ATOM   77  C C   . ASP A 1 20  ? 2.475   -7.965  11.925  1.00 27.52 ? 562 ASP A C   1 
ATOM   78  O O   . ASP A 1 20  ? 2.781   -7.407  12.997  1.00 28.53 ? 562 ASP A O   1 
ATOM   79  C CB  . ASP A 1 20  ? 0.288   -7.459  10.854  1.00 27.71 ? 562 ASP A CB  1 
ATOM   80  C CG  . ASP A 1 20  ? -0.505  -6.602  9.887   1.00 31.47 ? 562 ASP A CG  1 
ATOM   81  O OD1 . ASP A 1 20  ? -0.124  -5.441  9.661   1.00 32.56 ? 562 ASP A OD1 1 
ATOM   82  O OD2 . ASP A 1 20  ? -1.521  -7.110  9.379   1.00 35.12 ? 562 ASP A OD2 1 
ATOM   83  N N   . ILE A 1 21  ? 2.688   -9.253  11.680  1.00 27.59 ? 563 ILE A N   1 
ATOM   84  C CA  . ILE A 1 21  ? 3.280   -10.128 12.724  1.00 26.91 ? 563 ILE A CA  1 
ATOM   85  C C   . ILE A 1 21  ? 4.717   -9.704  13.026  1.00 26.60 ? 563 ILE A C   1 
ATOM   86  O O   . ILE A 1 21  ? 5.077   -9.519  14.200  1.00 25.93 ? 563 ILE A O   1 
ATOM   87  C CB  . ILE A 1 21  ? 3.147   -11.619 12.394  1.00 28.10 ? 563 ILE A CB  1 
ATOM   88  C CG1 . ILE A 1 21  ? 1.646   -11.988 12.479  1.00 29.09 ? 563 ILE A CG1 1 
ATOM   89  C CG2 . ILE A 1 21  ? 3.946   -12.492 13.408  1.00 28.18 ? 563 ILE A CG2 1 
ATOM   90  C CD1 . ILE A 1 21  ? 1.256   -13.298 11.771  1.00 29.08 ? 563 ILE A CD1 1 
ATOM   91  N N   . CYS A 1 22  ? 5.528   -9.530  11.974  1.00 24.98 ? 564 CYS A N   1 
ATOM   92  C CA  . CYS A 1 22  ? 6.923   -9.142  12.190  1.00 26.10 ? 564 CYS A CA  1 
ATOM   93  C C   . CYS A 1 22  ? 6.994   -7.751  12.814  1.00 24.82 ? 564 CYS A C   1 
ATOM   94  O O   . CYS A 1 22  ? 7.898   -7.451  13.607  1.00 23.85 ? 564 CYS A O   1 
ATOM   95  C CB  . CYS A 1 22  ? 7.656   -9.140  10.871  1.00 26.94 ? 564 CYS A CB  1 
ATOM   96  S SG  . CYS A 1 22  ? 7.806   -10.791 10.237  1.00 35.92 ? 564 CYS A SG  1 
ATOM   97  N N   . ARG A 1 23  ? 6.034   -6.883  12.483  1.00 24.92 ? 565 ARG A N   1 
ATOM   98  C CA  . ARG A 1 23  ? 6.084   -5.525  13.044  1.00 26.54 ? 565 ARG A CA  1 
ATOM   99  C C   . ARG A 1 23  ? 5.859   -5.537  14.573  1.00 26.34 ? 565 ARG A C   1 
ATOM   100 O O   . ARG A 1 23  ? 6.562   -4.845  15.360  1.00 25.87 ? 565 ARG A O   1 
ATOM   101 C CB  . ARG A 1 23  ? 5.036   -4.643  12.355  1.00 26.33 ? 565 ARG A CB  1 
ATOM   102 C CG  . ARG A 1 23  ? 5.109   -3.181  12.771  1.00 26.63 ? 565 ARG A CG  1 
ATOM   103 C CD  . ARG A 1 23  ? 4.179   -2.316  11.859  1.00 29.23 ? 565 ARG A CD  1 
ATOM   104 N NE  . ARG A 1 23  ? 2.779   -2.633  12.112  1.00 34.78 ? 565 ARG A NE  1 
ATOM   105 C CZ  . ARG A 1 23  ? 2.032   -3.323  11.259  1.00 35.81 ? 565 ARG A CZ  1 
ATOM   106 N NH1 . ARG A 1 23  ? 2.570   -3.743  10.123  1.00 34.77 ? 565 ARG A NH1 1 
ATOM   107 N NH2 . ARG A 1 23  ? 0.751   -3.587  11.525  1.00 39.05 ? 565 ARG A NH2 1 
ATOM   108 N N   . LEU A 1 24  ? 4.864   -6.309  15.001  1.00 25.61 ? 566 LEU A N   1 
ATOM   109 C CA  . LEU A 1 24  ? 4.548   -6.437  16.417  1.00 27.63 ? 566 LEU A CA  1 
ATOM   110 C C   . LEU A 1 24  ? 5.677   -7.148  17.162  1.00 25.29 ? 566 LEU A C   1 
ATOM   111 O O   . LEU A 1 24  ? 6.066   -6.700  18.231  1.00 27.55 ? 566 LEU A O   1 
ATOM   112 C CB  . LEU A 1 24  ? 3.223   -7.189  16.655  1.00 26.95 ? 566 LEU A CB  1 
ATOM   113 C CG  . LEU A 1 24  ? 1.965   -6.362  16.832  1.00 33.52 ? 566 LEU A CG  1 
ATOM   114 C CD1 . LEU A 1 24  ? 1.508   -5.897  15.468  1.00 32.70 ? 566 LEU A CD1 1 
ATOM   115 C CD2 . LEU A 1 24  ? 0.883   -7.180  17.546  1.00 30.66 ? 566 LEU A CD2 1 
ATOM   116 N N   . VAL A 1 25  ? 6.195   -8.237  16.614  1.00 25.15 ? 567 VAL A N   1 
ATOM   117 C CA  . VAL A 1 25  ? 7.303   -8.936  17.249  1.00 24.48 ? 567 VAL A CA  1 
ATOM   118 C C   . VAL A 1 25  ? 8.517   -8.012  17.430  1.00 24.62 ? 567 VAL A C   1 
ATOM   119 O O   . VAL A 1 25  ? 9.084   -7.974  18.528  1.00 24.80 ? 567 VAL A O   1 
ATOM   120 C CB  . VAL A 1 25  ? 7.711   -10.223 16.507  1.00 24.19 ? 567 VAL A CB  1 
ATOM   121 C CG1 . VAL A 1 25  ? 9.017   -10.832 17.143  1.00 25.26 ? 567 VAL A CG1 1 
ATOM   122 C CG2 . VAL A 1 25  ? 6.587   -11.228 16.519  1.00 23.54 ? 567 VAL A CG2 1 
ATOM   123 N N   . ALA A 1 26  ? 8.856   -7.236  16.395  1.00 24.70 ? 568 ALA A N   1 
ATOM   124 C CA  . ALA A 1 26  ? 10.007  -6.342  16.461  1.00 25.05 ? 568 ALA A CA  1 
ATOM   125 C C   . ALA A 1 26  ? 9.776   -5.240  17.519  1.00 25.42 ? 568 ALA A C   1 
ATOM   126 O O   . ALA A 1 26  ? 10.644  -4.985  18.362  1.00 25.97 ? 568 ALA A O   1 
ATOM   127 C CB  . ALA A 1 26  ? 10.316  -5.760  15.091  1.00 26.10 ? 568 ALA A CB  1 
ATOM   128 N N   . ALA A 1 27  ? 8.596   -4.628  17.497  1.00 23.85 ? 569 ALA A N   1 
ATOM   129 C CA  . ALA A 1 27  ? 8.248   -3.565  18.467  1.00 24.53 ? 569 ALA A CA  1 
ATOM   130 C C   . ALA A 1 27  ? 8.302   -4.136  19.902  1.00 26.12 ? 569 ALA A C   1 
ATOM   131 O O   . ALA A 1 27  ? 8.912   -3.512  20.789  1.00 26.26 ? 569 ALA A O   1 
ATOM   132 C CB  . ALA A 1 27  ? 6.901   -3.017  18.155  1.00 25.64 ? 569 ALA A CB  1 
ATOM   133 N N   . LYS A 1 28  ? 7.740   -5.336  20.118  1.00 25.57 ? 570 LYS A N   1 
ATOM   134 C CA  . LYS A 1 28  ? 7.724   -5.947  21.458  1.00 27.74 ? 570 LYS A CA  1 
ATOM   135 C C   . LYS A 1 28  ? 9.138   -6.211  21.939  1.00 27.17 ? 570 LYS A C   1 
ATOM   136 O O   . LYS A 1 28  ? 9.503   -5.843  23.066  1.00 27.07 ? 570 LYS A O   1 
ATOM   137 C CB  . LYS A 1 28  ? 6.918   -7.238  21.468  1.00 28.90 ? 570 LYS A CB  1 
ATOM   138 C CG  . LYS A 1 28  ? 5.415   -7.002  21.347  1.00 33.14 ? 570 LYS A CG  1 
ATOM   139 C CD  . LYS A 1 28  ? 4.684   -8.341  21.019  1.00 38.97 ? 570 LYS A CD  1 
ATOM   140 C CE  . LYS A 1 28  ? 3.178   -8.142  20.726  1.00 38.01 ? 570 LYS A CE  1 
ATOM   141 N NZ  . LYS A 1 28  ? 2.422   -9.447  20.683  1.00 40.65 ? 570 LYS A NZ  1 
ATOM   142 N N   . ALA A 1 29  ? 9.931   -6.809  21.058  1.00 27.17 ? 571 ALA A N   1 
ATOM   143 C CA  . ALA A 1 29  ? 11.347  -7.131  21.350  1.00 26.96 ? 571 ALA A CA  1 
ATOM   144 C C   . ALA A 1 29  ? 12.071  -5.888  21.866  1.00 27.85 ? 571 ALA A C   1 
ATOM   145 O O   . ALA A 1 29  ? 12.791  -5.990  22.856  1.00 29.44 ? 571 ALA A O   1 
ATOM   146 C CB  . ALA A 1 29  ? 12.024  -7.682  20.113  1.00 28.25 ? 571 ALA A CB  1 
ATOM   147 N N   . LEU A 1 30  ? 11.852  -4.716  21.261  1.00 26.36 ? 572 LEU A N   1 
ATOM   148 C CA  . LEU A 1 30  ? 12.648  -3.540  21.581  1.00 27.43 ? 572 LEU A CA  1 
ATOM   149 C C   . LEU A 1 30  ? 12.012  -2.649  22.663  1.00 28.37 ? 572 LEU A C   1 
ATOM   150 O O   . LEU A 1 30  ? 12.638  -1.740  23.151  1.00 28.77 ? 572 LEU A O   1 
ATOM   151 C CB  . LEU A 1 30  ? 12.974  -2.750  20.306  1.00 27.88 ? 572 LEU A CB  1 
ATOM   152 C CG  . LEU A 1 30  ? 13.673  -3.641  19.268  1.00 27.96 ? 572 LEU A CG  1 
ATOM   153 C CD1 . LEU A 1 30  ? 13.788  -2.744  18.080  1.00 30.23 ? 572 LEU A CD1 1 
ATOM   154 C CD2 . LEU A 1 30  ? 15.035  -3.980  19.818  1.00 28.48 ? 572 LEU A CD2 1 
ATOM   155 N N   . GLU A 1 31  ? 10.765  -2.951  23.035  1.00 29.45 ? 573 GLU A N   1 
ATOM   156 C CA  . GLU A 1 31  ? 10.042  -2.188  24.065  1.00 32.55 ? 573 GLU A CA  1 
ATOM   157 C C   . GLU A 1 31  ? 10.836  -1.949  25.362  1.00 32.76 ? 573 GLU A C   1 
ATOM   158 O O   . GLU A 1 31  ? 10.742  -0.878  25.960  1.00 33.71 ? 573 GLU A O   1 
ATOM   159 C CB  . GLU A 1 31  ? 8.713   -2.876  24.400  1.00 32.59 ? 573 GLU A CB  1 
ATOM   160 C CG  . GLU A 1 31  ? 7.698   -1.954  25.117  1.00 36.73 ? 573 GLU A CG  1 
ATOM   161 C CD  . GLU A 1 31  ? 6.493   -2.731  25.647  1.00 37.16 ? 573 GLU A CD  1 
ATOM   162 O OE1 . GLU A 1 31  ? 6.288   -3.880  25.204  1.00 42.39 ? 573 GLU A OE1 1 
ATOM   163 O OE2 . GLU A 1 31  ? 5.759   -2.213  26.543  1.00 43.10 ? 573 GLU A OE2 1 
ATOM   164 N N   . LYS A 1 32  ? 11.612  -2.927  25.805  1.00 34.09 ? 574 LYS A N   1 
ATOM   165 C CA  . LYS A 1 32  ? 12.328  -2.738  27.073  1.00 35.78 ? 574 LYS A CA  1 
ATOM   166 C C   . LYS A 1 32  ? 13.601  -1.915  26.920  1.00 36.61 ? 574 LYS A C   1 
ATOM   167 O O   . LYS A 1 32  ? 14.134  -1.399  27.912  1.00 36.91 ? 574 LYS A O   1 
ATOM   168 C CB  . LYS A 1 32  ? 12.623  -4.079  27.742  1.00 36.91 ? 574 LYS A CB  1 
ATOM   169 C CG  . LYS A 1 32  ? 13.776  -4.893  27.128  1.00 35.75 ? 574 LYS A CG  1 
ATOM   170 C CD  . LYS A 1 32  ? 14.146  -6.090  28.029  1.00 37.01 ? 574 LYS A CD  1 
ATOM   171 C CE  . LYS A 1 32  ? 15.416  -6.827  27.591  1.00 35.73 ? 574 LYS A CE  1 
ATOM   172 N NZ  . LYS A 1 32  ? 15.723  -7.998  28.527  1.00 33.39 ? 574 LYS A NZ  1 
ATOM   173 N N   . CYS A 1 33  ? 14.109  -1.793  25.694  1.00 35.32 ? 575 CYS A N   1 
ATOM   174 C CA  . CYS A 1 33  ? 15.290  -0.978  25.464  1.00 35.63 ? 575 CYS A CA  1 
ATOM   175 C C   . CYS A 1 33  ? 14.976  0.487   25.324  1.00 35.16 ? 575 CYS A C   1 
ATOM   176 O O   . CYS A 1 33  ? 15.864  1.333   25.510  1.00 34.76 ? 575 CYS A O   1 
ATOM   177 C CB  . CYS A 1 33  ? 16.008  -1.409  24.186  1.00 36.73 ? 575 CYS A CB  1 
ATOM   178 S SG  . CYS A 1 33  ? 16.128  -3.174  24.032  1.00 42.28 ? 575 CYS A SG  1 
ATOM   179 N N   . THR A 1 34  ? 13.747  0.822   24.933  1.00 33.18 ? 576 THR A N   1 
ATOM   180 C CA  . THR A 1 34  ? 13.470  2.222   24.673  1.00 33.98 ? 576 THR A CA  1 
ATOM   181 C C   . THR A 1 34  ? 11.992  2.527   24.523  1.00 33.74 ? 576 THR A C   1 
ATOM   182 O O   . THR A 1 34  ? 11.192  1.650   24.182  1.00 32.83 ? 576 THR A O   1 
ATOM   183 C CB  . THR A 1 34  ? 14.233  2.699   23.426  1.00 33.74 ? 576 THR A CB  1 
ATOM   184 O OG1 . THR A 1 34  ? 14.093  4.117   23.284  1.00 36.04 ? 576 THR A OG1 1 
ATOM   185 C CG2 . THR A 1 34  ? 13.728  1.980   22.159  1.00 35.21 ? 576 THR A CG2 1 
ATOM   186 N N   . ASN A 1 35  ? 11.652  3.784   24.777  1.00 34.60 ? 577 ASN A N   1 
ATOM   187 C CA  . ASN A 1 35  ? 10.296  4.274   24.534  1.00 36.08 ? 577 ASN A CA  1 
ATOM   188 C C   . ASN A 1 35  ? 10.180  4.938   23.189  1.00 36.52 ? 577 ASN A C   1 
ATOM   189 O O   . ASN A 1 35  ? 9.078   5.232   22.698  1.00 37.86 ? 577 ASN A O   1 
ATOM   190 C CB  . ASN A 1 35  ? 9.879   5.241   25.638  1.00 37.30 ? 577 ASN A CB  1 
ATOM   191 C CG  . ASN A 1 35  ? 9.192   4.529   26.767  1.00 39.96 ? 577 ASN A CG  1 
ATOM   192 O OD1 . ASN A 1 35  ? 8.720   5.141   27.731  1.00 44.25 ? 577 ASN A OD1 1 
ATOM   193 N ND2 . ASN A 1 35  ? 9.098   3.219   26.639  1.00 38.77 ? 577 ASN A ND2 1 
ATOM   194 N N   . ASP A 1 36  ? 11.318  5.167   22.564  1.00 34.47 ? 578 ASP A N   1 
ATOM   195 C CA  . ASP A 1 36  ? 11.301  5.930   21.380  1.00 33.81 ? 578 ASP A CA  1 
ATOM   196 C C   . ASP A 1 36  ? 11.263  4.962   20.208  1.00 31.48 ? 578 ASP A C   1 
ATOM   197 O O   . ASP A 1 36  ? 12.278  4.739   19.599  1.00 30.80 ? 578 ASP A O   1 
ATOM   198 C CB  . ASP A 1 36  ? 12.545  6.774   21.332  1.00 34.85 ? 578 ASP A CB  1 
ATOM   199 C CG  . ASP A 1 36  ? 12.291  8.094   20.712  1.00 40.20 ? 578 ASP A CG  1 
ATOM   200 O OD1 . ASP A 1 36  ? 11.769  8.105   19.575  1.00 44.82 ? 578 ASP A OD1 1 
ATOM   201 O OD2 . ASP A 1 36  ? 12.595  9.120   21.359  1.00 45.65 ? 578 ASP A OD2 1 
ATOM   202 N N   . ILE A 1 37  ? 10.096  4.370   19.951  1.00 29.55 ? 579 ILE A N   1 
ATOM   203 C CA  . ILE A 1 37  ? 9.916   3.436   18.818  1.00 27.85 ? 579 ILE A CA  1 
ATOM   204 C C   . ILE A 1 37  ? 8.851   4.037   17.922  1.00 26.91 ? 579 ILE A C   1 
ATOM   205 O O   . ILE A 1 37  ? 7.749   4.299   18.376  1.00 26.81 ? 579 ILE A O   1 
ATOM   206 C CB  . ILE A 1 37  ? 9.500   2.020   19.267  1.00 27.24 ? 579 ILE A CB  1 
ATOM   207 C CG1 . ILE A 1 37  ? 10.546  1.409   20.203  1.00 29.81 ? 579 ILE A CG1 1 
ATOM   208 C CG2 . ILE A 1 37  ? 9.253   1.059   18.084  1.00 27.11 ? 579 ILE A CG2 1 
ATOM   209 C CD1 . ILE A 1 37  ? 10.034  0.139   20.859  1.00 32.13 ? 579 ILE A CD1 1 
ATOM   210 N N   . THR A 1 38  ? 9.190   4.267   16.653  1.00 25.89 ? 580 THR A N   1 
ATOM   211 C CA  . THR A 1 38  ? 8.187   4.723   15.678  1.00 25.04 ? 580 THR A CA  1 
ATOM   212 C C   . THR A 1 38  ? 8.020   3.575   14.688  1.00 24.77 ? 580 THR A C   1 
ATOM   213 O O   . THR A 1 38  ? 9.008   3.021   14.237  1.00 23.63 ? 580 THR A O   1 
ATOM   214 C CB  . THR A 1 38  ? 8.686   5.969   14.947  1.00 26.34 ? 580 THR A CB  1 
ATOM   215 O OG1 . THR A 1 38  ? 8.830   7.055   15.882  1.00 28.54 ? 580 THR A OG1 1 
ATOM   216 C CG2 . THR A 1 38  ? 7.770   6.386   13.764  1.00 26.48 ? 580 THR A CG2 1 
ATOM   217 N N   . VAL A 1 39  ? 6.783   3.240   14.336  1.00 22.19 ? 581 VAL A N   1 
ATOM   218 C CA  . VAL A 1 39  ? 6.524   2.127   13.388  1.00 22.99 ? 581 VAL A CA  1 
ATOM   219 C C   . VAL A 1 39  ? 5.832   2.700   12.134  1.00 23.43 ? 581 VAL A C   1 
ATOM   220 O O   . VAL A 1 39  ? 4.927   3.562   12.248  1.00 22.00 ? 581 VAL A O   1 
ATOM   221 C CB  . VAL A 1 39  ? 5.711   0.942   14.029  1.00 23.29 ? 581 VAL A CB  1 
ATOM   222 C CG1 . VAL A 1 39  ? 6.362   0.496   15.334  1.00 25.78 ? 581 VAL A CG1 1 
ATOM   223 C CG2 . VAL A 1 39  ? 4.259   1.319   14.284  1.00 28.46 ? 581 VAL A CG2 1 
ATOM   224 N N   . VAL A 1 40  ? 6.262   2.232   10.976  1.00 22.18 ? 582 VAL A N   1 
ATOM   225 C CA  . VAL A 1 40  ? 5.657   2.616   9.700   1.00 22.45 ? 582 VAL A CA  1 
ATOM   226 C C   . VAL A 1 40  ? 5.498   1.411   8.789   1.00 22.30 ? 582 VAL A C   1 
ATOM   227 O O   . VAL A 1 40  ? 6.087   0.342   9.029   1.00 20.99 ? 582 VAL A O   1 
ATOM   228 C CB  . VAL A 1 40  ? 6.458   3.702   8.995   1.00 22.11 ? 582 VAL A CB  1 
ATOM   229 C CG1 . VAL A 1 40  ? 6.535   4.971   9.878   1.00 23.07 ? 582 VAL A CG1 1 
ATOM   230 C CG2 . VAL A 1 40  ? 7.880   3.164   8.610   1.00 22.87 ? 582 VAL A CG2 1 
ATOM   231 N N   . THR A 1 41  ? 4.628   1.549   7.770   1.00 21.62 ? 583 THR A N   1 
ATOM   232 C CA  . THR A 1 41  ? 4.230   0.383   7.009   1.00 22.80 ? 583 THR A CA  1 
ATOM   233 C C   . THR A 1 41  ? 4.457   0.533   5.512   1.00 22.48 ? 583 THR A C   1 
ATOM   234 O O   . THR A 1 41  ? 4.056   -0.354  4.716   1.00 21.88 ? 583 THR A O   1 
ATOM   235 C CB  . THR A 1 41  ? 2.726   0.015   7.284   1.00 23.61 ? 583 THR A CB  1 
ATOM   236 O OG1 . THR A 1 41  ? 1.931   1.175   7.043   1.00 25.38 ? 583 THR A OG1 1 
ATOM   237 C CG2 . THR A 1 41  ? 2.583   -0.411  8.718   1.00 26.10 ? 583 THR A CG2 1 
ATOM   238 N N   . ASN A 1 42  ? 5.135   1.616   5.103   1.00 22.27 ? 584 ASN A N   1 
ATOM   239 C CA  . ASN A 1 42  ? 5.665   1.640   3.727   1.00 22.79 ? 584 ASN A CA  1 
ATOM   240 C C   . ASN A 1 42  ? 6.964   2.465   3.587   1.00 22.05 ? 584 ASN A C   1 
ATOM   241 O O   . ASN A 1 42  ? 7.391   3.151   4.544   1.00 21.48 ? 584 ASN A O   1 
ATOM   242 C CB  . ASN A 1 42  ? 4.570   2.057   2.726   1.00 21.29 ? 584 ASN A CB  1 
ATOM   243 C CG  . ASN A 1 42  ? 4.271   3.559   2.756   1.00 25.26 ? 584 ASN A CG  1 
ATOM   244 O OD1 . ASN A 1 42  ? 5.163   4.410   2.943   1.00 26.00 ? 584 ASN A OD1 1 
ATOM   245 N ND2 . ASN A 1 42  ? 3.023   3.898   2.534   1.00 28.06 ? 584 ASN A ND2 1 
ATOM   246 N N   . GLY A 1 43  ? 7.617   2.323   2.429   1.00 22.80 ? 585 GLY A N   1 
ATOM   247 C CA  . GLY A 1 43  ? 8.931   2.958   2.208   1.00 21.86 ? 585 GLY A CA  1 
ATOM   248 C C   . GLY A 1 43  ? 8.875   4.481   2.301   1.00 21.87 ? 585 GLY A C   1 
ATOM   249 O O   . GLY A 1 43  ? 9.735   5.114   2.972   1.00 22.02 ? 585 GLY A O   1 
ATOM   250 N N   . LEU A 1 44  ? 7.861   5.094   1.666   1.00 21.51 ? 586 LEU A N   1 
ATOM   251 C CA  . LEU A 1 44  ? 7.756   6.574   1.700   1.00 23.29 ? 586 LEU A CA  1 
ATOM   252 C C   . LEU A 1 44  ? 7.590   7.045   3.141   1.00 23.36 ? 586 LEU A C   1 
ATOM   253 O O   . LEU A 1 44  ? 8.264   8.002   3.569   1.00 23.19 ? 586 LEU A O   1 
ATOM   254 C CB  . LEU A 1 44  ? 6.610   7.118   0.807   1.00 22.17 ? 586 LEU A CB  1 
ATOM   255 C CG  . LEU A 1 44  ? 6.383   8.642   0.730   1.00 23.92 ? 586 LEU A CG  1 
ATOM   256 C CD1 . LEU A 1 44  ? 7.626   9.507   0.309   1.00 24.80 ? 586 LEU A CD1 1 
ATOM   257 C CD2 . LEU A 1 44  ? 5.181   8.907   -0.233  1.00 25.15 ? 586 LEU A CD2 1 
ATOM   258 N N   . GLN A 1 45  ? 6.727   6.358   3.903   1.00 22.81 ? 587 GLN A N   1 
ATOM   259 C CA  . GLN A 1 45  ? 6.559   6.649   5.325   1.00 21.73 ? 587 GLN A CA  1 
ATOM   260 C C   . GLN A 1 45  ? 7.866   6.589   6.171   1.00 20.54 ? 587 GLN A C   1 
ATOM   261 O O   . GLN A 1 45  ? 8.055   7.468   7.069   1.00 17.93 ? 587 GLN A O   1 
ATOM   262 C CB  . GLN A 1 45  ? 5.490   5.735   5.888   1.00 23.93 ? 587 GLN A CB  1 
ATOM   263 C CG  . GLN A 1 45  ? 4.098   6.195   5.528   1.00 27.52 ? 587 GLN A CG  1 
ATOM   264 C CD  . GLN A 1 45  ? 3.041   5.209   5.977   1.00 32.73 ? 587 GLN A CD  1 
ATOM   265 O OE1 . GLN A 1 45  ? 3.359   4.142   6.487   1.00 37.69 ? 587 GLN A OE1 1 
ATOM   266 N NE2 . GLN A 1 45  ? 1.767   5.583   5.811   1.00 34.31 ? 587 GLN A NE2 1 
ATOM   267 N N   . ALA A 1 46  ? 8.762   5.649   5.841   1.00 18.99 ? 588 ALA A N   1 
ATOM   268 C CA  . ALA A 1 46  ? 10.072  5.488   6.532   1.00 19.43 ? 588 ALA A CA  1 
ATOM   269 C C   . ALA A 1 46  ? 10.872  6.739   6.225   1.00 20.35 ? 588 ALA A C   1 
ATOM   270 O O   . ALA A 1 46  ? 11.362  7.418   7.150   1.00 19.54 ? 588 ALA A O   1 
ATOM   271 C CB  . ALA A 1 46  ? 10.803  4.180   6.057   1.00 18.91 ? 588 ALA A CB  1 
ATOM   272 N N   . LEU A 1 47  ? 10.957  7.098   4.933   1.00 21.15 ? 589 LEU A N   1 
ATOM   273 C CA  . LEU A 1 47  ? 11.685  8.295   4.570   1.00 21.06 ? 589 LEU A CA  1 
ATOM   274 C C   . LEU A 1 47  ? 11.101  9.526   5.292   1.00 21.03 ? 589 LEU A C   1 
ATOM   275 O O   . LEU A 1 47  ? 11.816  10.341  5.870   1.00 20.76 ? 589 LEU A O   1 
ATOM   276 C CB  . LEU A 1 47  ? 11.664  8.528   3.054   1.00 21.79 ? 589 LEU A CB  1 
ATOM   277 C CG  . LEU A 1 47  ? 12.324  9.843   2.626   1.00 23.50 ? 589 LEU A CG  1 
ATOM   278 C CD1 . LEU A 1 47  ? 13.770  9.906   3.088   1.00 23.90 ? 589 LEU A CD1 1 
ATOM   279 C CD2 . LEU A 1 47  ? 12.213  9.911   1.111   1.00 25.13 ? 589 LEU A CD2 1 
ATOM   280 N N   . GLN A 1 48  ? 9.777   9.670   5.248   1.00 19.51 ? 590 GLN A N   1 
ATOM   281 C CA  . GLN A 1 48  ? 9.149   10.837  5.853   1.00 20.37 ? 590 GLN A CA  1 
ATOM   282 C C   . GLN A 1 48  ? 9.407   10.885  7.362   1.00 20.64 ? 590 GLN A C   1 
ATOM   283 O O   . GLN A 1 48  ? 9.723   11.951  7.904   1.00 20.27 ? 590 GLN A O   1 
ATOM   284 C CB  . GLN A 1 48  ? 7.677   10.794  5.546   1.00 21.69 ? 590 GLN A CB  1 
ATOM   285 C CG  . GLN A 1 48  ? 7.414   11.327  4.166   1.00 23.42 ? 590 GLN A CG  1 
ATOM   286 C CD  . GLN A 1 48  ? 5.963   11.091  3.751   1.00 26.46 ? 590 GLN A CD  1 
ATOM   287 O OE1 . GLN A 1 48  ? 5.219   10.353  4.403   1.00 25.32 ? 590 GLN A OE1 1 
ATOM   288 N NE2 . GLN A 1 48  ? 5.583   11.685  2.636   1.00 28.43 ? 590 GLN A NE2 1 
ATOM   289 N N   . ALA A 1 49  ? 9.336   9.725   8.006   1.00 20.06 ? 591 ALA A N   1 
ATOM   290 C CA  . ALA A 1 49  ? 9.641   9.652   9.465   1.00 20.03 ? 591 ALA A CA  1 
ATOM   291 C C   . ALA A 1 49  ? 11.054  10.167  9.727   1.00 19.87 ? 591 ALA A C   1 
ATOM   292 O O   . ALA A 1 49  ? 11.286  10.948  10.679  1.00 20.44 ? 591 ALA A O   1 
ATOM   293 C CB  . ALA A 1 49  ? 9.532   8.224   9.960   1.00 20.02 ? 591 ALA A CB  1 
ATOM   294 N N   . TYR A 1 50  ? 11.976  9.751   8.861   1.00 19.91 ? 592 TYR A N   1 
ATOM   295 C CA  . TYR A 1 50  ? 13.404  10.087  8.980   1.00 19.48 ? 592 TYR A CA  1 
ATOM   296 C C   . TYR A 1 50  ? 13.666  11.591  8.756   1.00 20.57 ? 592 TYR A C   1 
ATOM   297 O O   . TYR A 1 50  ? 14.492  12.180  9.396   1.00 21.84 ? 592 TYR A O   1 
ATOM   298 C CB  . TYR A 1 50  ? 14.251  9.234   8.037   1.00 18.98 ? 592 TYR A CB  1 
ATOM   299 C CG  . TYR A 1 50  ? 15.702  9.169   8.456   1.00 21.44 ? 592 TYR A CG  1 
ATOM   300 C CD1 . TYR A 1 50  ? 16.134  8.352   9.495   1.00 24.03 ? 592 TYR A CD1 1 
ATOM   301 C CD2 . TYR A 1 50  ? 16.652  9.907   7.794   1.00 21.66 ? 592 TYR A CD2 1 
ATOM   302 C CE1 . TYR A 1 50  ? 17.531  8.294   9.855   1.00 20.88 ? 592 TYR A CE1 1 
ATOM   303 C CE2 . TYR A 1 50  ? 18.013  9.841   8.138   1.00 24.45 ? 592 TYR A CE2 1 
ATOM   304 C CZ  . TYR A 1 50  ? 18.442  9.052   9.159   1.00 23.81 ? 592 TYR A CZ  1 
ATOM   305 O OH  . TYR A 1 50  ? 19.792  8.967   9.525   1.00 22.61 ? 592 TYR A OH  1 
ATOM   306 N N   . GLN A 1 51  ? 12.903  12.223  7.875   1.00 19.68 ? 593 GLN A N   1 
ATOM   307 C CA  . GLN A 1 51  ? 13.013  13.652  7.654   1.00 21.35 ? 593 GLN A CA  1 
ATOM   308 C C   . GLN A 1 51  ? 12.534  14.417  8.893   1.00 22.13 ? 593 GLN A C   1 
ATOM   309 O O   . GLN A 1 51  ? 12.948  15.545  9.115   1.00 23.71 ? 593 GLN A O   1 
ATOM   310 C CB  . GLN A 1 51  ? 12.174  14.054  6.489   1.00 21.35 ? 593 GLN A CB  1 
ATOM   311 C CG  . GLN A 1 51  ? 12.756  13.532  5.172   1.00 23.19 ? 593 GLN A CG  1 
ATOM   312 C CD  . GLN A 1 51  ? 11.736  13.670  4.024   1.00 26.31 ? 593 GLN A CD  1 
ATOM   313 O OE1 . GLN A 1 51  ? 10.529  13.907  4.256   1.00 26.48 ? 593 GLN A OE1 1 
ATOM   314 N NE2 . GLN A 1 51  ? 12.209  13.435  2.791   1.00 25.20 ? 593 GLN A NE2 1 
ATOM   315 N N   . ASN A 1 52  ? 11.679  13.762  9.672   1.00 21.23 ? 594 ASN A N   1 
ATOM   316 C CA  . ASN A 1 52  ? 10.997  14.388  10.806  1.00 23.02 ? 594 ASN A CA  1 
ATOM   317 C C   . ASN A 1 52  ? 11.698  14.167  12.150  1.00 22.31 ? 594 ASN A C   1 
ATOM   318 O O   . ASN A 1 52  ? 11.469  14.937  13.118  1.00 22.68 ? 594 ASN A O   1 
ATOM   319 C CB  . ASN A 1 52  ? 9.582   13.785  10.928  1.00 22.89 ? 594 ASN A CB  1 
ATOM   320 C CG  . ASN A 1 52  ? 8.639   14.179  9.753   1.00 28.17 ? 594 ASN A CG  1 
ATOM   321 O OD1 . ASN A 1 52  ? 8.954   15.053  8.926   1.00 27.81 ? 594 ASN A OD1 1 
ATOM   322 N ND2 . ASN A 1 52  ? 7.475   13.515  9.703   1.00 30.63 ? 594 ASN A ND2 1 
ATOM   323 N N   . ARG A 1 53  ? 12.450  13.083  12.260  1.00 22.96 ? 595 ARG A N   1 
ATOM   324 C CA  A ARG A 1 53  ? 13.013  12.639  13.565  0.50 22.62 ? 595 ARG A CA  1 
ATOM   325 C CA  B ARG A 1 53  ? 13.045  12.702  13.565  0.50 23.14 ? 595 ARG A CA  1 
ATOM   326 C C   . ARG A 1 53  ? 14.364  11.978  13.359  1.00 23.24 ? 595 ARG A C   1 
ATOM   327 O O   . ARG A 1 53  ? 14.565  11.297  12.375  1.00 22.48 ? 595 ARG A O   1 
ATOM   328 C CB  A ARG A 1 53  ? 12.044  11.643  14.211  0.50 23.31 ? 595 ARG A CB  1 
ATOM   329 C CB  B ARG A 1 53  ? 12.064  11.830  14.360  0.50 23.61 ? 595 ARG A CB  1 
ATOM   330 C CG  A ARG A 1 53  ? 12.536  10.932  15.496  0.50 23.69 ? 595 ARG A CG  1 
ATOM   331 C CG  B ARG A 1 53  ? 12.352  11.677  15.876  0.50 24.07 ? 595 ARG A CG  1 
ATOM   332 C CD  A ARG A 1 53  ? 11.310  10.465  16.315  0.50 26.20 ? 595 ARG A CD  1 
ATOM   333 C CD  B ARG A 1 53  ? 11.231  10.859  16.561  0.50 25.33 ? 595 ARG A CD  1 
ATOM   334 N NE  A ARG A 1 53  ? 10.405  11.593  16.552  0.50 26.03 ? 595 ARG A NE  1 
ATOM   335 N NE  B ARG A 1 53  ? 11.449  10.757  18.003  0.50 28.31 ? 595 ARG A NE  1 
ATOM   336 C CZ  A ARG A 1 53  ? 10.511  12.428  17.590  0.50 27.37 ? 595 ARG A CZ  1 
ATOM   337 C CZ  B ARG A 1 53  ? 11.125  11.700  18.890  0.50 29.69 ? 595 ARG A CZ  1 
ATOM   338 N NH1 A ARG A 1 53  ? 11.458  12.245  18.505  0.50 28.56 ? 595 ARG A NH1 1 
ATOM   339 N NH1 B ARG A 1 53  ? 10.565  12.843  18.504  0.50 30.66 ? 595 ARG A NH1 1 
ATOM   340 N NH2 A ARG A 1 53  ? 9.666   13.437  17.729  0.50 26.72 ? 595 ARG A NH2 1 
ATOM   341 N NH2 B ARG A 1 53  ? 11.380  11.498  20.176  0.50 33.20 ? 595 ARG A NH2 1 
ATOM   342 N N   . GLN A 1 54  ? 15.282  12.156  14.310  1.00 22.43 ? 596 GLN A N   1 
ATOM   343 C CA  . GLN A 1 54  ? 16.545  11.456  14.235  1.00 23.72 ? 596 GLN A CA  1 
ATOM   344 C C   . GLN A 1 54  ? 16.308  10.050  14.766  1.00 25.13 ? 596 GLN A C   1 
ATOM   345 O O   . GLN A 1 54  ? 15.723  9.849   15.856  1.00 26.93 ? 596 GLN A O   1 
ATOM   346 C CB  . GLN A 1 54  ? 17.592  12.149  15.138  1.00 24.49 ? 596 GLN A CB  1 
ATOM   347 C CG  . GLN A 1 54  ? 17.902  13.547  14.729  1.00 29.17 ? 596 GLN A CG  1 
ATOM   348 C CD  . GLN A 1 54  ? 19.129  14.107  15.442  1.00 32.74 ? 596 GLN A CD  1 
ATOM   349 O OE1 . GLN A 1 54  ? 20.122  13.389  15.638  1.00 35.41 ? 596 GLN A OE1 1 
ATOM   350 N NE2 . GLN A 1 54  ? 19.072  15.402  15.828  1.00 33.56 ? 596 GLN A NE2 1 
ATOM   351 N N   . PHE A 1 55  ? 16.701  9.077   13.989  1.00 24.43 ? 597 PHE A N   1 
ATOM   352 C CA  . PHE A 1 55  ? 16.722  7.706   14.451  1.00 24.36 ? 597 PHE A CA  1 
ATOM   353 C C   . PHE A 1 55  ? 18.149  7.200   14.432  1.00 25.03 ? 597 PHE A C   1 
ATOM   354 O O   . PHE A 1 55  ? 18.868  7.358   13.454  1.00 25.61 ? 597 PHE A O   1 
ATOM   355 C CB  . PHE A 1 55  ? 15.827  6.835   13.565  1.00 23.40 ? 597 PHE A CB  1 
ATOM   356 C CG  . PHE A 1 55  ? 14.361  7.229   13.617  1.00 22.13 ? 597 PHE A CG  1 
ATOM   357 C CD1 . PHE A 1 55  ? 13.546  6.843   14.709  1.00 21.87 ? 597 PHE A CD1 1 
ATOM   358 C CD2 . PHE A 1 55  ? 13.818  8.018   12.618  1.00 25.08 ? 597 PHE A CD2 1 
ATOM   359 C CE1 . PHE A 1 55  ? 12.203  7.211   14.783  1.00 24.44 ? 597 PHE A CE1 1 
ATOM   360 C CE2 . PHE A 1 55  ? 12.468  8.404   12.665  1.00 23.74 ? 597 PHE A CE2 1 
ATOM   361 C CZ  . PHE A 1 55  ? 11.664  8.012   13.757  1.00 24.11 ? 597 PHE A CZ  1 
ATOM   362 N N   . ASP A 1 56  ? 18.540  6.587   15.535  1.00 24.85 ? 598 ASP A N   1 
ATOM   363 C CA  . ASP A 1 56  ? 19.839  5.990   15.715  1.00 25.33 ? 598 ASP A CA  1 
ATOM   364 C C   . ASP A 1 56  ? 19.881  4.645   14.971  1.00 24.63 ? 598 ASP A C   1 
ATOM   365 O O   . ASP A 1 56  ? 20.912  4.248   14.431  1.00 25.06 ? 598 ASP A O   1 
ATOM   366 C CB  . ASP A 1 56  ? 20.001  5.695   17.244  1.00 26.46 ? 598 ASP A CB  1 
ATOM   367 C CG  . ASP A 1 56  ? 19.972  6.976   18.083  1.00 31.59 ? 598 ASP A CG  1 
ATOM   368 O OD1 . ASP A 1 56  ? 20.804  7.868   17.795  1.00 37.55 ? 598 ASP A OD1 1 
ATOM   369 O OD2 . ASP A 1 56  ? 19.102  7.124   18.975  1.00 36.79 ? 598 ASP A OD2 1 
ATOM   370 N N   . VAL A 1 57  ? 18.732  3.954   14.934  1.00 22.64 ? 599 VAL A N   1 
ATOM   371 C CA  . VAL A 1 57  ? 18.685  2.607   14.362  1.00 21.91 ? 599 VAL A CA  1 
ATOM   372 C C   . VAL A 1 57  ? 17.399  2.482   13.548  1.00 20.47 ? 599 VAL A C   1 
ATOM   373 O O   . VAL A 1 57  ? 16.327  2.932   14.006  1.00 21.26 ? 599 VAL A O   1 
ATOM   374 C CB  . VAL A 1 57  ? 18.741  1.476   15.437  1.00 23.24 ? 599 VAL A CB  1 
ATOM   375 C CG1 . VAL A 1 57  ? 18.682  0.122   14.756  1.00 26.63 ? 599 VAL A CG1 1 
ATOM   376 C CG2 . VAL A 1 57  ? 20.056  1.575   16.298  1.00 22.41 ? 599 VAL A CG2 1 
ATOM   377 N N   . ILE A 1 58  ? 17.506  1.833   12.408  1.00 21.39 ? 600 ILE A N   1 
ATOM   378 C CA  . ILE A 1 58  ? 16.323  1.581   11.566  1.00 21.55 ? 600 ILE A CA  1 
ATOM   379 C C   . ILE A 1 58  ? 16.243  0.081   11.327  1.00 21.35 ? 600 ILE A C   1 
ATOM   380 O O   . ILE A 1 58  ? 17.219  -0.539  10.899  1.00 21.19 ? 600 ILE A O   1 
ATOM   381 C CB  . ILE A 1 58  ? 16.434  2.346   10.251  1.00 20.45 ? 600 ILE A CB  1 
ATOM   382 C CG1 . ILE A 1 58  ? 16.519  3.862   10.552  1.00 21.97 ? 600 ILE A CG1 1 
ATOM   383 C CG2 . ILE A 1 58  ? 15.256  2.008   9.336   1.00 23.81 ? 600 ILE A CG2 1 
ATOM   384 C CD1 . ILE A 1 58  ? 16.819  4.762   9.290   1.00 22.82 ? 600 ILE A CD1 1 
ATOM   385 N N   . ILE A 1 59  ? 15.072  -0.513  11.571  1.00 20.36 ? 601 ILE A N   1 
ATOM   386 C CA  . ILE A 1 59  ? 14.875  -1.931  11.285  1.00 21.41 ? 601 ILE A CA  1 
ATOM   387 C C   . ILE A 1 59  ? 13.986  -1.929  10.024  1.00 21.85 ? 601 ILE A C   1 
ATOM   388 O O   . ILE A 1 59  ? 12.845  -1.476  10.073  1.00 22.47 ? 601 ILE A O   1 
ATOM   389 C CB  . ILE A 1 59  ? 14.183  -2.644  12.448  1.00 21.73 ? 601 ILE A CB  1 
ATOM   390 C CG1 . ILE A 1 59  ? 15.110  -2.611  13.690  1.00 26.30 ? 601 ILE A CG1 1 
ATOM   391 C CG2 . ILE A 1 59  ? 13.879  -4.076  12.054  1.00 22.52 ? 601 ILE A CG2 1 
ATOM   392 C CD1 . ILE A 1 59  ? 14.386  -2.976  14.947  1.00 28.33 ? 601 ILE A CD1 1 
ATOM   393 N N   . MET A 1 60  ? 14.545  -2.380  8.914   1.00 21.42 ? 602 MET A N   1 
ATOM   394 C CA  . MET A 1 60  ? 13.883  -2.315  7.604   1.00 22.47 ? 602 MET A CA  1 
ATOM   395 C C   . MET A 1 60  ? 13.627  -3.706  7.034   1.00 23.26 ? 602 MET A C   1 
ATOM   396 O O   . MET A 1 60  ? 14.537  -4.549  6.926   1.00 23.49 ? 602 MET A O   1 
ATOM   397 C CB  . MET A 1 60  ? 14.738  -1.467  6.642   1.00 23.33 ? 602 MET A CB  1 
ATOM   398 C CG  . MET A 1 60  ? 14.289  -1.508  5.201   1.00 25.13 ? 602 MET A CG  1 
ATOM   399 S SD  . MET A 1 60  ? 12.632  -0.736  4.965   1.00 24.30 ? 602 MET A SD  1 
ATOM   400 C CE  . MET A 1 60  ? 13.029  0.840   5.302   1.00 21.77 ? 602 MET A CE  1 
ATOM   401 N N   . ASP A 1 61  ? 12.382  -3.974  6.662   1.00 22.76 ? 603 ASP A N   1 
ATOM   402 C CA  . ASP A 1 61  ? 12.110  -5.229  5.939   1.00 23.99 ? 603 ASP A CA  1 
ATOM   403 C C   . ASP A 1 61  ? 12.509  -4.970  4.521   1.00 25.23 ? 603 ASP A C   1 
ATOM   404 O O   . ASP A 1 61  ? 11.856  -4.175  3.817   1.00 23.96 ? 603 ASP A O   1 
ATOM   405 C CB  . ASP A 1 61  ? 10.611  -5.568  5.994   1.00 25.02 ? 603 ASP A CB  1 
ATOM   406 C CG  . ASP A 1 61  ? 10.333  -6.936  5.404   1.00 28.94 ? 603 ASP A CG  1 
ATOM   407 O OD1 . ASP A 1 61  ? 11.170  -7.401  4.587   1.00 27.41 ? 603 ASP A OD1 1 
ATOM   408 O OD2 . ASP A 1 61  ? 9.331   -7.576  5.790   1.00 37.15 ? 603 ASP A OD2 1 
ATOM   409 N N   . ILE A 1 62  ? 13.600  -5.587  4.079   1.00 24.24 ? 604 ILE A N   1 
ATOM   410 C CA  . ILE A 1 62  ? 14.078  -5.290  2.729   1.00 25.78 ? 604 ILE A CA  1 
ATOM   411 C C   . ILE A 1 62  ? 13.300  -6.051  1.642   1.00 27.24 ? 604 ILE A C   1 
ATOM   412 O O   . ILE A 1 62  ? 13.557  -5.857  0.460   1.00 28.06 ? 604 ILE A O   1 
ATOM   413 C CB  . ILE A 1 62  ? 15.615  -5.460  2.623   1.00 25.90 ? 604 ILE A CB  1 
ATOM   414 C CG1 . ILE A 1 62  ? 16.016  -6.869  3.049   1.00 27.08 ? 604 ILE A CG1 1 
ATOM   415 C CG2 . ILE A 1 62  ? 16.289  -4.375  3.466   1.00 29.47 ? 604 ILE A CG2 1 
ATOM   416 C CD1 . ILE A 1 62  ? 17.544  -7.233  2.718   1.00 27.51 ? 604 ILE A CD1 1 
ATOM   417 N N   . GLN A 1 63  ? 12.366  -6.894  2.067   1.00 26.91 ? 605 GLN A N   1 
ATOM   418 C CA  . GLN A 1 63  ? 11.426  -7.588  1.170   1.00 28.84 ? 605 GLN A CA  1 
ATOM   419 C C   . GLN A 1 63  ? 10.141  -6.760  1.040   1.00 27.93 ? 605 GLN A C   1 
ATOM   420 O O   . GLN A 1 63  ? 9.256   -7.147  0.313   1.00 29.24 ? 605 GLN A O   1 
ATOM   421 C CB  . GLN A 1 63  ? 11.109  -8.975  1.694   1.00 29.53 ? 605 GLN A CB  1 
ATOM   422 C CG  . GLN A 1 63  ? 12.329  -9.961  1.695   1.00 31.91 ? 605 GLN A CG  1 
ATOM   423 C CD  . GLN A 1 63  ? 12.034  -11.330 2.293   1.00 33.15 ? 605 GLN A CD  1 
ATOM   424 O OE1 . GLN A 1 63  ? 11.681  -11.467 3.460   1.00 37.44 ? 605 GLN A OE1 1 
ATOM   425 N NE2 . GLN A 1 63  ? 12.219  -12.360 1.480   1.00 40.81 ? 605 GLN A NE2 1 
ATOM   426 N N   . MET A 1 64  ? 10.023  -5.628  1.755   1.00 27.11 ? 606 MET A N   1 
ATOM   427 C CA  . MET A 1 64  ? 8.784   -4.803  1.708   1.00 26.08 ? 606 MET A CA  1 
ATOM   428 C C   . MET A 1 64  ? 8.653   -4.216  0.308   1.00 27.10 ? 606 MET A C   1 
ATOM   429 O O   . MET A 1 64  ? 9.647   -3.721  -0.262  1.00 25.65 ? 606 MET A O   1 
ATOM   430 C CB  . MET A 1 64  ? 8.818   -3.684  2.796   1.00 25.49 ? 606 MET A CB  1 
ATOM   431 C CG  . MET A 1 64  ? 7.511   -2.876  3.060   1.00 28.46 ? 606 MET A CG  1 
ATOM   432 S SD  . MET A 1 64  ? 7.686   -1.654  4.454   1.00 23.53 ? 606 MET A SD  1 
ATOM   433 C CE  . MET A 1 64  ? 8.731   -0.564  3.557   1.00 25.84 ? 606 MET A CE  1 
ATOM   434 N N   . PRO A 1 65  ? 7.428   -4.217  -0.263  1.00 25.87 ? 607 PRO A N   1 
ATOM   435 C CA  . PRO A 1 65  ? 6.111   -4.567  0.304   1.00 26.95 ? 607 PRO A CA  1 
ATOM   436 C C   . PRO A 1 65  ? 5.770   -6.043  0.194   1.00 27.65 ? 607 PRO A C   1 
ATOM   437 O O   . PRO A 1 65  ? 6.234   -6.682  -0.745  1.00 29.27 ? 607 PRO A O   1 
ATOM   438 C CB  . PRO A 1 65  ? 5.138   -3.746  -0.564  1.00 25.51 ? 607 PRO A CB  1 
ATOM   439 C CG  . PRO A 1 65  ? 5.813   -3.683  -1.930  1.00 26.94 ? 607 PRO A CG  1 
ATOM   440 C CD  . PRO A 1 65  ? 7.333   -3.697  -1.648  1.00 26.56 ? 607 PRO A CD  1 
ATOM   441 N N   . VAL A 1 66  ? 4.926   -6.533  1.107   1.00 29.25 ? 608 VAL A N   1 
ATOM   442 C CA  . VAL A 1 66  ? 4.357   -7.905  1.040   1.00 30.84 ? 608 VAL A CA  1 
ATOM   443 C C   . VAL A 1 66  ? 3.660   -8.058  -0.310  1.00 30.67 ? 608 VAL A C   1 
ATOM   444 O O   . VAL A 1 66  ? 3.756   -9.099  -0.963  1.00 30.75 ? 608 VAL A O   1 
ATOM   445 C CB  . VAL A 1 66  ? 3.272   -8.119  2.137   1.00 31.93 ? 608 VAL A CB  1 
ATOM   446 C CG1 . VAL A 1 66  ? 2.563   -9.479  1.970   1.00 34.13 ? 608 VAL A CG1 1 
ATOM   447 C CG2 . VAL A 1 66  ? 3.890   -7.993  3.531   1.00 34.86 ? 608 VAL A CG2 1 
ATOM   448 N N   . MET A 1 67  ? 2.939   -7.012  -0.699  1.00 28.15 ? 609 MET A N   1 
ATOM   449 C CA  . MET A 1 67  ? 2.251   -7.001  -2.006  1.00 27.92 ? 609 MET A CA  1 
ATOM   450 C C   . MET A 1 67  ? 2.235   -5.579  -2.529  1.00 26.92 ? 609 MET A C   1 
ATOM   451 O O   . MET A 1 67  ? 1.976   -4.655  -1.750  1.00 26.77 ? 609 MET A O   1 
ATOM   452 C CB  . MET A 1 67  ? 0.860   -7.665  -1.918  1.00 28.99 ? 609 MET A CB  1 
ATOM   453 C CG  . MET A 1 67  ? -0.151  -7.076  -0.932  1.00 30.51 ? 609 MET A CG  1 
ATOM   454 S SD  . MET A 1 67  ? -1.726  -7.998  -0.590  1.00 24.35 ? 609 MET A SD  1 
ATOM   455 C CE  . MET A 1 67  ? -1.206  -9.448  0.266   1.00 29.94 ? 609 MET A CE  1 
ATOM   456 N N   . ASP A 1 68  ? 2.606   -5.394  -3.794  1.00 26.07 ? 610 ASP A N   1 
ATOM   457 C CA  . ASP A 1 68  ? 2.520   -4.094  -4.456  1.00 27.00 ? 610 ASP A CA  1 
ATOM   458 C C   . ASP A 1 68  ? 1.081   -3.885  -4.934  1.00 25.63 ? 610 ASP A C   1 
ATOM   459 O O   . ASP A 1 68  ? 0.217   -4.733  -4.639  1.00 25.04 ? 610 ASP A O   1 
ATOM   460 C CB  . ASP A 1 68  ? 3.507   -3.945  -5.638  1.00 27.06 ? 610 ASP A CB  1 
ATOM   461 C CG  . ASP A 1 68  ? 3.314   -5.005  -6.742  1.00 31.02 ? 610 ASP A CG  1 
ATOM   462 O OD1 . ASP A 1 68  ? 2.182   -5.443  -6.982  1.00 30.99 ? 610 ASP A OD1 1 
ATOM   463 O OD2 . ASP A 1 68  ? 4.325   -5.374  -7.406  1.00 34.75 ? 610 ASP A OD2 1 
ATOM   464 N N   . GLY A 1 69  ? 0.840   -2.795  -5.666  1.00 26.01 ? 611 GLY A N   1 
ATOM   465 C CA  . GLY A 1 69  ? -0.557  -2.435  -5.988  1.00 25.97 ? 611 GLY A CA  1 
ATOM   466 C C   . GLY A 1 69  ? -1.217  -3.548  -6.813  1.00 27.66 ? 611 GLY A C   1 
ATOM   467 O O   . GLY A 1 69  ? -2.358  -4.025  -6.513  1.00 26.93 ? 611 GLY A O   1 
ATOM   468 N N   . LEU A 1 70  ? -0.522  -3.945  -7.865  1.00 26.90 ? 612 LEU A N   1 
ATOM   469 C CA  . LEU A 1 70  ? -1.065  -4.971  -8.779  1.00 28.55 ? 612 LEU A CA  1 
ATOM   470 C C   . LEU A 1 70  ? -1.288  -6.315  -8.055  1.00 28.53 ? 612 LEU A C   1 
ATOM   471 O O   . LEU A 1 70  ? -2.307  -6.976  -8.225  1.00 27.62 ? 612 LEU A O   1 
ATOM   472 C CB  . LEU A 1 70  ? -0.179  -5.111  -10.043 1.00 29.48 ? 612 LEU A CB  1 
ATOM   473 C CG  . LEU A 1 70  ? -0.440  -4.097  -11.184 1.00 33.54 ? 612 LEU A CG  1 
ATOM   474 C CD1 . LEU A 1 70  ? 0.563   -4.194  -12.315 1.00 37.90 ? 612 LEU A CD1 1 
ATOM   475 C CD2 . LEU A 1 70  ? -1.893  -4.213  -11.723 1.00 35.41 ? 612 LEU A CD2 1 
ATOM   476 N N   . GLU A 1 71  ? -0.373  -6.696  -7.177  1.00 28.30 ? 613 GLU A N   1 
ATOM   477 C CA  . GLU A 1 71  ? -0.559  -7.899  -6.379  1.00 27.77 ? 613 GLU A CA  1 
ATOM   478 C C   . GLU A 1 71  ? -1.750  -7.805  -5.411  1.00 25.60 ? 613 GLU A C   1 
ATOM   479 O O   . GLU A 1 71  ? -2.445  -8.787  -5.158  1.00 25.42 ? 613 GLU A O   1 
ATOM   480 C CB  . GLU A 1 71  ? 0.731   -8.223  -5.615  1.00 27.21 ? 613 GLU A CB  1 
ATOM   481 C CG  . GLU A 1 71  ? 1.923   -8.537  -6.549  1.00 28.94 ? 613 GLU A CG  1 
ATOM   482 C CD  . GLU A 1 71  ? 3.261   -8.545  -5.811  1.00 31.40 ? 613 GLU A CD  1 
ATOM   483 O OE1 . GLU A 1 71  ? 3.411   -7.809  -4.793  1.00 31.96 ? 613 GLU A OE1 1 
ATOM   484 O OE2 . GLU A 1 71  ? 4.174   -9.290  -6.260  1.00 35.67 ? 613 GLU A OE2 1 
ATOM   485 N N   . ALA A 1 72  ? -1.983  -6.608  -4.854  1.00 24.75 ? 614 ALA A N   1 
ATOM   486 C CA  . ALA A 1 72  ? -3.146  -6.375  -3.988  1.00 24.27 ? 614 ALA A CA  1 
ATOM   487 C C   . ALA A 1 72  ? -4.423  -6.559  -4.778  1.00 24.54 ? 614 ALA A C   1 
ATOM   488 O O   . ALA A 1 72  ? -5.355  -7.168  -4.284  1.00 24.51 ? 614 ALA A O   1 
ATOM   489 C CB  . ALA A 1 72  ? -3.086  -4.931  -3.419  1.00 25.21 ? 614 ALA A CB  1 
ATOM   490 N N   . VAL A 1 73  ? -4.447  -5.999  -5.987  1.00 24.27 ? 615 VAL A N   1 
ATOM   491 C CA  . VAL A 1 73  ? -5.551  -6.250  -6.916  1.00 25.01 ? 615 VAL A CA  1 
ATOM   492 C C   . VAL A 1 73  ? -5.809  -7.743  -7.115  1.00 24.81 ? 615 VAL A C   1 
ATOM   493 O O   . VAL A 1 73  ? -6.950  -8.198  -6.961  1.00 23.13 ? 615 VAL A O   1 
ATOM   494 C CB  . VAL A 1 73  ? -5.333  -5.514  -8.221  1.00 25.30 ? 615 VAL A CB  1 
ATOM   495 C CG1 . VAL A 1 73  ? -6.397  -5.918  -9.266  1.00 25.96 ? 615 VAL A CG1 1 
ATOM   496 C CG2 . VAL A 1 73  ? -5.488  -4.001  -7.923  1.00 25.57 ? 615 VAL A CG2 1 
ATOM   497 N N   . SER A 1 74  ? -4.754  -8.504  -7.386  1.00 25.87 ? 616 SER A N   1 
ATOM   498 C CA  A SER A 1 74  ? -4.890  -9.960  -7.531  0.50 25.81 ? 616 SER A CA  1 
ATOM   499 C CA  B SER A 1 74  ? -4.865  -9.969  -7.522  0.50 25.91 ? 616 SER A CA  1 
ATOM   500 C C   . SER A 1 74  ? -5.530  -10.611 -6.291  1.00 25.81 ? 616 SER A C   1 
ATOM   501 O O   . SER A 1 74  ? -6.407  -11.462 -6.389  1.00 24.53 ? 616 SER A O   1 
ATOM   502 C CB  A SER A 1 74  ? -3.525  -10.589 -7.830  0.50 26.22 ? 616 SER A CB  1 
ATOM   503 C CB  B SER A 1 74  ? -3.478  -10.592 -7.747  0.50 26.36 ? 616 SER A CB  1 
ATOM   504 O OG  A SER A 1 74  ? -3.656  -11.961 -8.155  0.50 26.90 ? 616 SER A OG  1 
ATOM   505 O OG  B SER A 1 74  ? -2.819  -10.033 -8.871  0.50 27.53 ? 616 SER A OG  1 
ATOM   506 N N   . GLU A 1 75  ? -5.108  -10.212 -5.088  1.00 25.01 ? 617 GLU A N   1 
ATOM   507 C CA  . GLU A 1 75  ? -5.633  -10.767 -3.847  1.00 24.77 ? 617 GLU A CA  1 
ATOM   508 C C   . GLU A 1 75  ? -7.083  -10.373 -3.576  1.00 24.10 ? 617 GLU A C   1 
ATOM   509 O O   . GLU A 1 75  ? -7.902  -11.137 -3.034  1.00 24.31 ? 617 GLU A O   1 
ATOM   510 C CB  . GLU A 1 75  ? -4.707  -10.308 -2.707  1.00 25.80 ? 617 GLU A CB  1 
ATOM   511 C CG  . GLU A 1 75  ? -3.273  -10.794 -2.842  1.00 30.21 ? 617 GLU A CG  1 
ATOM   512 C CD  . GLU A 1 75  ? -3.067  -12.253 -2.437  1.00 37.53 ? 617 GLU A CD  1 
ATOM   513 O OE1 . GLU A 1 75  ? -4.017  -12.905 -1.949  1.00 41.01 ? 617 GLU A OE1 1 
ATOM   514 O OE2 . GLU A 1 75  ? -1.917  -12.754 -2.593  1.00 40.90 ? 617 GLU A OE2 1 
ATOM   515 N N   . ILE A 1 76  ? -7.422  -9.155  -3.970  1.00 23.43 ? 618 ILE A N   1 
ATOM   516 C CA  . ILE A 1 76  ? -8.804  -8.716  -3.918  1.00 21.37 ? 618 ILE A CA  1 
ATOM   517 C C   . ILE A 1 76  ? -9.686  -9.551  -4.823  1.00 22.14 ? 618 ILE A C   1 
ATOM   518 O O   . ILE A 1 76  ? -10.719 -10.021 -4.403  1.00 21.37 ? 618 ILE A O   1 
ATOM   519 C CB  . ILE A 1 76  ? -8.921  -7.198  -4.152  1.00 22.41 ? 618 ILE A CB  1 
ATOM   520 C CG1 . ILE A 1 76  ? -8.349  -6.520  -2.893  1.00 21.28 ? 618 ILE A CG1 1 
ATOM   521 C CG2 . ILE A 1 76  ? -10.378 -6.804  -4.419  1.00 23.62 ? 618 ILE A CG2 1 
ATOM   522 C CD1 . ILE A 1 76  ? -7.937  -5.078  -3.095  1.00 24.05 ? 618 ILE A CD1 1 
ATOM   523 N N   . ARG A 1 77  ? -9.217  -9.782  -6.038  1.00 22.00 ? 619 ARG A N   1 
ATOM   524 C CA  . ARG A 1 77  ? -9.952  -10.636 -6.959  1.00 23.45 ? 619 ARG A CA  1 
ATOM   525 C C   . ARG A 1 77  ? -10.068 -12.058 -6.392  1.00 24.66 ? 619 ARG A C   1 
ATOM   526 O O   . ARG A 1 77  ? -11.147 -12.690 -6.482  1.00 23.75 ? 619 ARG A O   1 
ATOM   527 C CB  . ARG A 1 77  ? -9.290  -10.633 -8.334  1.00 24.58 ? 619 ARG A CB  1 
ATOM   528 C CG  . ARG A 1 77  ? -9.380  -9.234  -8.998  1.00 20.92 ? 619 ARG A CG  1 
ATOM   529 C CD  . ARG A 1 77  ? -10.869 -8.797  -9.176  1.00 21.31 ? 619 ARG A CD  1 
ATOM   530 N NE  . ARG A 1 77  ? -10.932 -7.603  -10.049 1.00 24.58 ? 619 ARG A NE  1 
ATOM   531 C CZ  . ARG A 1 77  ? -11.948 -6.731  -10.071 1.00 26.45 ? 619 ARG A CZ  1 
ATOM   532 N NH1 . ARG A 1 77  ? -13.021 -6.886  -9.306  1.00 21.67 ? 619 ARG A NH1 1 
ATOM   533 N NH2 . ARG A 1 77  ? -11.885 -5.680  -10.886 1.00 24.71 ? 619 ARG A NH2 1 
ATOM   534 N N   . ASN A 1 78  ? -8.969  -12.560 -5.817  1.00 25.47 ? 620 ASN A N   1 
ATOM   535 C CA  A ASN A 1 78  ? -8.957  -13.880 -5.163  0.50 26.41 ? 620 ASN A CA  1 
ATOM   536 C CA  B ASN A 1 78  ? -9.009  -13.878 -5.183  0.50 26.43 ? 620 ASN A CA  1 
ATOM   537 C C   . ASN A 1 78  ? -10.050 -13.902 -4.077  1.00 26.12 ? 620 ASN A C   1 
ATOM   538 O O   . ASN A 1 78  ? -10.826 -14.840 -3.971  1.00 26.55 ? 620 ASN A O   1 
ATOM   539 C CB  A ASN A 1 78  ? -7.553  -14.157 -4.597  0.50 27.27 ? 620 ASN A CB  1 
ATOM   540 C CB  B ASN A 1 78  ? -7.645  -14.281 -4.662  0.50 27.09 ? 620 ASN A CB  1 
ATOM   541 C CG  A ASN A 1 78  ? -7.320  -15.625 -4.220  0.50 29.94 ? 620 ASN A CG  1 
ATOM   542 C CG  B ASN A 1 78  ? -6.768  -14.878 -5.729  0.50 30.19 ? 620 ASN A CG  1 
ATOM   543 O OD1 A ASN A 1 78  ? -7.657  -16.536 -4.969  0.50 31.01 ? 620 ASN A OD1 1 
ATOM   544 O OD1 B ASN A 1 78  ? -7.248  -15.318 -6.796  0.50 32.42 ? 620 ASN A OD1 1 
ATOM   545 N ND2 A ASN A 1 78  ? -6.706  -15.846 -3.050  0.50 32.32 ? 620 ASN A ND2 1 
ATOM   546 N ND2 B ASN A 1 78  ? -5.478  -14.930 -5.450  0.50 30.99 ? 620 ASN A ND2 1 
ATOM   547 N N   . TYR A 1 79  ? -10.138 -12.830 -3.286  1.00 24.15 ? 621 TYR A N   1 
ATOM   548 C CA  . TYR A 1 79  ? -11.138 -12.763 -2.258  1.00 23.62 ? 621 TYR A CA  1 
ATOM   549 C C   . TYR A 1 79  ? -12.548 -12.902 -2.820  1.00 22.93 ? 621 TYR A C   1 
ATOM   550 O O   . TYR A 1 79  ? -13.423 -13.614 -2.272  1.00 23.68 ? 621 TYR A O   1 
ATOM   551 C CB  . TYR A 1 79  ? -11.013 -11.432 -1.463  1.00 23.11 ? 621 TYR A CB  1 
ATOM   552 C CG  . TYR A 1 79  ? -12.030 -11.337 -0.339  1.00 24.53 ? 621 TYR A CG  1 
ATOM   553 C CD1 . TYR A 1 79  ? -11.656 -11.538 0.998   1.00 24.23 ? 621 TYR A CD1 1 
ATOM   554 C CD2 . TYR A 1 79  ? -13.379 -11.026 -0.599  1.00 24.73 ? 621 TYR A CD2 1 
ATOM   555 C CE1 . TYR A 1 79  ? -12.617 -11.487 2.029   1.00 22.36 ? 621 TYR A CE1 1 
ATOM   556 C CE2 . TYR A 1 79  ? -14.327 -10.965 0.417   1.00 26.40 ? 621 TYR A CE2 1 
ATOM   557 C CZ  . TYR A 1 79  ? -13.940 -11.168 1.747   1.00 22.50 ? 621 TYR A CZ  1 
ATOM   558 O OH  . TYR A 1 79  ? -14.866 -11.115 2.769   1.00 26.81 ? 621 TYR A OH  1 
ATOM   559 N N   . GLU A 1 80  ? -12.813 -12.173 -3.903  1.00 23.06 ? 622 GLU A N   1 
ATOM   560 C CA  . GLU A 1 80  ? -14.158 -12.166 -4.471  1.00 23.78 ? 622 GLU A CA  1 
ATOM   561 C C   . GLU A 1 80  ? -14.524 -13.566 -4.984  1.00 25.02 ? 622 GLU A C   1 
ATOM   562 O O   . GLU A 1 80  ? -15.699 -13.987 -4.893  1.00 27.36 ? 622 GLU A O   1 
ATOM   563 C CB  . GLU A 1 80  ? -14.215 -11.165 -5.616  1.00 24.94 ? 622 GLU A CB  1 
ATOM   564 C CG  . GLU A 1 80  ? -13.938 -9.746  -5.172  1.00 22.97 ? 622 GLU A CG  1 
ATOM   565 C CD  . GLU A 1 80  ? -13.909 -8.753  -6.347  1.00 24.12 ? 622 GLU A CD  1 
ATOM   566 O OE1 . GLU A 1 80  ? -13.701 -9.172  -7.518  1.00 22.42 ? 622 GLU A OE1 1 
ATOM   567 O OE2 . GLU A 1 80  ? -13.982 -7.553  -6.056  1.00 24.06 ? 622 GLU A OE2 1 
ATOM   568 N N   . ARG A 1 81  ? -13.537 -14.251 -5.519  1.00 26.44 ? 623 ARG A N   1 
ATOM   569 C CA  . ARG A 1 81  ? -13.795 -15.583 -6.111  1.00 28.88 ? 623 ARG A CA  1 
ATOM   570 C C   . ARG A 1 81  ? -14.151 -16.606 -5.030  1.00 30.34 ? 623 ARG A C   1 
ATOM   571 O O   . ARG A 1 81  ? -15.179 -17.330 -5.126  1.00 30.28 ? 623 ARG A O   1 
ATOM   572 C CB  . ARG A 1 81  ? -12.620 -16.085 -6.931  1.00 29.27 ? 623 ARG A CB  1 
ATOM   573 C CG  . ARG A 1 81  ? -12.988 -17.408 -7.671  1.00 32.83 ? 623 ARG A CG  1 
ATOM   574 C CD  . ARG A 1 81  ? -11.831 -18.310 -7.955  1.00 37.13 ? 623 ARG A CD  1 
ATOM   575 N NE  . ARG A 1 81  ? -10.523 -17.690 -7.813  1.00 39.87 ? 623 ARG A NE  1 
ATOM   576 C CZ  . ARG A 1 81  ? -9.576  -18.147 -7.012  1.00 41.27 ? 623 ARG A CZ  1 
ATOM   577 N NH1 . ARG A 1 81  ? -9.767  -19.247 -6.285  1.00 45.31 ? 623 ARG A NH1 1 
ATOM   578 N NH2 . ARG A 1 81  ? -8.417  -17.527 -6.964  1.00 45.13 ? 623 ARG A NH2 1 
ATOM   579 N N   . THR A 1 82  ? -13.333 -16.655 -3.990  1.00 31.33 ? 624 THR A N   1 
ATOM   580 C CA  . THR A 1 82  ? -13.599 -17.630 -2.930  1.00 32.55 ? 624 THR A CA  1 
ATOM   581 C C   . THR A 1 82  ? -14.898 -17.330 -2.193  1.00 32.55 ? 624 THR A C   1 
ATOM   582 O O   . THR A 1 82  ? -15.750 -18.207 -1.992  1.00 32.11 ? 624 THR A O   1 
ATOM   583 C CB  . THR A 1 82  ? -12.434 -17.698 -1.953  1.00 32.62 ? 624 THR A CB  1 
ATOM   584 O OG1 . THR A 1 82  ? -12.266 -16.432 -1.305  1.00 34.29 ? 624 THR A OG1 1 
ATOM   585 C CG2 . THR A 1 82  ? -11.169 -18.003 -2.672  1.00 32.95 ? 624 THR A CG2 1 
ATOM   586 N N   . HIS A 1 83  ? -15.062 -16.074 -1.787  1.00 30.54 ? 625 HIS A N   1 
ATOM   587 C CA  . HIS A 1 83  ? -16.204 -15.706 -0.991  1.00 31.39 ? 625 HIS A CA  1 
ATOM   588 C C   . HIS A 1 83  ? -17.465 -15.608 -1.882  1.00 31.87 ? 625 HIS A C   1 
ATOM   589 O O   . HIS A 1 83  ? -18.579 -15.464 -1.399  1.00 32.03 ? 625 HIS A O   1 
ATOM   590 C CB  . HIS A 1 83  ? -15.872 -14.416 -0.203  1.00 29.62 ? 625 HIS A CB  1 
ATOM   591 C CG  . HIS A 1 83  ? -14.793 -14.579 0.824   1.00 30.58 ? 625 HIS A CG  1 
ATOM   592 N ND1 . HIS A 1 83  ? -13.450 -14.623 0.513   1.00 31.33 ? 625 HIS A ND1 1 
ATOM   593 C CD2 . HIS A 1 83  ? -14.867 -14.700 2.172   1.00 30.36 ? 625 HIS A CD2 1 
ATOM   594 C CE1 . HIS A 1 83  ? -12.744 -14.751 1.622   1.00 35.06 ? 625 HIS A CE1 1 
ATOM   595 N NE2 . HIS A 1 83  ? -13.583 -14.804 2.640   1.00 29.71 ? 625 HIS A NE2 1 
ATOM   596 N N   . ASN A 1 84  ? -17.302 -15.760 -3.203  1.00 33.48 ? 626 ASN A N   1 
ATOM   597 C CA  . ASN A 1 84  ? -18.447 -15.626 -4.121  1.00 33.79 ? 626 ASN A CA  1 
ATOM   598 C C   . ASN A 1 84  ? -19.183 -14.297 -3.957  1.00 34.52 ? 626 ASN A C   1 
ATOM   599 O O   . ASN A 1 84  ? -20.428 -14.256 -3.921  1.00 35.01 ? 626 ASN A O   1 
ATOM   600 C CB  . ASN A 1 84  ? -19.448 -16.812 -3.971  1.00 35.57 ? 626 ASN A CB  1 
ATOM   601 C CG  . ASN A 1 84  ? -20.443 -16.892 -5.128  1.00 38.48 ? 626 ASN A CG  1 
ATOM   602 O OD1 . ASN A 1 84  ? -20.094 -16.645 -6.285  1.00 39.01 ? 626 ASN A OD1 1 
ATOM   603 N ND2 . ASN A 1 84  ? -21.700 -17.217 -4.814  1.00 41.88 ? 626 ASN A ND2 1 
ATOM   604 N N   . THR A 1 85  ? -18.428 -13.198 -3.840  1.00 33.33 ? 627 THR A N   1 
ATOM   605 C CA  . THR A 1 85  ? -19.040 -11.912 -3.510  1.00 33.83 ? 627 THR A CA  1 
ATOM   606 C C   . THR A 1 85  ? -19.198 -11.065 -4.809  1.00 33.81 ? 627 THR A C   1 
ATOM   607 O O   . THR A 1 85  ? -18.702 -11.461 -5.848  1.00 34.74 ? 627 THR A O   1 
ATOM   608 C CB  . THR A 1 85  ? -18.243 -11.167 -2.398  1.00 33.72 ? 627 THR A CB  1 
ATOM   609 O OG1 . THR A 1 85  ? -16.864 -11.110 -2.771  1.00 35.59 ? 627 THR A OG1 1 
ATOM   610 C CG2 . THR A 1 85  ? -18.331 -11.908 -1.067  1.00 34.80 ? 627 THR A CG2 1 
ATOM   611 N N   . LYS A 1 86  ? -19.938 -9.959  -4.737  1.00 34.74 ? 628 LYS A N   1 
ATOM   612 C CA  . LYS A 1 86  ? -20.092 -9.033  -5.861  1.00 34.54 ? 628 LYS A CA  1 
ATOM   613 C C   . LYS A 1 86  ? -18.705 -8.541  -6.257  1.00 34.23 ? 628 LYS A C   1 
ATOM   614 O O   . LYS A 1 86  ? -17.839 -8.326  -5.409  1.00 35.21 ? 628 LYS A O   1 
ATOM   615 C CB  . LYS A 1 86  ? -20.968 -7.838  -5.479  1.00 35.62 ? 628 LYS A CB  1 
ATOM   616 C CG  . LYS A 1 86  ? -20.405 -7.043  -4.313  1.00 36.37 ? 628 LYS A CG  1 
ATOM   617 C CD  . LYS A 1 86  ? -20.518 -5.520  -4.511  1.00 39.52 ? 628 LYS A CD  1 
ATOM   618 C CE  . LYS A 1 86  ? -19.436 -4.805  -3.705  1.00 40.03 ? 628 LYS A CE  1 
ATOM   619 N NZ  . LYS A 1 86  ? -18.113 -4.804  -4.436  1.00 37.71 ? 628 LYS A NZ  1 
ATOM   620 N N   . ARG A 1 87  ? -18.498 -8.418  -7.553  1.00 32.37 ? 629 ARG A N   1 
ATOM   621 C CA  . ARG A 1 87  ? -17.266 -7.936  -8.125  1.00 31.78 ? 629 ARG A CA  1 
ATOM   622 C C   . ARG A 1 87  ? -17.154 -6.397  -7.988  1.00 29.94 ? 629 ARG A C   1 
ATOM   623 O O   . ARG A 1 87  ? -18.020 -5.668  -8.455  1.00 30.38 ? 629 ARG A O   1 
ATOM   624 C CB  . ARG A 1 87  ? -17.268 -8.320  -9.586  1.00 32.22 ? 629 ARG A CB  1 
ATOM   625 C CG  . ARG A 1 87  ? -16.010 -8.009  -10.268 1.00 33.88 ? 629 ARG A CG  1 
ATOM   626 C CD  . ARG A 1 87  ? -16.081 -8.453  -11.729 1.00 37.78 ? 629 ARG A CD  1 
ATOM   627 N NE  . ARG A 1 87  ? -14.759 -8.312  -12.321 1.00 41.35 ? 629 ARG A NE  1 
ATOM   628 C CZ  . ARG A 1 87  ? -13.836 -9.268  -12.323 1.00 44.23 ? 629 ARG A CZ  1 
ATOM   629 N NH1 . ARG A 1 87  ? -14.097 -10.473 -11.804 1.00 44.76 ? 629 ARG A NH1 1 
ATOM   630 N NH2 . ARG A 1 87  ? -12.656 -9.025  -12.867 1.00 44.57 ? 629 ARG A NH2 1 
ATOM   631 N N   . ALA A 1 88  ? -16.092 -5.915  -7.352  1.00 27.92 ? 630 ALA A N   1 
ATOM   632 C CA  . ALA A 1 88  ? -15.882 -4.447  -7.234  1.00 25.07 ? 630 ALA A CA  1 
ATOM   633 C C   . ALA A 1 88  ? -15.373 -3.898  -8.535  1.00 24.46 ? 630 ALA A C   1 
ATOM   634 O O   . ALA A 1 88  ? -14.685 -4.585  -9.273  1.00 24.13 ? 630 ALA A O   1 
ATOM   635 C CB  . ALA A 1 88  ? -14.863 -4.164  -6.156  1.00 24.65 ? 630 ALA A CB  1 
ATOM   636 N N   . SER A 1 89  ? -15.673 -2.640  -8.816  1.00 22.89 ? 631 SER A N   1 
ATOM   637 C CA  . SER A 1 89  ? -15.039 -1.992  -9.961  1.00 22.18 ? 631 SER A CA  1 
ATOM   638 C C   . SER A 1 89  ? -13.678 -1.522  -9.505  1.00 22.47 ? 631 SER A C   1 
ATOM   639 O O   . SER A 1 89  ? -13.593 -0.805  -8.515  1.00 23.48 ? 631 SER A O   1 
ATOM   640 C CB  . SER A 1 89  ? -15.892 -0.812  -10.396 1.00 23.50 ? 631 SER A CB  1 
ATOM   641 O OG  . SER A 1 89  ? -17.129 -1.326  -10.922 1.00 26.98 ? 631 SER A OG  1 
ATOM   642 N N   . ILE A 1 90  ? -12.634 -1.909  -10.212 1.00 21.27 ? 632 ILE A N   1 
ATOM   643 C CA  . ILE A 1 90  ? -11.304 -1.434  -9.839  1.00 21.42 ? 632 ILE A CA  1 
ATOM   644 C C   . ILE A 1 90  ? -10.751 -0.512  -10.915 1.00 21.71 ? 632 ILE A C   1 
ATOM   645 O O   . ILE A 1 90  ? -10.575 -0.908  -12.115 1.00 23.36 ? 632 ILE A O   1 
ATOM   646 C CB  . ILE A 1 90  ? -10.375 -2.599  -9.539  1.00 21.75 ? 632 ILE A CB  1 
ATOM   647 C CG1 . ILE A 1 90  ? -11.001 -3.424  -8.420  1.00 20.35 ? 632 ILE A CG1 1 
ATOM   648 C CG2 . ILE A 1 90  ? -8.957  -2.068  -9.183  1.00 22.91 ? 632 ILE A CG2 1 
ATOM   649 C CD1 . ILE A 1 90  ? -10.117 -4.660  -8.016  1.00 23.86 ? 632 ILE A CD1 1 
ATOM   650 N N   . ILE A 1 91  ? -10.455 0.714   -10.485 1.00 20.21 ? 633 ILE A N   1 
ATOM   651 C CA  . ILE A 1 91  ? -9.983  1.746   -11.385 1.00 22.01 ? 633 ILE A CA  1 
ATOM   652 C C   . ILE A 1 91  ? -8.495  1.939   -11.119 1.00 21.93 ? 633 ILE A C   1 
ATOM   653 O O   . ILE A 1 91  ? -8.105  2.257   -10.001 1.00 22.14 ? 633 ILE A O   1 
ATOM   654 C CB  . ILE A 1 91  ? -10.701 3.072   -11.091 1.00 22.03 ? 633 ILE A CB  1 
ATOM   655 C CG1 . ILE A 1 91  ? -12.238 2.917   -11.281 1.00 24.62 ? 633 ILE A CG1 1 
ATOM   656 C CG2 . ILE A 1 91  ? -10.077 4.205   -11.952 1.00 22.48 ? 633 ILE A CG2 1 
ATOM   657 C CD1 . ILE A 1 91  ? -12.988 4.171   -10.812 1.00 26.17 ? 633 ILE A CD1 1 
ATOM   658 N N   . ALA A 1 92  ? -7.674  1.734   -12.131 1.00 22.90 ? 634 ALA A N   1 
ATOM   659 C CA  . ALA A 1 92  ? -6.230  1.910   -11.968 1.00 22.80 ? 634 ALA A CA  1 
ATOM   660 C C   . ALA A 1 92  ? -5.877  3.363   -12.238 1.00 24.73 ? 634 ALA A C   1 
ATOM   661 O O   . ALA A 1 92  ? -6.355  3.940   -13.237 1.00 26.14 ? 634 ALA A O   1 
ATOM   662 C CB  . ALA A 1 92  ? -5.466  1.024   -12.925 1.00 25.12 ? 634 ALA A CB  1 
ATOM   663 N N   . ILE A 1 93  ? -5.091  3.972   -11.352 1.00 24.97 ? 635 ILE A N   1 
ATOM   664 C CA  . ILE A 1 93  ? -4.499  5.260   -11.669 1.00 26.28 ? 635 ILE A CA  1 
ATOM   665 C C   . ILE A 1 93  ? -2.994  5.038   -11.921 1.00 27.55 ? 635 ILE A C   1 
ATOM   666 O O   . ILE A 1 93  ? -2.354  4.206   -11.281 1.00 25.69 ? 635 ILE A O   1 
ATOM   667 C CB  . ILE A 1 93  ? -4.845  6.367   -10.625 1.00 27.23 ? 635 ILE A CB  1 
ATOM   668 C CG1 . ILE A 1 93  ? -4.300  6.013   -9.265  1.00 25.23 ? 635 ILE A CG1 1 
ATOM   669 C CG2 . ILE A 1 93  ? -6.390  6.547   -10.532 1.00 28.14 ? 635 ILE A CG2 1 
ATOM   670 C CD1 . ILE A 1 93  ? -4.482  7.160   -8.152  1.00 26.89 ? 635 ILE A CD1 1 
ATOM   671 N N   . THR A 1 94  ? -2.447  5.733   -12.914 1.00 28.52 ? 636 THR A N   1 
ATOM   672 C CA  . THR A 1 94  ? -1.066  5.493   -13.296 1.00 30.28 ? 636 THR A CA  1 
ATOM   673 C C   . THR A 1 94  ? -0.503  6.661   -14.068 1.00 31.60 ? 636 THR A C   1 
ATOM   674 O O   . THR A 1 94  ? -1.235  7.356   -14.768 1.00 30.82 ? 636 THR A O   1 
ATOM   675 C CB  . THR A 1 94  ? -0.930  4.236   -14.193 1.00 31.08 ? 636 THR A CB  1 
ATOM   676 O OG1 . THR A 1 94  ? 0.450   4.075   -14.573 1.00 32.48 ? 636 THR A OG1 1 
ATOM   677 C CG2 . THR A 1 94  ? -1.836  4.342   -15.440 1.00 32.56 ? 636 THR A CG2 1 
ATOM   678 N N   . ALA A 1 95  ? 0.811   6.841   -13.955 1.00 33.12 ? 637 ALA A N   1 
ATOM   679 C CA  . ALA A 1 95  ? 1.484   7.907   -14.689 1.00 35.71 ? 637 ALA A CA  1 
ATOM   680 C C   . ALA A 1 95  ? 1.861   7.404   -16.080 1.00 36.93 ? 637 ALA A C   1 
ATOM   681 O O   . ALA A 1 95  ? 2.084   8.217   -16.974 1.00 37.89 ? 637 ALA A O   1 
ATOM   682 C CB  . ALA A 1 95  ? 2.724   8.380   -13.929 1.00 36.25 ? 637 ALA A CB  1 
ATOM   683 N N   . ASP A 1 96  ? 1.922   6.076   -16.253 1.00 38.77 ? 638 ASP A N   1 
ATOM   684 C CA  . ASP A 1 96  ? 2.337   5.446   -17.515 1.00 40.22 ? 638 ASP A CA  1 
ATOM   685 C C   . ASP A 1 96  ? 1.292   5.677   -18.593 1.00 41.08 ? 638 ASP A C   1 
ATOM   686 O O   . ASP A 1 96  ? 0.110   5.869   -18.300 1.00 40.40 ? 638 ASP A O   1 
ATOM   687 C CB  . ASP A 1 96  ? 2.494   3.935   -17.372 1.00 41.13 ? 638 ASP A CB  1 
ATOM   688 C CG  . ASP A 1 96  ? 3.723   3.533   -16.597 1.00 43.39 ? 638 ASP A CG  1 
ATOM   689 O OD1 . ASP A 1 96  ? 4.593   4.401   -16.312 1.00 46.55 ? 638 ASP A OD1 1 
ATOM   690 O OD2 . ASP A 1 96  ? 3.808   2.327   -16.260 1.00 45.90 ? 638 ASP A OD2 1 
ATOM   691 N N   . THR A 1 97  ? 1.742   5.674   -19.844 1.00 41.10 ? 639 THR A N   1 
ATOM   692 C CA  . THR A 1 97  ? 0.839   5.784   -20.980 1.00 42.23 ? 639 THR A CA  1 
ATOM   693 C C   . THR A 1 97  ? 0.003   4.509   -21.065 1.00 42.45 ? 639 THR A C   1 
ATOM   694 O O   . THR A 1 97  ? 0.531   3.415   -20.881 1.00 42.57 ? 639 THR A O   1 
ATOM   695 C CB  . THR A 1 97  ? 1.624   5.969   -22.275 1.00 42.53 ? 639 THR A CB  1 
ATOM   696 O OG1 . THR A 1 97  ? 2.662   4.976   -22.348 1.00 44.44 ? 639 THR A OG1 1 
ATOM   697 C CG2 . THR A 1 97  ? 2.283   7.328   -22.260 1.00 41.88 ? 639 THR A CG2 1 
ATOM   698 N N   . ILE A 1 98  ? -1.290  4.678   -21.305 1.00 42.71 ? 640 ILE A N   1 
ATOM   699 C CA  . ILE A 1 98  ? -2.240  3.563   -21.391 1.00 43.40 ? 640 ILE A CA  1 
ATOM   700 C C   . ILE A 1 98  ? -2.449  3.161   -22.848 1.00 43.61 ? 640 ILE A C   1 
ATOM   701 O O   . ILE A 1 98  ? -3.190  3.812   -23.596 1.00 44.38 ? 640 ILE A O   1 
ATOM   702 C CB  . ILE A 1 98  ? -3.597  3.956   -20.781 1.00 43.72 ? 640 ILE A CB  1 
ATOM   703 C CG1 . ILE A 1 98  ? -3.417  4.406   -19.314 1.00 44.02 ? 640 ILE A CG1 1 
ATOM   704 C CG2 . ILE A 1 98  ? -4.603  2.791   -20.902 1.00 43.81 ? 640 ILE A CG2 1 
ATOM   705 C CD1 . ILE A 1 98  ? -4.340  5.538   -18.883 1.00 40.42 ? 640 ILE A CD1 1 
ATOM   706 N N   . ASP A 1 99  ? -1.793  2.089   -23.251 1.00 43.39 ? 641 ASP A N   1 
ATOM   707 C CA  . ASP A 1 99  ? -1.837  1.657   -24.636 1.00 43.92 ? 641 ASP A CA  1 
ATOM   708 C C   . ASP A 1 99  ? -2.949  0.616   -24.891 1.00 43.02 ? 641 ASP A C   1 
ATOM   709 O O   . ASP A 1 99  ? -3.415  0.451   -26.031 1.00 44.32 ? 641 ASP A O   1 
ATOM   710 C CB  . ASP A 1 99  ? -0.462  1.123   -25.055 1.00 45.08 ? 641 ASP A CB  1 
ATOM   711 C CG  . ASP A 1 99  ? 0.335   0.568   -23.880 1.00 48.29 ? 641 ASP A CG  1 
ATOM   712 O OD1 . ASP A 1 99  ? -0.281  -0.014  -22.944 1.00 50.24 ? 641 ASP A OD1 1 
ATOM   713 O OD2 . ASP A 1 99  ? 1.580   0.716   -23.895 1.00 51.30 ? 641 ASP A OD2 1 
ATOM   714 N N   . ASP A 1 100 ? -3.373  -0.075  -23.838 1.00 40.60 ? 642 ASP A N   1 
ATOM   715 C CA  . ASP A 1 100 ? -4.453  -1.063  -23.952 1.00 37.43 ? 642 ASP A CA  1 
ATOM   716 C C   . ASP A 1 100 ? -5.475  -0.843  -22.838 1.00 36.17 ? 642 ASP A C   1 
ATOM   717 O O   . ASP A 1 100 ? -5.294  -1.323  -21.707 1.00 35.66 ? 642 ASP A O   1 
ATOM   718 C CB  . ASP A 1 100 ? -3.881  -2.481  -23.876 1.00 37.18 ? 642 ASP A CB  1 
ATOM   719 C CG  . ASP A 1 100 ? -4.955  -3.577  -24.040 1.00 35.50 ? 642 ASP A CG  1 
ATOM   720 O OD1 . ASP A 1 100 ? -6.144  -3.243  -24.310 1.00 31.35 ? 642 ASP A OD1 1 
ATOM   721 O OD2 . ASP A 1 100 ? -4.594  -4.768  -23.871 1.00 34.66 ? 642 ASP A OD2 1 
ATOM   722 N N   . ASP A 1 101 ? -6.566  -0.163  -23.168 1.00 33.92 ? 643 ASP A N   1 
ATOM   723 C CA  . ASP A 1 101 ? -7.534  0.207   -22.150 1.00 33.17 ? 643 ASP A CA  1 
ATOM   724 C C   . ASP A 1 101 ? -8.734  -0.754  -22.014 1.00 31.71 ? 643 ASP A C   1 
ATOM   725 O O   . ASP A 1 101 ? -9.742  -0.425  -21.371 1.00 31.59 ? 643 ASP A O   1 
ATOM   726 C CB  . ASP A 1 101 ? -7.974  1.663   -22.342 1.00 34.48 ? 643 ASP A CB  1 
ATOM   727 C CG  . ASP A 1 101 ? -8.895  1.854   -23.514 1.00 36.34 ? 643 ASP A CG  1 
ATOM   728 O OD1 . ASP A 1 101 ? -9.209  0.861   -24.200 1.00 39.92 ? 643 ASP A OD1 1 
ATOM   729 O OD2 . ASP A 1 101 ? -9.329  3.016   -23.716 1.00 40.29 ? 643 ASP A OD2 1 
ATOM   730 N N   . ARG A 1 102 ? -8.621  -1.947  -22.586 1.00 28.03 ? 644 ARG A N   1 
ATOM   731 C CA  . ARG A 1 102 ? -9.649  -2.952  -22.382 1.00 26.62 ? 644 ARG A CA  1 
ATOM   732 C C   . ARG A 1 102 ? -9.635  -3.382  -20.907 1.00 24.95 ? 644 ARG A C   1 
ATOM   733 O O   . ARG A 1 102 ? -8.506  -3.529  -20.297 1.00 25.45 ? 644 ARG A O   1 
ATOM   734 C CB  . ARG A 1 102 ? -9.323  -4.171  -23.207 1.00 25.26 ? 644 ARG A CB  1 
ATOM   735 C CG  . ARG A 1 102 ? -9.546  -4.007  -24.691 1.00 23.81 ? 644 ARG A CG  1 
ATOM   736 C CD  . ARG A 1 102 ? -9.118  -5.304  -25.400 1.00 21.96 ? 644 ARG A CD  1 
ATOM   737 N NE  . ARG A 1 102 ? -7.668  -5.564  -25.205 1.00 24.45 ? 644 ARG A NE  1 
ATOM   738 C CZ  . ARG A 1 102 ? -7.087  -6.728  -25.443 1.00 23.60 ? 644 ARG A CZ  1 
ATOM   739 N NH1 . ARG A 1 102 ? -7.785  -7.766  -25.883 1.00 22.63 ? 644 ARG A NH1 1 
ATOM   740 N NH2 . ARG A 1 102 ? -5.774  -6.861  -25.223 1.00 23.40 ? 644 ARG A NH2 1 
ATOM   741 N N   . PRO A 1 103 ? -10.824 -3.610  -20.320 1.00 24.55 ? 645 PRO A N   1 
ATOM   742 C CA  . PRO A 1 103 ? -10.817 -4.136  -18.963 1.00 25.48 ? 645 PRO A CA  1 
ATOM   743 C C   . PRO A 1 103 ? -10.351 -5.586  -18.986 1.00 25.39 ? 645 PRO A C   1 
ATOM   744 O O   . PRO A 1 103 ? -10.369 -6.220  -20.044 1.00 25.06 ? 645 PRO A O   1 
ATOM   745 C CB  . PRO A 1 103 ? -12.289 -4.055  -18.560 1.00 25.92 ? 645 PRO A CB  1 
ATOM   746 C CG  . PRO A 1 103 ? -13.025 -4.244  -19.814 1.00 26.71 ? 645 PRO A CG  1 
ATOM   747 C CD  . PRO A 1 103 ? -12.213 -3.439  -20.800 1.00 25.74 ? 645 PRO A CD  1 
ATOM   748 N N   . GLY A 1 104 ? -9.915  -6.098  -17.833 1.00 26.25 ? 646 GLY A N   1 
ATOM   749 C CA  . GLY A 1 104 ? -9.494  -7.499  -17.751 1.00 26.84 ? 646 GLY A CA  1 
ATOM   750 C C   . GLY A 1 104 ? -9.757  -8.095  -16.385 1.00 27.77 ? 646 GLY A C   1 
ATOM   751 O O   . GLY A 1 104 ? -10.532 -7.546  -15.604 1.00 28.96 ? 646 GLY A O   1 
ATOM   752 N N   . ALA A 1 105 ? -9.063  -9.175  -16.056 1.00 29.09 ? 647 ALA A N   1 
ATOM   753 C CA  . ALA A 1 105 ? -9.369  -9.822  -14.754 1.00 29.49 ? 647 ALA A CA  1 
ATOM   754 C C   . ALA A 1 105 ? -8.990  -8.892  -13.609 1.00 29.54 ? 647 ALA A C   1 
ATOM   755 O O   . ALA A 1 105 ? -9.663  -8.874  -12.594 1.00 29.50 ? 647 ALA A O   1 
ATOM   756 C CB  . ALA A 1 105 ? -8.676  -11.151 -14.615 1.00 31.36 ? 647 ALA A CB  1 
ATOM   757 N N   . GLU A 1 106 ? -7.921  -8.116  -13.791 1.00 28.01 ? 648 GLU A N   1 
ATOM   758 C CA  . GLU A 1 106 ? -7.455  -7.215  -12.742 1.00 30.09 ? 648 GLU A CA  1 
ATOM   759 C C   . GLU A 1 106 ? -8.254  -5.915  -12.699 1.00 28.27 ? 648 GLU A C   1 
ATOM   760 O O   . GLU A 1 106 ? -8.898  -5.596  -11.697 1.00 28.75 ? 648 GLU A O   1 
ATOM   761 C CB  . GLU A 1 106 ? -5.988  -6.884  -13.000 1.00 29.20 ? 648 GLU A CB  1 
ATOM   762 C CG  . GLU A 1 106 ? -5.029  -7.976  -12.537 1.00 34.43 ? 648 GLU A CG  1 
ATOM   763 C CD  . GLU A 1 106 ? -3.583  -7.687  -12.887 1.00 35.91 ? 648 GLU A CD  1 
ATOM   764 O OE1 . GLU A 1 106 ? -3.312  -6.655  -13.563 1.00 41.91 ? 648 GLU A OE1 1 
ATOM   765 O OE2 . GLU A 1 106 ? -2.716  -8.494  -12.470 1.00 41.04 ? 648 GLU A OE2 1 
ATOM   766 N N   . LEU A 1 107 ? -8.220  -5.169  -13.817 1.00 26.29 ? 649 LEU A N   1 
ATOM   767 C CA  . LEU A 1 107 ? -8.665  -3.745  -13.814 1.00 24.75 ? 649 LEU A CA  1 
ATOM   768 C C   . LEU A 1 107 ? -9.897  -3.473  -14.689 1.00 25.04 ? 649 LEU A C   1 
ATOM   769 O O   . LEU A 1 107 ? -10.050 -4.101  -15.739 1.00 26.34 ? 649 LEU A O   1 
ATOM   770 C CB  . LEU A 1 107 ? -7.520  -2.874  -14.306 1.00 26.22 ? 649 LEU A CB  1 
ATOM   771 C CG  . LEU A 1 107 ? -6.223  -3.011  -13.503 1.00 25.25 ? 649 LEU A CG  1 
ATOM   772 C CD1 . LEU A 1 107 ? -5.146  -2.209  -14.194 1.00 26.43 ? 649 LEU A CD1 1 
ATOM   773 C CD2 . LEU A 1 107 ? -6.504  -2.466  -12.100 1.00 29.35 ? 649 LEU A CD2 1 
ATOM   774 N N   . ASP A 1 108 ? -10.782 -2.583  -14.239 1.00 23.31 ? 650 ASP A N   1 
ATOM   775 C CA  . ASP A 1 108 ? -12.005 -2.240  -14.985 1.00 23.68 ? 650 ASP A CA  1 
ATOM   776 C C   . ASP A 1 108 ? -11.866 -0.974  -15.820 1.00 24.44 ? 650 ASP A C   1 
ATOM   777 O O   . ASP A 1 108 ? -12.562 -0.796  -16.840 1.00 26.14 ? 650 ASP A O   1 
ATOM   778 C CB  . ASP A 1 108 ? -13.173 -2.119  -14.060 1.00 23.92 ? 650 ASP A CB  1 
ATOM   779 C CG  . ASP A 1 108 ? -13.557 -3.469  -13.447 1.00 29.08 ? 650 ASP A CG  1 
ATOM   780 O OD1 . ASP A 1 108 ? -14.095 -4.340  -14.195 1.00 28.73 ? 650 ASP A OD1 1 
ATOM   781 O OD2 . ASP A 1 108 ? -13.253 -3.697  -12.255 1.00 25.10 ? 650 ASP A OD2 1 
ATOM   782 N N   . GLU A 1 109 ? -11.004 -0.073  -15.361 1.00 24.05 ? 651 GLU A N   1 
ATOM   783 C CA  . GLU A 1 109 ? -10.789 1.167   -16.079 1.00 25.83 ? 651 GLU A CA  1 
ATOM   784 C C   . GLU A 1 109 ? -9.449  1.775   -15.716 1.00 26.11 ? 651 GLU A C   1 
ATOM   785 O O   . GLU A 1 109 ? -8.840  1.393   -14.716 1.00 25.45 ? 651 GLU A O   1 
ATOM   786 C CB  . GLU A 1 109 ? -11.898 2.149   -15.694 1.00 27.51 ? 651 GLU A CB  1 
ATOM   787 C CG  . GLU A 1 109 ? -12.996 2.287   -16.771 1.00 34.22 ? 651 GLU A CG  1 
ATOM   788 C CD  . GLU A 1 109 ? -12.523 2.952   -18.092 1.00 42.03 ? 651 GLU A CD  1 
ATOM   789 O OE1 . GLU A 1 109 ? -13.389 3.141   -18.978 1.00 47.41 ? 651 GLU A OE1 1 
ATOM   790 O OE2 . GLU A 1 109 ? -11.318 3.275   -18.291 1.00 42.17 ? 651 GLU A OE2 1 
ATOM   791 N N   . TYR A 1 110 ? -9.024  2.756   -16.508 1.00 26.91 ? 652 TYR A N   1 
ATOM   792 C CA  . TYR A 1 110 ? -7.747  3.448   -16.252 1.00 27.33 ? 652 TYR A CA  1 
ATOM   793 C C   . TYR A 1 110 ? -7.968  4.941   -16.195 1.00 27.93 ? 652 TYR A C   1 
ATOM   794 O O   . TYR A 1 110 ? -8.790  5.474   -16.949 1.00 27.99 ? 652 TYR A O   1 
ATOM   795 C CB  . TYR A 1 110 ? -6.735  3.144   -17.351 1.00 29.92 ? 652 TYR A CB  1 
ATOM   796 C CG  . TYR A 1 110 ? -6.306  1.725   -17.414 1.00 30.17 ? 652 TYR A CG  1 
ATOM   797 C CD1 . TYR A 1 110 ? -5.161  1.308   -16.742 1.00 32.34 ? 652 TYR A CD1 1 
ATOM   798 C CD2 . TYR A 1 110 ? -7.015  0.797   -18.163 1.00 35.30 ? 652 TYR A CD2 1 
ATOM   799 C CE1 . TYR A 1 110 ? -4.727  -0.016  -16.816 1.00 34.90 ? 652 TYR A CE1 1 
ATOM   800 C CE2 . TYR A 1 110 ? -6.609  -0.541  -18.213 1.00 36.58 ? 652 TYR A CE2 1 
ATOM   801 C CZ  . TYR A 1 110 ? -5.466  -0.932  -17.533 1.00 35.47 ? 652 TYR A CZ  1 
ATOM   802 O OH  . TYR A 1 110 ? -5.047  -2.247  -17.577 1.00 36.29 ? 652 TYR A OH  1 
ATOM   803 N N   . VAL A 1 111 ? -7.265  5.621   -15.295 1.00 27.08 ? 653 VAL A N   1 
ATOM   804 C CA  . VAL A 1 111 ? -7.300  7.087   -15.260 1.00 27.38 ? 653 VAL A CA  1 
ATOM   805 C C   . VAL A 1 111 ? -5.859  7.539   -15.130 1.00 28.53 ? 653 VAL A C   1 
ATOM   806 O O   . VAL A 1 111 ? -5.137  7.041   -14.268 1.00 28.58 ? 653 VAL A O   1 
ATOM   807 C CB  . VAL A 1 111 ? -8.197  7.616   -14.123 1.00 26.45 ? 653 VAL A CB  1 
ATOM   808 C CG1 . VAL A 1 111 ? -8.168  9.150   -14.087 1.00 29.33 ? 653 VAL A CG1 1 
ATOM   809 C CG2 . VAL A 1 111 ? -9.635  7.115   -14.255 1.00 26.30 ? 653 VAL A CG2 1 
ATOM   810 N N   . SER A 1 112 ? -5.387  8.431   -16.004 1.00 30.59 ? 654 SER A N   1 
ATOM   811 C CA  . SER A 1 112 ? -3.975  8.784   -15.905 1.00 32.06 ? 654 SER A CA  1 
ATOM   812 C C   . SER A 1 112 ? -3.755  9.854   -14.848 1.00 33.08 ? 654 SER A C   1 
ATOM   813 O O   . SER A 1 112 ? -4.676  10.632  -14.545 1.00 31.67 ? 654 SER A O   1 
ATOM   814 C CB  . SER A 1 112 ? -3.402  9.217   -17.258 1.00 33.43 ? 654 SER A CB  1 
ATOM   815 O OG  . SER A 1 112 ? -4.262  10.140  -17.834 1.00 38.04 ? 654 SER A OG  1 
ATOM   816 N N   . LYS A 1 113 ? -2.554  9.828   -14.257 1.00 33.29 ? 655 LYS A N   1 
ATOM   817 C CA  . LYS A 1 113 ? -2.019  10.945  -13.477 1.00 35.09 ? 655 LYS A CA  1 
ATOM   818 C C   . LYS A 1 113 ? -1.296  11.897  -14.432 1.00 35.86 ? 655 LYS A C   1 
ATOM   819 O O   . LYS A 1 113 ? -0.758  11.442  -15.454 1.00 37.47 ? 655 LYS A O   1 
ATOM   820 C CB  . LYS A 1 113 ? -1.013  10.429  -12.451 1.00 34.32 ? 655 LYS A CB  1 
ATOM   821 C CG  . LYS A 1 113 ? -1.562  9.415   -11.466 1.00 36.63 ? 655 LYS A CG  1 
ATOM   822 C CD  . LYS A 1 113 ? -0.405  9.008   -10.542 1.00 38.06 ? 655 LYS A CD  1 
ATOM   823 C CE  . LYS A 1 113 ? -0.723  7.757   -9.797  1.00 43.05 ? 655 LYS A CE  1 
ATOM   824 N NZ  . LYS A 1 113 ? -0.046  7.717   -8.463  1.00 44.74 ? 655 LYS A NZ  1 
ATOM   825 N N   . PRO A 1 114 ? -1.288  13.212  -14.131 1.00 35.81 ? 656 PRO A N   1 
ATOM   826 C CA  . PRO A 1 114 ? -1.897  13.855  -12.964 1.00 35.46 ? 656 PRO A CA  1 
ATOM   827 C C   . PRO A 1 114 ? -3.421  13.776  -13.005 1.00 34.23 ? 656 PRO A C   1 
ATOM   828 O O   . PRO A 1 114 ? -4.003  14.000  -14.051 1.00 34.46 ? 656 PRO A O   1 
ATOM   829 C CB  . PRO A 1 114 ? -1.437  15.327  -13.086 1.00 35.54 ? 656 PRO A CB  1 
ATOM   830 C CG  . PRO A 1 114 ? -1.213  15.538  -14.550 1.00 37.01 ? 656 PRO A CG  1 
ATOM   831 C CD  . PRO A 1 114 ? -0.649  14.197  -15.027 1.00 36.85 ? 656 PRO A CD  1 
ATOM   832 N N   . LEU A 1 115 ? -4.053  13.538  -11.857 1.00 33.65 ? 657 LEU A N   1 
ATOM   833 C CA  . LEU A 1 115 ? -5.492  13.300  -11.813 1.00 33.16 ? 657 LEU A CA  1 
ATOM   834 C C   . LEU A 1 115 ? -6.312  14.514  -12.185 1.00 33.67 ? 657 LEU A C   1 
ATOM   835 O O   . LEU A 1 115 ? -6.101  15.595  -11.626 1.00 34.31 ? 657 LEU A O   1 
ATOM   836 C CB  . LEU A 1 115 ? -5.946  12.825  -10.433 1.00 32.44 ? 657 LEU A CB  1 
ATOM   837 C CG  . LEU A 1 115 ? -5.405  11.491  -9.922  1.00 33.43 ? 657 LEU A CG  1 
ATOM   838 C CD1 . LEU A 1 115 ? -5.879  11.232  -8.502  1.00 33.12 ? 657 LEU A CD1 1 
ATOM   839 C CD2 . LEU A 1 115 ? -5.778  10.342  -10.894 1.00 32.23 ? 657 LEU A CD2 1 
ATOM   840 N N   . ASN A 1 116 ? -7.248  14.330  -13.104 1.00 33.20 ? 658 ASN A N   1 
ATOM   841 C CA  . ASN A 1 116 ? -8.297  15.314  -13.341 1.00 34.45 ? 658 ASN A CA  1 
ATOM   842 C C   . ASN A 1 116 ? -9.509  14.925  -12.500 1.00 33.46 ? 658 ASN A C   1 
ATOM   843 O O   . ASN A 1 116 ? -10.164 13.900  -12.801 1.00 32.95 ? 658 ASN A O   1 
ATOM   844 C CB  . ASN A 1 116 ? -8.615  15.329  -14.836 1.00 35.15 ? 658 ASN A CB  1 
ATOM   845 C CG  . ASN A 1 116 ? -9.891  16.103  -15.185 1.00 37.44 ? 658 ASN A CG  1 
ATOM   846 O OD1 . ASN A 1 116 ? -10.774 16.344  -14.349 1.00 39.84 ? 658 ASN A OD1 1 
ATOM   847 N ND2 . ASN A 1 116 ? -9.998  16.472  -16.453 1.00 44.11 ? 658 ASN A ND2 1 
ATOM   848 N N   . PRO A 1 117 ? -9.821  15.716  -11.434 1.00 34.37 ? 659 PRO A N   1 
ATOM   849 C CA  . PRO A 1 117 ? -10.939 15.383  -10.550 1.00 33.14 ? 659 PRO A CA  1 
ATOM   850 C C   . PRO A 1 117 ? -12.228 15.034  -11.297 1.00 33.67 ? 659 PRO A C   1 
ATOM   851 O O   . PRO A 1 117 ? -12.923 14.083  -10.916 1.00 32.40 ? 659 PRO A O   1 
ATOM   852 C CB  . PRO A 1 117 ? -11.156 16.678  -9.758  1.00 34.36 ? 659 PRO A CB  1 
ATOM   853 C CG  . PRO A 1 117 ? -9.786  17.254  -9.632  1.00 33.86 ? 659 PRO A CG  1 
ATOM   854 C CD  . PRO A 1 117 ? -9.137  16.956  -10.990 1.00 33.99 ? 659 PRO A CD  1 
ATOM   855 N N   . ASN A 1 118 ? -12.571 15.837  -12.301 1.00 32.78 ? 660 ASN A N   1 
ATOM   856 C CA  . ASN A 1 118 ? -13.802 15.652  -13.053 1.00 33.97 ? 660 ASN A CA  1 
ATOM   857 C C   . ASN A 1 118 ? -13.812 14.287  -13.708 1.00 32.52 ? 660 ASN A C   1 
ATOM   858 O O   . ASN A 1 118 ? -14.808 13.591  -13.652 1.00 34.32 ? 660 ASN A O   1 
ATOM   859 C CB  . ASN A 1 118 ? -13.935 16.727  -14.129 1.00 35.20 ? 660 ASN A CB  1 
ATOM   860 C CG  . ASN A 1 118 ? -14.233 18.078  -13.557 1.00 39.11 ? 660 ASN A CG  1 
ATOM   861 O OD1 . ASN A 1 118 ? -15.077 18.226  -12.654 1.00 42.85 ? 660 ASN A OD1 1 
ATOM   862 N ND2 . ASN A 1 118 ? -13.560 19.100  -14.098 1.00 45.82 ? 660 ASN A ND2 1 
ATOM   863 N N   . GLN A 1 119 ? -12.700 13.936  -14.348 1.00 32.45 ? 661 GLN A N   1 
ATOM   864 C CA  . GLN A 1 119 ? -12.585 12.656  -15.029 1.00 30.98 ? 661 GLN A CA  1 
ATOM   865 C C   . GLN A 1 119 ? -12.717 11.503  -14.038 1.00 30.03 ? 661 GLN A C   1 
ATOM   866 O O   . GLN A 1 119 ? -13.462 10.537  -14.278 1.00 29.75 ? 661 GLN A O   1 
ATOM   867 C CB  . GLN A 1 119 ? -11.229 12.552  -15.703 1.00 31.84 ? 661 GLN A CB  1 
ATOM   868 C CG  . GLN A 1 119 ? -11.190 11.393  -16.674 1.00 35.41 ? 661 GLN A CG  1 
ATOM   869 C CD  . GLN A 1 119 ? -9.840  11.143  -17.271 1.00 38.60 ? 661 GLN A CD  1 
ATOM   870 O OE1 . GLN A 1 119 ? -8.814  11.559  -16.749 1.00 40.56 ? 661 GLN A OE1 1 
ATOM   871 N NE2 . GLN A 1 119 ? -9.833  10.419  -18.378 1.00 43.02 ? 661 GLN A NE2 1 
ATOM   872 N N   . LEU A 1 120 ? -11.983 11.598  -12.940 1.00 26.83 ? 662 LEU A N   1 
ATOM   873 C CA  . LEU A 1 120 ? -12.027 10.530  -11.925 1.00 26.95 ? 662 LEU A CA  1 
ATOM   874 C C   . LEU A 1 120 ? -13.447 10.329  -11.400 1.00 26.41 ? 662 LEU A C   1 
ATOM   875 O O   . LEU A 1 120 ? -13.892 9.192   -11.223 1.00 25.90 ? 662 LEU A O   1 
ATOM   876 C CB  . LEU A 1 120 ? -11.092 10.873  -10.749 1.00 26.34 ? 662 LEU A CB  1 
ATOM   877 C CG  . LEU A 1 120 ? -10.850 9.761   -9.707  1.00 25.82 ? 662 LEU A CG  1 
ATOM   878 C CD1 . LEU A 1 120 ? -10.306 8.435   -10.278 1.00 27.56 ? 662 LEU A CD1 1 
ATOM   879 C CD2 . LEU A 1 120 ? -9.961  10.228  -8.528  1.00 28.87 ? 662 LEU A CD2 1 
ATOM   880 N N   . ARG A 1 121 ? -14.160 11.419  -11.098 1.00 27.07 ? 663 ARG A N   1 
ATOM   881 C CA  . ARG A 1 121 ? -15.540 11.277  -10.610 1.00 28.58 ? 663 ARG A CA  1 
ATOM   882 C C   . ARG A 1 121 ? -16.425 10.572  -11.625 1.00 28.70 ? 663 ARG A C   1 
ATOM   883 O O   . ARG A 1 121 ? -17.239 9.715   -11.260 1.00 27.77 ? 663 ARG A O   1 
ATOM   884 C CB  . ARG A 1 121 ? -16.165 12.636  -10.334 1.00 29.38 ? 663 ARG A CB  1 
ATOM   885 C CG  . ARG A 1 121 ? -16.026 13.060  -8.928  1.00 30.77 ? 663 ARG A CG  1 
ATOM   886 C CD  . ARG A 1 121 ? -17.007 14.183  -8.605  1.00 34.11 ? 663 ARG A CD  1 
ATOM   887 N NE  . ARG A 1 121 ? -16.694 15.303  -9.476  1.00 33.56 ? 663 ARG A NE  1 
ATOM   888 C CZ  . ARG A 1 121 ? -15.775 16.210  -9.191  1.00 37.88 ? 663 ARG A CZ  1 
ATOM   889 N NH1 . ARG A 1 121 ? -15.103 16.145  -8.043  1.00 36.92 ? 663 ARG A NH1 1 
ATOM   890 N NH2 . ARG A 1 121 ? -15.530 17.187  -10.041 1.00 39.54 ? 663 ARG A NH2 1 
ATOM   891 N N   . ASP A 1 122 ? -16.299 11.002  -12.878 1.00 27.91 ? 664 ASP A N   1 
ATOM   892 C CA  . ASP A 1 122 ? -17.102 10.500  -13.990 1.00 29.68 ? 664 ASP A CA  1 
ATOM   893 C C   . ASP A 1 122 ? -16.877 9.015   -14.116 1.00 28.13 ? 664 ASP A C   1 
ATOM   894 O O   . ASP A 1 122 ? -17.829 8.247   -14.217 1.00 27.56 ? 664 ASP A O   1 
ATOM   895 C CB  . ASP A 1 122 ? -16.680 11.146  -15.293 1.00 31.69 ? 664 ASP A CB  1 
ATOM   896 C CG  . ASP A 1 122 ? -17.366 12.493  -15.553 1.00 36.70 ? 664 ASP A CG  1 
ATOM   897 O OD1 . ASP A 1 122 ? -18.130 12.989  -14.684 1.00 42.21 ? 664 ASP A OD1 1 
ATOM   898 O OD2 . ASP A 1 122 ? -17.127 13.042  -16.660 1.00 42.04 ? 664 ASP A OD2 1 
ATOM   899 N N   . VAL A 1 123 ? -15.608 8.625   -14.120 1.00 25.93 ? 665 VAL A N   1 
ATOM   900 C CA  . VAL A 1 123 ? -15.285 7.207   -14.240 1.00 26.23 ? 665 VAL A CA  1 
ATOM   901 C C   . VAL A 1 123 ? -15.834 6.437   -13.009 1.00 26.22 ? 665 VAL A C   1 
ATOM   902 O O   . VAL A 1 123 ? -16.427 5.352   -13.137 1.00 25.10 ? 665 VAL A O   1 
ATOM   903 C CB  . VAL A 1 123 ? -13.765 6.977   -14.429 1.00 26.72 ? 665 VAL A CB  1 
ATOM   904 C CG1 . VAL A 1 123 ? -13.472 5.485   -14.370 1.00 27.49 ? 665 VAL A CG1 1 
ATOM   905 C CG2 . VAL A 1 123 ? -13.273 7.563   -15.774 1.00 26.78 ? 665 VAL A CG2 1 
ATOM   906 N N   . VAL A 1 124 ? -15.639 6.977   -11.804 1.00 25.43 ? 666 VAL A N   1 
ATOM   907 C CA  . VAL A 1 124 ? -16.136 6.282   -10.613 1.00 25.05 ? 666 VAL A CA  1 
ATOM   908 C C   . VAL A 1 124 ? -17.664 6.104   -10.645 1.00 26.03 ? 666 VAL A C   1 
ATOM   909 O O   . VAL A 1 124 ? -18.210 5.014   -10.353 1.00 25.64 ? 666 VAL A O   1 
ATOM   910 C CB  . VAL A 1 124 ? -15.678 7.043   -9.353  1.00 25.42 ? 666 VAL A CB  1 
ATOM   911 C CG1 . VAL A 1 124 ? -16.440 6.582   -8.100  1.00 24.45 ? 666 VAL A CG1 1 
ATOM   912 C CG2 . VAL A 1 124 ? -14.155 6.888   -9.177  1.00 24.16 ? 666 VAL A CG2 1 
ATOM   913 N N   . LEU A 1 125 ? -18.372 7.161   -11.009 1.00 26.26 ? 667 LEU A N   1 
ATOM   914 C CA  . LEU A 1 125 ? -19.831 7.072   -10.969 1.00 26.33 ? 667 LEU A CA  1 
ATOM   915 C C   . LEU A 1 125 ? -20.316 6.120   -12.078 1.00 26.22 ? 667 LEU A C   1 
ATOM   916 O O   . LEU A 1 125 ? -21.327 5.416   -11.909 1.00 26.43 ? 667 LEU A O   1 
ATOM   917 C CB  . LEU A 1 125 ? -20.451 8.448   -11.131 1.00 27.71 ? 667 LEU A CB  1 
ATOM   918 C CG  . LEU A 1 125 ? -20.192 9.345   -9.925  1.00 27.22 ? 667 LEU A CG  1 
ATOM   919 C CD1 . LEU A 1 125 ? -20.687 10.792  -10.216 1.00 30.70 ? 667 LEU A CD1 1 
ATOM   920 C CD2 . LEU A 1 125 ? -20.828 8.701   -8.655  1.00 27.29 ? 667 LEU A CD2 1 
ATOM   921 N N   . THR A 1 126 ? -19.606 6.075   -13.199 1.00 25.00 ? 668 THR A N   1 
ATOM   922 C CA  . THR A 1 126 ? -20.042 5.192   -14.283 1.00 25.77 ? 668 THR A CA  1 
ATOM   923 C C   . THR A 1 126 ? -19.833 3.730   -13.902 1.00 27.28 ? 668 THR A C   1 
ATOM   924 O O   . THR A 1 126 ? -20.710 2.900   -14.119 1.00 29.02 ? 668 THR A O   1 
ATOM   925 C CB  . THR A 1 126 ? -19.319 5.513   -15.584 1.00 25.04 ? 668 THR A CB  1 
ATOM   926 O OG1 . THR A 1 126 ? -19.605 6.883   -15.929 1.00 26.60 ? 668 THR A OG1 1 
ATOM   927 C CG2 . THR A 1 126 ? -19.799 4.607   -16.745 1.00 26.09 ? 668 THR A CG2 1 
ATOM   928 N N   . CYS A 1 127 ? -18.678 3.426   -13.309 1.00 27.78 ? 669 CYS A N   1 
ATOM   929 C CA  . CYS A 1 127 ? -18.405 2.044   -12.875 1.00 29.38 ? 669 CYS A CA  1 
ATOM   930 C C   . CYS A 1 127 ? -19.467 1.636   -11.833 1.00 28.79 ? 669 CYS A C   1 
ATOM   931 O O   . CYS A 1 127 ? -19.999 0.521   -11.874 1.00 29.84 ? 669 CYS A O   1 
ATOM   932 C CB  . CYS A 1 127 ? -17.000 1.960   -12.254 1.00 28.08 ? 669 CYS A CB  1 
ATOM   933 S SG  . CYS A 1 127 ? -15.713 2.075   -13.487 1.00 34.84 ? 669 CYS A SG  1 
ATOM   934 N N   . HIS A 1 128 ? -19.781 2.545   -10.928 1.00 30.50 ? 670 HIS A N   1 
ATOM   935 C CA  . HIS A 1 128 ? -20.750 2.260   -9.843  1.00 31.37 ? 670 HIS A CA  1 
ATOM   936 C C   . HIS A 1 128 ? -22.113 1.949   -10.445 1.00 32.27 ? 670 HIS A C   1 
ATOM   937 O O   . HIS A 1 128 ? -22.826 1.047   -9.983  1.00 31.44 ? 670 HIS A O   1 
ATOM   938 C CB  . HIS A 1 128 ? -20.832 3.457   -8.882  1.00 31.91 ? 670 HIS A CB  1 
ATOM   939 C CG  . HIS A 1 128 ? -21.804 3.279   -7.755  1.00 34.40 ? 670 HIS A CG  1 
ATOM   940 N ND1 . HIS A 1 128 ? -21.830 2.150   -6.968  1.00 38.27 ? 670 HIS A ND1 1 
ATOM   941 C CD2 . HIS A 1 128 ? -22.763 4.102   -7.266  1.00 36.67 ? 670 HIS A CD2 1 
ATOM   942 C CE1 . HIS A 1 128 ? -22.779 2.269   -6.056  1.00 37.99 ? 670 HIS A CE1 1 
ATOM   943 N NE2 . HIS A 1 128 ? -23.350 3.451   -6.205  1.00 40.99 ? 670 HIS A NE2 1 
ATOM   944 N N   . SER A 1 129 ? -22.484 2.692   -11.482 1.00 32.32 ? 671 SER A N   1 
ATOM   945 C CA  . SER A 1 129 ? -23.745 2.435   -12.177 1.00 34.72 ? 671 SER A CA  1 
ATOM   946 C C   . SER A 1 129 ? -23.586 1.149   -12.959 1.00 34.28 ? 671 SER A C   1 
ATOM   947 O O   . SER A 1 129 ? -24.585 0.482   -13.181 1.00 36.12 ? 671 SER A O   1 
ATOM   948 C CB  . SER A 1 129 ? -24.116 3.569   -13.151 1.00 35.09 ? 671 SER A CB  1 
ATOM   949 O OG  . SER A 1 129 ? -23.387 3.419   -14.368 1.00 39.08 ? 671 SER A OG  1 
HETATM 950 O O   . HOH B 2 .   ? 4.402   -0.580  -0.130  0.50 26.70 ? 1   HOH A O   1 
HETATM 951 O O   . HOH B 2 .   ? 4.365   -1.587  2.198   1.00 26.13 ? 2   HOH A O   1 
HETATM 952 O O   . HOH B 2 .   ? -13.813 -11.108 5.163   1.00 30.49 ? 3   HOH A O   1 
HETATM 953 O O   . HOH B 2 .   ? 6.991   0.403   0.331   1.00 26.37 ? 4   HOH A O   1 
HETATM 954 O O   . HOH B 2 .   ? 0.768   -3.201  6.464   1.00 31.54 ? 5   HOH A O   1 
HETATM 955 O O   . HOH B 2 .   ? 1.950   -4.397  1.257   1.00 29.05 ? 6   HOH A O   1 
HETATM 956 O O   . HOH B 2 .   ? 4.662   4.701   15.693  1.00 32.37 ? 7   HOH A O   1 
HETATM 957 O O   . HOH B 2 .   ? 5.863   8.590   8.585   1.00 28.62 ? 8   HOH A O   1 
HETATM 958 O O   . HOH B 2 .   ? 4.536   10.309  7.019   1.00 32.72 ? 9   HOH A O   1 
HETATM 959 O O   . HOH B 2 .   ? 2.900   9.100   3.446   1.00 29.90 ? 10  HOH A O   1 
HETATM 960 O O   . HOH B 2 .   ? 18.981  10.164  12.133  1.00 34.31 ? 11  HOH A O   1 
HETATM 961 O O   . HOH B 2 .   ? 7.447   -6.983  4.034   1.00 39.07 ? 12  HOH A O   1 
HETATM 962 O O   . HOH B 2 .   ? 8.927   -10.068 20.585  1.00 32.76 ? 13  HOH A O   1 
HETATM 963 O O   . HOH B 2 .   ? 1.350   2.045   4.633   0.50 32.20 ? 14  HOH A O   1 
HETATM 964 O O   . HOH B 2 .   ? 1.866   -2.455  -8.467  1.00 37.58 ? 15  HOH A O   1 
HETATM 965 O O   . HOH B 2 .   ? 14.717  13.215  1.536   1.00 41.76 ? 16  HOH A O   1 
HETATM 966 O O   . HOH B 2 .   ? -6.631  -6.223  -16.213 1.00 40.29 ? 17  HOH A O   1 
HETATM 967 O O   . HOH B 2 .   ? -17.425 -11.980 2.818   1.00 39.23 ? 18  HOH A O   1 
HETATM 968 O O   . HOH B 2 .   ? -7.502  9.571   -17.818 1.00 40.11 ? 19  HOH A O   1 
HETATM 969 O O   . HOH B 2 .   ? -7.001  12.175  -14.953 1.00 37.88 ? 20  HOH A O   1 
# 
